data_1BWO
# 
_entry.id   1BWO 
# 
_audit_conform.dict_name       mmcif_pdbx.dic 
_audit_conform.dict_version    5.399 
_audit_conform.dict_location   http://mmcif.pdb.org/dictionaries/ascii/mmcif_pdbx.dic 
# 
loop_
_database_2.database_id 
_database_2.database_code 
_database_2.pdbx_database_accession 
_database_2.pdbx_DOI 
PDB   1BWO         pdb_00001bwo 10.2210/pdb1bwo/pdb 
WWPDB D_1000172124 ?            ?                   
# 
loop_
_pdbx_audit_revision_history.ordinal 
_pdbx_audit_revision_history.data_content_type 
_pdbx_audit_revision_history.major_revision 
_pdbx_audit_revision_history.minor_revision 
_pdbx_audit_revision_history.revision_date 
1 'Structure model' 1 0 1999-08-27 
2 'Structure model' 1 1 2008-03-03 
3 'Structure model' 1 2 2011-07-13 
4 'Structure model' 2 0 2018-05-30 
5 'Structure model' 2 1 2024-11-20 
# 
_pdbx_audit_revision_details.ordinal             1 
_pdbx_audit_revision_details.revision_ordinal    1 
_pdbx_audit_revision_details.data_content_type   'Structure model' 
_pdbx_audit_revision_details.provider            repository 
_pdbx_audit_revision_details.type                'Initial release' 
_pdbx_audit_revision_details.description         ? 
_pdbx_audit_revision_details.details             ? 
# 
loop_
_pdbx_audit_revision_group.ordinal 
_pdbx_audit_revision_group.revision_ordinal 
_pdbx_audit_revision_group.data_content_type 
_pdbx_audit_revision_group.group 
1  2 'Structure model' 'Version format compliance' 
2  3 'Structure model' 'Version format compliance' 
3  4 'Structure model' Advisory                    
4  4 'Structure model' 'Atomic model'              
5  4 'Structure model' 'Data collection'           
6  4 'Structure model' 'Derived calculations'      
7  5 'Structure model' 'Data collection'           
8  5 'Structure model' 'Database references'       
9  5 'Structure model' 'Derived calculations'      
10 5 'Structure model' 'Structure summary'         
# 
loop_
_pdbx_audit_revision_category.ordinal 
_pdbx_audit_revision_category.revision_ordinal 
_pdbx_audit_revision_category.data_content_type 
_pdbx_audit_revision_category.category 
1  4 'Structure model' atom_site                  
2  4 'Structure model' pdbx_distant_solvent_atoms 
3  4 'Structure model' pdbx_struct_assembly       
4  4 'Structure model' pdbx_struct_assembly_gen   
5  4 'Structure model' struct_conn                
6  5 'Structure model' chem_comp_atom             
7  5 'Structure model' chem_comp_bond             
8  5 'Structure model' database_2                 
9  5 'Structure model' pdbx_entry_details         
10 5 'Structure model' pdbx_modification_feature  
11 5 'Structure model' struct_site                
# 
loop_
_pdbx_audit_revision_item.ordinal 
_pdbx_audit_revision_item.revision_ordinal 
_pdbx_audit_revision_item.data_content_type 
_pdbx_audit_revision_item.item 
1 4 'Structure model' '_atom_site.label_alt_id'              
2 4 'Structure model' '_struct_conn.pdbx_ptnr1_label_alt_id' 
3 4 'Structure model' '_struct_conn.pdbx_ptnr2_label_alt_id' 
4 5 'Structure model' '_database_2.pdbx_DOI'                 
5 5 'Structure model' '_database_2.pdbx_database_accession'  
6 5 'Structure model' '_struct_site.pdbx_auth_asym_id'       
7 5 'Structure model' '_struct_site.pdbx_auth_comp_id'       
8 5 'Structure model' '_struct_site.pdbx_auth_seq_id'        
# 
_pdbx_database_status.status_code                     REL 
_pdbx_database_status.entry_id                        1BWO 
_pdbx_database_status.recvd_initial_deposition_date   1998-09-25 
_pdbx_database_status.deposit_site                    ? 
_pdbx_database_status.process_site                    BNL 
_pdbx_database_status.status_code_sf                  REL 
_pdbx_database_status.status_code_mr                  ? 
_pdbx_database_status.SG_entry                        ? 
_pdbx_database_status.pdb_format_compatible           Y 
_pdbx_database_status.status_code_cs                  ? 
_pdbx_database_status.methods_development_category    ? 
_pdbx_database_status.status_code_nmr_data            ? 
# 
loop_
_audit_author.name 
_audit_author.pdbx_ordinal 
'Charvolin, D.'      1 
'Cohen-Addad, C.'    2 
'Pebay-Peyroula, E.' 3 
# 
_citation.id                        primary 
_citation.title                     
;The crystal structure of a wheat nonspecific lipid transfer protein (ns-LTP1) complexed with two molecules of phospholipid at 2.1 A resolution.
;
_citation.journal_abbrev            Eur.J.Biochem. 
_citation.journal_volume            264 
_citation.page_first                562 
_citation.page_last                 568 
_citation.year                      1999 
_citation.journal_id_ASTM           EJBCAI 
_citation.country                   IX 
_citation.journal_id_ISSN           0014-2956 
_citation.journal_id_CSD            0262 
_citation.book_publisher            ? 
_citation.pdbx_database_id_PubMed   10491104 
_citation.pdbx_database_id_DOI      10.1046/j.1432-1327.1999.00667.x 
# 
loop_
_citation_author.citation_id 
_citation_author.name 
_citation_author.ordinal 
_citation_author.identifier_ORCID 
primary 'Charvolin, D.'      1 ? 
primary 'Douliez, J.P.'      2 ? 
primary 'Marion, D.'         3 ? 
primary 'Cohen-Addad, C.'    4 ? 
primary 'Pebay-Peyroula, E.' 5 ? 
# 
loop_
_entity.id 
_entity.type 
_entity.src_method 
_entity.pdbx_description 
_entity.formula_weight 
_entity.pdbx_number_of_molecules 
_entity.pdbx_ec 
_entity.pdbx_mutation 
_entity.pdbx_fragment 
_entity.details 
1 polymer     nat 'NONSPECIFIC LIPID-TRANSFER PROTEIN'           9618.860 2   ? ? ? ? 
2 non-polymer syn '[1-MYRISTOYL-GLYCEROL-3-YL]PHOSPHONYLCHOLINE' 468.585  4   ? ? ? ? 
3 water       nat water                                          18.015   145 ? ? ? ? 
# 
_entity_name_com.entity_id   1 
_entity_name_com.name        NS-LTP1 
# 
_entity_poly.entity_id                      1 
_entity_poly.type                           'polypeptide(L)' 
_entity_poly.nstd_linkage                   no 
_entity_poly.nstd_monomer                   no 
_entity_poly.pdbx_seq_one_letter_code       
;IDCGHVDSLVRPCLSYVQGGPGPSGQCCDGVKNLHNQARSQSDRQSACNCLKGIARGIHNLNEDNARSIPPKCGVNLPYT
ISLNIDCSRV
;
_entity_poly.pdbx_seq_one_letter_code_can   
;IDCGHVDSLVRPCLSYVQGGPGPSGQCCDGVKNLHNQARSQSDRQSACNCLKGIARGIHNLNEDNARSIPPKCGVNLPYT
ISLNIDCSRV
;
_entity_poly.pdbx_strand_id                 A,B 
_entity_poly.pdbx_target_identifier         ? 
# 
loop_
_pdbx_entity_nonpoly.entity_id 
_pdbx_entity_nonpoly.name 
_pdbx_entity_nonpoly.comp_id 
2 '[1-MYRISTOYL-GLYCEROL-3-YL]PHOSPHONYLCHOLINE' LPC 
3 water                                          HOH 
# 
loop_
_entity_poly_seq.entity_id 
_entity_poly_seq.num 
_entity_poly_seq.mon_id 
_entity_poly_seq.hetero 
1 1  ILE n 
1 2  ASP n 
1 3  CYS n 
1 4  GLY n 
1 5  HIS n 
1 6  VAL n 
1 7  ASP n 
1 8  SER n 
1 9  LEU n 
1 10 VAL n 
1 11 ARG n 
1 12 PRO n 
1 13 CYS n 
1 14 LEU n 
1 15 SER n 
1 16 TYR n 
1 17 VAL n 
1 18 GLN n 
1 19 GLY n 
1 20 GLY n 
1 21 PRO n 
1 22 GLY n 
1 23 PRO n 
1 24 SER n 
1 25 GLY n 
1 26 GLN n 
1 27 CYS n 
1 28 CYS n 
1 29 ASP n 
1 30 GLY n 
1 31 VAL n 
1 32 LYS n 
1 33 ASN n 
1 34 LEU n 
1 35 HIS n 
1 36 ASN n 
1 37 GLN n 
1 38 ALA n 
1 39 ARG n 
1 40 SER n 
1 41 GLN n 
1 42 SER n 
1 43 ASP n 
1 44 ARG n 
1 45 GLN n 
1 46 SER n 
1 47 ALA n 
1 48 CYS n 
1 49 ASN n 
1 50 CYS n 
1 51 LEU n 
1 52 LYS n 
1 53 GLY n 
1 54 ILE n 
1 55 ALA n 
1 56 ARG n 
1 57 GLY n 
1 58 ILE n 
1 59 HIS n 
1 60 ASN n 
1 61 LEU n 
1 62 ASN n 
1 63 GLU n 
1 64 ASP n 
1 65 ASN n 
1 66 ALA n 
1 67 ARG n 
1 68 SER n 
1 69 ILE n 
1 70 PRO n 
1 71 PRO n 
1 72 LYS n 
1 73 CYS n 
1 74 GLY n 
1 75 VAL n 
1 76 ASN n 
1 77 LEU n 
1 78 PRO n 
1 79 TYR n 
1 80 THR n 
1 81 ILE n 
1 82 SER n 
1 83 LEU n 
1 84 ASN n 
1 85 ILE n 
1 86 ASP n 
1 87 CYS n 
1 88 SER n 
1 89 ARG n 
1 90 VAL n 
# 
_entity_src_nat.entity_id                  1 
_entity_src_nat.pdbx_src_id                1 
_entity_src_nat.pdbx_alt_source_flag       sample 
_entity_src_nat.pdbx_beg_seq_num           ? 
_entity_src_nat.pdbx_end_seq_num           ? 
_entity_src_nat.common_name                'bread wheat' 
_entity_src_nat.pdbx_organism_scientific   'Triticum aestivum' 
_entity_src_nat.pdbx_ncbi_taxonomy_id      4565 
_entity_src_nat.genus                      Triticum 
_entity_src_nat.species                    ? 
_entity_src_nat.strain                     ? 
_entity_src_nat.tissue                     ? 
_entity_src_nat.tissue_fraction            ? 
_entity_src_nat.pdbx_secretion             ? 
_entity_src_nat.pdbx_fragment              ? 
_entity_src_nat.pdbx_variant               ? 
_entity_src_nat.pdbx_cell_line             ? 
_entity_src_nat.pdbx_atcc                  ? 
_entity_src_nat.pdbx_cellular_location     ? 
_entity_src_nat.pdbx_organ                 SEED 
_entity_src_nat.pdbx_organelle             ? 
_entity_src_nat.pdbx_cell                  ? 
_entity_src_nat.pdbx_plasmid_name          ? 
_entity_src_nat.pdbx_plasmid_details       ? 
_entity_src_nat.details                    ? 
# 
loop_
_chem_comp.id 
_chem_comp.type 
_chem_comp.mon_nstd_flag 
_chem_comp.name 
_chem_comp.pdbx_synonyms 
_chem_comp.formula 
_chem_comp.formula_weight 
ALA 'L-peptide linking' y ALANINE                                        ? 'C3 H7 N O2'       89.093  
ARG 'L-peptide linking' y ARGININE                                       ? 'C6 H15 N4 O2 1'   175.209 
ASN 'L-peptide linking' y ASPARAGINE                                     ? 'C4 H8 N2 O3'      132.118 
ASP 'L-peptide linking' y 'ASPARTIC ACID'                                ? 'C4 H7 N O4'       133.103 
CYS 'L-peptide linking' y CYSTEINE                                       ? 'C3 H7 N O2 S'     121.158 
GLN 'L-peptide linking' y GLUTAMINE                                      ? 'C5 H10 N2 O3'     146.144 
GLU 'L-peptide linking' y 'GLUTAMIC ACID'                                ? 'C5 H9 N O4'       147.129 
GLY 'peptide linking'   y GLYCINE                                        ? 'C2 H5 N O2'       75.067  
HIS 'L-peptide linking' y HISTIDINE                                      ? 'C6 H10 N3 O2 1'   156.162 
HOH non-polymer         . WATER                                          ? 'H2 O'             18.015  
ILE 'L-peptide linking' y ISOLEUCINE                                     ? 'C6 H13 N O2'      131.173 
LEU 'L-peptide linking' y LEUCINE                                        ? 'C6 H13 N O2'      131.173 
LPC non-polymer         . '[1-MYRISTOYL-GLYCEROL-3-YL]PHOSPHONYLCHOLINE' ? 'C22 H47 N O7 P 1' 468.585 
LYS 'L-peptide linking' y LYSINE                                         ? 'C6 H15 N2 O2 1'   147.195 
PRO 'L-peptide linking' y PROLINE                                        ? 'C5 H9 N O2'       115.130 
SER 'L-peptide linking' y SERINE                                         ? 'C3 H7 N O3'       105.093 
THR 'L-peptide linking' y THREONINE                                      ? 'C4 H9 N O3'       119.119 
TYR 'L-peptide linking' y TYROSINE                                       ? 'C9 H11 N O3'      181.189 
VAL 'L-peptide linking' y VALINE                                         ? 'C5 H11 N O2'      117.146 
# 
loop_
_pdbx_poly_seq_scheme.asym_id 
_pdbx_poly_seq_scheme.entity_id 
_pdbx_poly_seq_scheme.seq_id 
_pdbx_poly_seq_scheme.mon_id 
_pdbx_poly_seq_scheme.ndb_seq_num 
_pdbx_poly_seq_scheme.pdb_seq_num 
_pdbx_poly_seq_scheme.auth_seq_num 
_pdbx_poly_seq_scheme.pdb_mon_id 
_pdbx_poly_seq_scheme.auth_mon_id 
_pdbx_poly_seq_scheme.pdb_strand_id 
_pdbx_poly_seq_scheme.pdb_ins_code 
_pdbx_poly_seq_scheme.hetero 
A 1 1  ILE 1  1  1  ILE ILE A . n 
A 1 2  ASP 2  2  2  ASP ASP A . n 
A 1 3  CYS 3  3  3  CYS CYS A . n 
A 1 4  GLY 4  4  4  GLY GLY A . n 
A 1 5  HIS 5  5  5  HIS HIS A . n 
A 1 6  VAL 6  6  6  VAL VAL A . n 
A 1 7  ASP 7  7  7  ASP ASP A . n 
A 1 8  SER 8  8  8  SER SER A . n 
A 1 9  LEU 9  9  9  LEU LEU A . n 
A 1 10 VAL 10 10 10 VAL VAL A . n 
A 1 11 ARG 11 11 11 ARG ARG A . n 
A 1 12 PRO 12 12 12 PRO PRO A . n 
A 1 13 CYS 13 13 13 CYS CYS A . n 
A 1 14 LEU 14 14 14 LEU LEU A . n 
A 1 15 SER 15 15 15 SER SER A . n 
A 1 16 TYR 16 16 16 TYR TYR A . n 
A 1 17 VAL 17 17 17 VAL VAL A . n 
A 1 18 GLN 18 18 18 GLN GLN A . n 
A 1 19 GLY 19 19 19 GLY GLY A . n 
A 1 20 GLY 20 20 20 GLY GLY A . n 
A 1 21 PRO 21 21 21 PRO PRO A . n 
A 1 22 GLY 22 22 22 GLY GLY A . n 
A 1 23 PRO 23 23 23 PRO PRO A . n 
A 1 24 SER 24 24 24 SER SER A . n 
A 1 25 GLY 25 25 25 GLY GLY A . n 
A 1 26 GLN 26 26 26 GLN GLN A . n 
A 1 27 CYS 27 27 27 CYS CYS A . n 
A 1 28 CYS 28 28 28 CYS CYS A . n 
A 1 29 ASP 29 29 29 ASP ASP A . n 
A 1 30 GLY 30 30 30 GLY GLY A . n 
A 1 31 VAL 31 31 31 VAL VAL A . n 
A 1 32 LYS 32 32 32 LYS LYS A . n 
A 1 33 ASN 33 33 33 ASN ASN A . n 
A 1 34 LEU 34 34 34 LEU LEU A . n 
A 1 35 HIS 35 35 35 HIS HIS A . n 
A 1 36 ASN 36 36 36 ASN ASN A . n 
A 1 37 GLN 37 37 37 GLN GLN A . n 
A 1 38 ALA 38 38 38 ALA ALA A . n 
A 1 39 ARG 39 39 39 ARG ARG A . n 
A 1 40 SER 40 40 40 SER SER A . n 
A 1 41 GLN 41 41 41 GLN GLN A . n 
A 1 42 SER 42 42 42 SER SER A . n 
A 1 43 ASP 43 43 43 ASP ASP A . n 
A 1 44 ARG 44 44 44 ARG ARG A . n 
A 1 45 GLN 45 45 45 GLN GLN A . n 
A 1 46 SER 46 46 46 SER SER A . n 
A 1 47 ALA 47 47 47 ALA ALA A . n 
A 1 48 CYS 48 48 48 CYS CYS A . n 
A 1 49 ASN 49 49 49 ASN ASN A . n 
A 1 50 CYS 50 50 50 CYS CYS A . n 
A 1 51 LEU 51 51 51 LEU LEU A . n 
A 1 52 LYS 52 52 52 LYS LYS A . n 
A 1 53 GLY 53 53 53 GLY GLY A . n 
A 1 54 ILE 54 54 54 ILE ILE A . n 
A 1 55 ALA 55 55 55 ALA ALA A . n 
A 1 56 ARG 56 56 56 ARG ARG A . n 
A 1 57 GLY 57 57 57 GLY GLY A . n 
A 1 58 ILE 58 58 58 ILE ILE A . n 
A 1 59 HIS 59 59 59 HIS HIS A . n 
A 1 60 ASN 60 60 60 ASN ASN A . n 
A 1 61 LEU 61 61 61 LEU LEU A . n 
A 1 62 ASN 62 62 62 ASN ASN A . n 
A 1 63 GLU 63 63 63 GLU GLU A . n 
A 1 64 ASP 64 64 64 ASP ASP A . n 
A 1 65 ASN 65 65 65 ASN ASN A . n 
A 1 66 ALA 66 66 66 ALA ALA A . n 
A 1 67 ARG 67 67 67 ARG ARG A . n 
A 1 68 SER 68 68 68 SER SER A . n 
A 1 69 ILE 69 69 69 ILE ILE A . n 
A 1 70 PRO 70 70 70 PRO PRO A . n 
A 1 71 PRO 71 71 71 PRO PRO A . n 
A 1 72 LYS 72 72 72 LYS LYS A . n 
A 1 73 CYS 73 73 73 CYS CYS A . n 
A 1 74 GLY 74 74 74 GLY GLY A . n 
A 1 75 VAL 75 75 75 VAL VAL A . n 
A 1 76 ASN 76 76 76 ASN ASN A . n 
A 1 77 LEU 77 77 77 LEU LEU A . n 
A 1 78 PRO 78 78 78 PRO PRO A . n 
A 1 79 TYR 79 79 79 TYR TYR A . n 
A 1 80 THR 80 80 80 THR THR A . n 
A 1 81 ILE 81 81 81 ILE ILE A . n 
A 1 82 SER 82 82 82 SER SER A . n 
A 1 83 LEU 83 83 83 LEU LEU A . n 
A 1 84 ASN 84 84 84 ASN ASN A . n 
A 1 85 ILE 85 85 85 ILE ILE A . n 
A 1 86 ASP 86 86 86 ASP ASP A . n 
A 1 87 CYS 87 87 87 CYS CYS A . n 
A 1 88 SER 88 88 88 SER SER A . n 
A 1 89 ARG 89 89 89 ARG ARG A . n 
A 1 90 VAL 90 90 90 VAL VAL A . n 
B 1 1  ILE 1  1  1  ILE ILE B . n 
B 1 2  ASP 2  2  2  ASP ASP B . n 
B 1 3  CYS 3  3  3  CYS CYS B . n 
B 1 4  GLY 4  4  4  GLY GLY B . n 
B 1 5  HIS 5  5  5  HIS HIS B . n 
B 1 6  VAL 6  6  6  VAL VAL B . n 
B 1 7  ASP 7  7  7  ASP ASP B . n 
B 1 8  SER 8  8  8  SER SER B . n 
B 1 9  LEU 9  9  9  LEU LEU B . n 
B 1 10 VAL 10 10 10 VAL VAL B . n 
B 1 11 ARG 11 11 11 ARG ARG B . n 
B 1 12 PRO 12 12 12 PRO PRO B . n 
B 1 13 CYS 13 13 13 CYS CYS B . n 
B 1 14 LEU 14 14 14 LEU LEU B . n 
B 1 15 SER 15 15 15 SER SER B . n 
B 1 16 TYR 16 16 16 TYR TYR B . n 
B 1 17 VAL 17 17 17 VAL VAL B . n 
B 1 18 GLN 18 18 18 GLN GLN B . n 
B 1 19 GLY 19 19 19 GLY GLY B . n 
B 1 20 GLY 20 20 20 GLY GLY B . n 
B 1 21 PRO 21 21 21 PRO PRO B . n 
B 1 22 GLY 22 22 22 GLY GLY B . n 
B 1 23 PRO 23 23 23 PRO PRO B . n 
B 1 24 SER 24 24 24 SER SER B . n 
B 1 25 GLY 25 25 25 GLY GLY B . n 
B 1 26 GLN 26 26 26 GLN GLN B . n 
B 1 27 CYS 27 27 27 CYS CYS B . n 
B 1 28 CYS 28 28 28 CYS CYS B . n 
B 1 29 ASP 29 29 29 ASP ASP B . n 
B 1 30 GLY 30 30 30 GLY GLY B . n 
B 1 31 VAL 31 31 31 VAL VAL B . n 
B 1 32 LYS 32 32 32 LYS LYS B . n 
B 1 33 ASN 33 33 33 ASN ASN B . n 
B 1 34 LEU 34 34 34 LEU LEU B . n 
B 1 35 HIS 35 35 35 HIS HIS B . n 
B 1 36 ASN 36 36 36 ASN ASN B . n 
B 1 37 GLN 37 37 37 GLN GLN B . n 
B 1 38 ALA 38 38 38 ALA ALA B . n 
B 1 39 ARG 39 39 39 ARG ARG B . n 
B 1 40 SER 40 40 40 SER SER B . n 
B 1 41 GLN 41 41 41 GLN GLN B . n 
B 1 42 SER 42 42 42 SER SER B . n 
B 1 43 ASP 43 43 43 ASP ASP B . n 
B 1 44 ARG 44 44 44 ARG ARG B . n 
B 1 45 GLN 45 45 45 GLN GLN B . n 
B 1 46 SER 46 46 46 SER SER B . n 
B 1 47 ALA 47 47 47 ALA ALA B . n 
B 1 48 CYS 48 48 48 CYS CYS B . n 
B 1 49 ASN 49 49 49 ASN ASN B . n 
B 1 50 CYS 50 50 50 CYS CYS B . n 
B 1 51 LEU 51 51 51 LEU LEU B . n 
B 1 52 LYS 52 52 52 LYS LYS B . n 
B 1 53 GLY 53 53 53 GLY GLY B . n 
B 1 54 ILE 54 54 54 ILE ILE B . n 
B 1 55 ALA 55 55 55 ALA ALA B . n 
B 1 56 ARG 56 56 56 ARG ARG B . n 
B 1 57 GLY 57 57 57 GLY GLY B . n 
B 1 58 ILE 58 58 58 ILE ILE B . n 
B 1 59 HIS 59 59 59 HIS HIS B . n 
B 1 60 ASN 60 60 60 ASN ASN B . n 
B 1 61 LEU 61 61 61 LEU LEU B . n 
B 1 62 ASN 62 62 62 ASN ASN B . n 
B 1 63 GLU 63 63 63 GLU GLU B . n 
B 1 64 ASP 64 64 64 ASP ASP B . n 
B 1 65 ASN 65 65 65 ASN ASN B . n 
B 1 66 ALA 66 66 66 ALA ALA B . n 
B 1 67 ARG 67 67 67 ARG ARG B . n 
B 1 68 SER 68 68 68 SER SER B . n 
B 1 69 ILE 69 69 69 ILE ILE B . n 
B 1 70 PRO 70 70 70 PRO PRO B . n 
B 1 71 PRO 71 71 71 PRO PRO B . n 
B 1 72 LYS 72 72 72 LYS LYS B . n 
B 1 73 CYS 73 73 73 CYS CYS B . n 
B 1 74 GLY 74 74 74 GLY GLY B . n 
B 1 75 VAL 75 75 75 VAL VAL B . n 
B 1 76 ASN 76 76 76 ASN ASN B . n 
B 1 77 LEU 77 77 77 LEU LEU B . n 
B 1 78 PRO 78 78 78 PRO PRO B . n 
B 1 79 TYR 79 79 79 TYR TYR B . n 
B 1 80 THR 80 80 80 THR THR B . n 
B 1 81 ILE 81 81 81 ILE ILE B . n 
B 1 82 SER 82 82 82 SER SER B . n 
B 1 83 LEU 83 83 83 LEU LEU B . n 
B 1 84 ASN 84 84 84 ASN ASN B . n 
B 1 85 ILE 85 85 85 ILE ILE B . n 
B 1 86 ASP 86 86 86 ASP ASP B . n 
B 1 87 CYS 87 87 87 CYS CYS B . n 
B 1 88 SER 88 88 88 SER SER B . n 
B 1 89 ARG 89 89 89 ARG ARG B . n 
B 1 90 VAL 90 90 90 VAL VAL B . n 
# 
loop_
_pdbx_nonpoly_scheme.asym_id 
_pdbx_nonpoly_scheme.entity_id 
_pdbx_nonpoly_scheme.mon_id 
_pdbx_nonpoly_scheme.ndb_seq_num 
_pdbx_nonpoly_scheme.pdb_seq_num 
_pdbx_nonpoly_scheme.auth_seq_num 
_pdbx_nonpoly_scheme.pdb_mon_id 
_pdbx_nonpoly_scheme.auth_mon_id 
_pdbx_nonpoly_scheme.pdb_strand_id 
_pdbx_nonpoly_scheme.pdb_ins_code 
C 2 LPC 1  91  1   LPC LPC A . 
D 2 LPC 1  92  2   LPC LPC A . 
E 2 LPC 1  91  1   LPC LPC B . 
F 2 LPC 1  92  2   LPC LPC B . 
G 3 HOH 1  93  1   HOH HOH A . 
G 3 HOH 2  94  2   HOH HOH A . 
G 3 HOH 3  95  6   HOH HOH A . 
G 3 HOH 4  96  10  HOH HOH A . 
G 3 HOH 5  97  11  HOH HOH A . 
G 3 HOH 6  98  13  HOH HOH A . 
G 3 HOH 7  99  15  HOH HOH A . 
G 3 HOH 8  100 16  HOH HOH A . 
G 3 HOH 9  101 17  HOH HOH A . 
G 3 HOH 10 102 18  HOH HOH A . 
G 3 HOH 11 103 21  HOH HOH A . 
G 3 HOH 12 104 22  HOH HOH A . 
G 3 HOH 13 105 23  HOH HOH A . 
G 3 HOH 14 106 24  HOH HOH A . 
G 3 HOH 15 107 26  HOH HOH A . 
G 3 HOH 16 108 27  HOH HOH A . 
G 3 HOH 17 109 29  HOH HOH A . 
G 3 HOH 18 110 32  HOH HOH A . 
G 3 HOH 19 111 33  HOH HOH A . 
G 3 HOH 20 112 34  HOH HOH A . 
G 3 HOH 21 113 36  HOH HOH A . 
G 3 HOH 22 114 37  HOH HOH A . 
G 3 HOH 23 115 38  HOH HOH A . 
G 3 HOH 24 116 40  HOH HOH A . 
G 3 HOH 25 117 41  HOH HOH A . 
G 3 HOH 26 118 46  HOH HOH A . 
G 3 HOH 27 119 47  HOH HOH A . 
G 3 HOH 28 120 49  HOH HOH A . 
G 3 HOH 29 121 51  HOH HOH A . 
G 3 HOH 30 122 52  HOH HOH A . 
G 3 HOH 31 123 53  HOH HOH A . 
G 3 HOH 32 124 54  HOH HOH A . 
G 3 HOH 33 125 56  HOH HOH A . 
G 3 HOH 34 126 57  HOH HOH A . 
G 3 HOH 35 127 58  HOH HOH A . 
G 3 HOH 36 128 59  HOH HOH A . 
G 3 HOH 37 129 64  HOH HOH A . 
G 3 HOH 38 130 65  HOH HOH A . 
G 3 HOH 39 131 68  HOH HOH A . 
G 3 HOH 40 132 72  HOH HOH A . 
G 3 HOH 41 133 74  HOH HOH A . 
G 3 HOH 42 134 75  HOH HOH A . 
G 3 HOH 43 135 77  HOH HOH A . 
G 3 HOH 44 136 79  HOH HOH A . 
G 3 HOH 45 137 83  HOH HOH A . 
G 3 HOH 46 138 84  HOH HOH A . 
G 3 HOH 47 139 93  HOH HOH A . 
G 3 HOH 48 140 95  HOH HOH A . 
G 3 HOH 49 141 96  HOH HOH A . 
G 3 HOH 50 142 97  HOH HOH A . 
G 3 HOH 51 143 98  HOH HOH A . 
G 3 HOH 52 144 99  HOH HOH A . 
G 3 HOH 53 145 102 HOH HOH A . 
G 3 HOH 54 146 103 HOH HOH A . 
G 3 HOH 55 147 106 HOH HOH A . 
G 3 HOH 56 148 107 HOH HOH A . 
G 3 HOH 57 149 108 HOH HOH A . 
G 3 HOH 58 150 109 HOH HOH A . 
G 3 HOH 59 151 111 HOH HOH A . 
G 3 HOH 60 152 112 HOH HOH A . 
G 3 HOH 61 153 113 HOH HOH A . 
G 3 HOH 62 154 114 HOH HOH A . 
G 3 HOH 63 155 119 HOH HOH A . 
G 3 HOH 64 156 128 HOH HOH A . 
G 3 HOH 65 157 129 HOH HOH A . 
G 3 HOH 66 158 133 HOH HOH A . 
G 3 HOH 67 159 134 HOH HOH A . 
G 3 HOH 68 160 135 HOH HOH A . 
G 3 HOH 69 161 139 HOH HOH A . 
G 3 HOH 70 162 140 HOH HOH A . 
G 3 HOH 71 163 141 HOH HOH A . 
G 3 HOH 72 164 142 HOH HOH A . 
G 3 HOH 73 165 144 HOH HOH A . 
H 3 HOH 1  93  3   HOH HOH B . 
H 3 HOH 2  94  4   HOH HOH B . 
H 3 HOH 3  95  5   HOH HOH B . 
H 3 HOH 4  96  7   HOH HOH B . 
H 3 HOH 5  97  8   HOH HOH B . 
H 3 HOH 6  98  9   HOH HOH B . 
H 3 HOH 7  99  12  HOH HOH B . 
H 3 HOH 8  100 14  HOH HOH B . 
H 3 HOH 9  101 19  HOH HOH B . 
H 3 HOH 10 102 20  HOH HOH B . 
H 3 HOH 11 103 25  HOH HOH B . 
H 3 HOH 12 104 28  HOH HOH B . 
H 3 HOH 13 105 30  HOH HOH B . 
H 3 HOH 14 106 31  HOH HOH B . 
H 3 HOH 15 107 35  HOH HOH B . 
H 3 HOH 16 108 39  HOH HOH B . 
H 3 HOH 17 109 42  HOH HOH B . 
H 3 HOH 18 110 43  HOH HOH B . 
H 3 HOH 19 111 44  HOH HOH B . 
H 3 HOH 20 112 45  HOH HOH B . 
H 3 HOH 21 113 48  HOH HOH B . 
H 3 HOH 22 114 50  HOH HOH B . 
H 3 HOH 23 115 55  HOH HOH B . 
H 3 HOH 24 116 60  HOH HOH B . 
H 3 HOH 25 117 61  HOH HOH B . 
H 3 HOH 26 118 62  HOH HOH B . 
H 3 HOH 27 119 63  HOH HOH B . 
H 3 HOH 28 120 66  HOH HOH B . 
H 3 HOH 29 121 67  HOH HOH B . 
H 3 HOH 30 122 69  HOH HOH B . 
H 3 HOH 31 123 70  HOH HOH B . 
H 3 HOH 32 124 71  HOH HOH B . 
H 3 HOH 33 125 73  HOH HOH B . 
H 3 HOH 34 126 76  HOH HOH B . 
H 3 HOH 35 127 78  HOH HOH B . 
H 3 HOH 36 128 80  HOH HOH B . 
H 3 HOH 37 129 81  HOH HOH B . 
H 3 HOH 38 130 82  HOH HOH B . 
H 3 HOH 39 131 85  HOH HOH B . 
H 3 HOH 40 132 86  HOH HOH B . 
H 3 HOH 41 133 87  HOH HOH B . 
H 3 HOH 42 134 88  HOH HOH B . 
H 3 HOH 43 135 89  HOH HOH B . 
H 3 HOH 44 136 90  HOH HOH B . 
H 3 HOH 45 137 91  HOH HOH B . 
H 3 HOH 46 138 92  HOH HOH B . 
H 3 HOH 47 139 94  HOH HOH B . 
H 3 HOH 48 140 100 HOH HOH B . 
H 3 HOH 49 141 101 HOH HOH B . 
H 3 HOH 50 142 104 HOH HOH B . 
H 3 HOH 51 143 105 HOH HOH B . 
H 3 HOH 52 144 110 HOH HOH B . 
H 3 HOH 53 145 115 HOH HOH B . 
H 3 HOH 54 146 116 HOH HOH B . 
H 3 HOH 55 147 117 HOH HOH B . 
H 3 HOH 56 148 118 HOH HOH B . 
H 3 HOH 57 149 120 HOH HOH B . 
H 3 HOH 58 150 121 HOH HOH B . 
H 3 HOH 59 151 122 HOH HOH B . 
H 3 HOH 60 152 123 HOH HOH B . 
H 3 HOH 61 153 124 HOH HOH B . 
H 3 HOH 62 154 125 HOH HOH B . 
H 3 HOH 63 155 126 HOH HOH B . 
H 3 HOH 64 156 127 HOH HOH B . 
H 3 HOH 65 157 130 HOH HOH B . 
H 3 HOH 66 158 131 HOH HOH B . 
H 3 HOH 67 159 132 HOH HOH B . 
H 3 HOH 68 160 136 HOH HOH B . 
H 3 HOH 69 161 137 HOH HOH B . 
H 3 HOH 70 162 138 HOH HOH B . 
H 3 HOH 71 163 143 HOH HOH B . 
H 3 HOH 72 164 145 HOH HOH B . 
# 
loop_
_software.name 
_software.classification 
_software.version 
_software.citation_id 
_software.pdbx_ordinal 
XDS    'data scaling'   .     ? 1 
AMoRE  phasing          .     ? 2 
X-PLOR refinement       3.841 ? 3 
XDS    'data reduction' .     ? 4 
# 
_cell.entry_id           1BWO 
_cell.length_a           41.110 
_cell.length_b           56.890 
_cell.length_c           70.630 
_cell.angle_alpha        90.00 
_cell.angle_beta         90.00 
_cell.angle_gamma        90.00 
_cell.Z_PDB              8 
_cell.pdbx_unique_axis   ? 
# 
_symmetry.entry_id                         1BWO 
_symmetry.space_group_name_H-M             'P 21 21 21' 
_symmetry.pdbx_full_space_group_name_H-M   ? 
_symmetry.cell_setting                     ? 
_symmetry.Int_Tables_number                19 
# 
_exptl.entry_id          1BWO 
_exptl.method            'X-RAY DIFFRACTION' 
_exptl.crystals_number   ? 
# 
_exptl_crystal.id                    1 
_exptl_crystal.density_meas          ? 
_exptl_crystal.density_Matthews      2.15 
_exptl_crystal.density_percent_sol   43 
_exptl_crystal.description           ? 
# 
_exptl_crystal_grow.crystal_id      1 
_exptl_crystal_grow.method          ? 
_exptl_crystal_grow.temp            ? 
_exptl_crystal_grow.temp_details    ? 
_exptl_crystal_grow.pH              5.6 
_exptl_crystal_grow.pdbx_pH_range   ? 
_exptl_crystal_grow.pdbx_details    'pH 5.6' 
# 
_diffrn.id                     1 
_diffrn.ambient_temp           293 
_diffrn.ambient_temp_details   ? 
_diffrn.crystal_id             1 
# 
_diffrn_detector.diffrn_id              1 
_diffrn_detector.detector               ? 
_diffrn_detector.type                   ? 
_diffrn_detector.pdbx_collection_date   1997-05 
_diffrn_detector.details                ? 
# 
_diffrn_radiation.diffrn_id                        1 
_diffrn_radiation.wavelength_id                    1 
_diffrn_radiation.pdbx_monochromatic_or_laue_m_l   M 
_diffrn_radiation.monochromator                    ? 
_diffrn_radiation.pdbx_diffrn_protocol             ? 
_diffrn_radiation.pdbx_scattering_type             x-ray 
# 
_diffrn_radiation_wavelength.id           1 
_diffrn_radiation_wavelength.wavelength   1.5418 
_diffrn_radiation_wavelength.wt           1.0 
# 
_diffrn_source.diffrn_id                   1 
_diffrn_source.source                      ? 
_diffrn_source.type                        ? 
_diffrn_source.pdbx_synchrotron_site       ? 
_diffrn_source.pdbx_synchrotron_beamline   ? 
_diffrn_source.pdbx_wavelength             1.5418 
_diffrn_source.pdbx_wavelength_list        ? 
# 
_reflns.entry_id                     1BWO 
_reflns.observed_criterion_sigma_I   0 
_reflns.observed_criterion_sigma_F   ? 
_reflns.d_resolution_low             50.00 
_reflns.d_resolution_high            2.00 
_reflns.number_obs                   9208 
_reflns.number_all                   ? 
_reflns.percent_possible_obs         79 
_reflns.pdbx_Rmerge_I_obs            ? 
_reflns.pdbx_Rsym_value              0.048 
_reflns.pdbx_netI_over_sigmaI        12.6 
_reflns.B_iso_Wilson_estimate        20.5 
_reflns.pdbx_redundancy              2.6 
_reflns.pdbx_diffrn_id               1 
_reflns.pdbx_ordinal                 1 
# 
_refine.entry_id                                 1BWO 
_refine.ls_number_reflns_obs                     8525 
_refine.ls_number_reflns_all                     ? 
_refine.pdbx_ls_sigma_I                          ? 
_refine.pdbx_ls_sigma_F                          2.0 
_refine.pdbx_data_cutoff_high_absF               1000000 
_refine.pdbx_data_cutoff_low_absF                0.001 
_refine.pdbx_data_cutoff_high_rms_absF           ? 
_refine.ls_d_res_low                             10.00 
_refine.ls_d_res_high                            2.10 
_refine.ls_percent_reflns_obs                    85.00 
_refine.ls_R_factor_obs                          0.163 
_refine.ls_R_factor_all                          ? 
_refine.ls_R_factor_R_work                       0.163 
_refine.ls_R_factor_R_free                       0.213 
_refine.ls_R_factor_R_free_error                 ? 
_refine.ls_R_factor_R_free_error_details         ? 
_refine.ls_percent_reflns_R_free                 5 
_refine.ls_number_reflns_R_free                  ? 
_refine.ls_number_parameters                     ? 
_refine.ls_number_restraints                     ? 
_refine.occupancy_min                            ? 
_refine.occupancy_max                            ? 
_refine.B_iso_mean                               22.5 
_refine.aniso_B[1][1]                            ? 
_refine.aniso_B[2][2]                            ? 
_refine.aniso_B[3][3]                            ? 
_refine.aniso_B[1][2]                            ? 
_refine.aniso_B[1][3]                            ? 
_refine.aniso_B[2][3]                            ? 
_refine.solvent_model_details                    ? 
_refine.solvent_model_param_ksol                 ? 
_refine.solvent_model_param_bsol                 ? 
_refine.pdbx_ls_cross_valid_method               THROUGHOUT 
_refine.details                                  ? 
_refine.pdbx_starting_model                      ? 
_refine.pdbx_method_to_determine_struct          'MOLECULAR REPLACEMENT' 
_refine.pdbx_isotropic_thermal_model             ? 
_refine.pdbx_stereochemistry_target_values       ? 
_refine.pdbx_stereochem_target_val_spec_case     ? 
_refine.pdbx_R_Free_selection_details            RANDOM 
_refine.pdbx_overall_ESU_R                       ? 
_refine.pdbx_overall_ESU_R_Free                  ? 
_refine.overall_SU_ML                            ? 
_refine.overall_SU_B                             ? 
_refine.pdbx_refine_id                           'X-RAY DIFFRACTION' 
_refine.pdbx_diffrn_id                           1 
_refine.pdbx_TLS_residual_ADP_flag               ? 
_refine.correlation_coeff_Fo_to_Fc               ? 
_refine.correlation_coeff_Fo_to_Fc_free          ? 
_refine.pdbx_solvent_vdw_probe_radii             ? 
_refine.pdbx_solvent_ion_probe_radii             ? 
_refine.pdbx_solvent_shrinkage_radii             ? 
_refine.pdbx_overall_phase_error                 ? 
_refine.overall_SU_R_Cruickshank_DPI             ? 
_refine.pdbx_overall_SU_R_free_Cruickshank_DPI   ? 
_refine.pdbx_overall_SU_R_Blow_DPI               ? 
_refine.pdbx_overall_SU_R_free_Blow_DPI          ? 
# 
_refine_hist.pdbx_refine_id                   'X-RAY DIFFRACTION' 
_refine_hist.cycle_id                         LAST 
_refine_hist.pdbx_number_atoms_protein        1356 
_refine_hist.pdbx_number_atoms_nucleic_acid   0 
_refine_hist.pdbx_number_atoms_ligand         124 
_refine_hist.number_atoms_solvent             145 
_refine_hist.number_atoms_total               1625 
_refine_hist.d_res_high                       2.10 
_refine_hist.d_res_low                        10.00 
# 
loop_
_refine_ls_restr.type 
_refine_ls_restr.dev_ideal 
_refine_ls_restr.dev_ideal_target 
_refine_ls_restr.weight 
_refine_ls_restr.number 
_refine_ls_restr.pdbx_refine_id 
_refine_ls_restr.pdbx_restraint_function 
x_bond_d                0.005 ? ? ? 'X-RAY DIFFRACTION' ? 
x_bond_d_na             ?     ? ? ? 'X-RAY DIFFRACTION' ? 
x_bond_d_prot           ?     ? ? ? 'X-RAY DIFFRACTION' ? 
x_angle_d               ?     ? ? ? 'X-RAY DIFFRACTION' ? 
x_angle_d_na            ?     ? ? ? 'X-RAY DIFFRACTION' ? 
x_angle_d_prot          ?     ? ? ? 'X-RAY DIFFRACTION' ? 
x_angle_deg             1.05  ? ? ? 'X-RAY DIFFRACTION' ? 
x_angle_deg_na          ?     ? ? ? 'X-RAY DIFFRACTION' ? 
x_angle_deg_prot        ?     ? ? ? 'X-RAY DIFFRACTION' ? 
x_dihedral_angle_d      ?     ? ? ? 'X-RAY DIFFRACTION' ? 
x_dihedral_angle_d_na   ?     ? ? ? 'X-RAY DIFFRACTION' ? 
x_dihedral_angle_d_prot ?     ? ? ? 'X-RAY DIFFRACTION' ? 
x_improper_angle_d      ?     ? ? ? 'X-RAY DIFFRACTION' ? 
x_improper_angle_d_na   ?     ? ? ? 'X-RAY DIFFRACTION' ? 
x_improper_angle_d_prot ?     ? ? ? 'X-RAY DIFFRACTION' ? 
x_mcbond_it             ?     ? ? ? 'X-RAY DIFFRACTION' ? 
x_mcangle_it            ?     ? ? ? 'X-RAY DIFFRACTION' ? 
x_scbond_it             ?     ? ? ? 'X-RAY DIFFRACTION' ? 
x_scangle_it            ?     ? ? ? 'X-RAY DIFFRACTION' ? 
# 
_struct.entry_id                  1BWO 
_struct.title                     
'THE CRYSTAL STRUCTURE OF WHEAT NON-SPECIFIC TRANSFER PROTEIN COMPLEXED WITH TWO MOLECULES OF PHOSPHOLIPID AT 2.1 A RESOLUTION' 
_struct.pdbx_model_details        ? 
_struct.pdbx_CASP_flag            ? 
_struct.pdbx_model_type_details   ? 
# 
_struct_keywords.entry_id        1BWO 
_struct_keywords.pdbx_keywords   'LIPID TRANSFER PROTEIN' 
_struct_keywords.text            'LIPID TRANSFER PROTEIN, WHEAT, LIPID BINDING' 
# 
loop_
_struct_asym.id 
_struct_asym.pdbx_blank_PDB_chainid_flag 
_struct_asym.pdbx_modified 
_struct_asym.entity_id 
_struct_asym.details 
A N N 1 ? 
B N N 1 ? 
C N N 2 ? 
D N N 2 ? 
E N N 2 ? 
F N N 2 ? 
G N N 3 ? 
H N N 3 ? 
# 
_struct_ref.id                         1 
_struct_ref.db_name                    UNP 
_struct_ref.db_code                    NLTP1_WHEAT 
_struct_ref.entity_id                  1 
_struct_ref.pdbx_db_accession          P24296 
_struct_ref.pdbx_align_begin           1 
_struct_ref.pdbx_seq_one_letter_code   
;AQVMLMAVALVLMLAAVPRAAVAIDCGHVDSLVRPCLSYVQGGPGPSGQCCDGVKNLHNQARSQSDRQSACNCLKGIARG
IHNLNEDNARSIPPKCGVNLPYTISLNIDCSRV
;
_struct_ref.pdbx_db_isoform            ? 
# 
loop_
_struct_ref_seq.align_id 
_struct_ref_seq.ref_id 
_struct_ref_seq.pdbx_PDB_id_code 
_struct_ref_seq.pdbx_strand_id 
_struct_ref_seq.seq_align_beg 
_struct_ref_seq.pdbx_seq_align_beg_ins_code 
_struct_ref_seq.seq_align_end 
_struct_ref_seq.pdbx_seq_align_end_ins_code 
_struct_ref_seq.pdbx_db_accession 
_struct_ref_seq.db_align_beg 
_struct_ref_seq.pdbx_db_align_beg_ins_code 
_struct_ref_seq.db_align_end 
_struct_ref_seq.pdbx_db_align_end_ins_code 
_struct_ref_seq.pdbx_auth_seq_align_beg 
_struct_ref_seq.pdbx_auth_seq_align_end 
1 1 1BWO A 1 ? 90 ? P24296 24 ? 113 ? 1 90 
2 1 1BWO B 1 ? 90 ? P24296 24 ? 113 ? 1 90 
# 
loop_
_pdbx_struct_assembly.id 
_pdbx_struct_assembly.details 
_pdbx_struct_assembly.method_details 
_pdbx_struct_assembly.oligomeric_details 
_pdbx_struct_assembly.oligomeric_count 
1 author_defined_assembly ? monomeric 1 
2 author_defined_assembly ? monomeric 1 
# 
loop_
_pdbx_struct_assembly_gen.assembly_id 
_pdbx_struct_assembly_gen.oper_expression 
_pdbx_struct_assembly_gen.asym_id_list 
1 1 A,C,D,G 
2 1 B,E,F,H 
# 
_pdbx_struct_oper_list.id                   1 
_pdbx_struct_oper_list.type                 'identity operation' 
_pdbx_struct_oper_list.name                 1_555 
_pdbx_struct_oper_list.symmetry_operation   x,y,z 
_pdbx_struct_oper_list.matrix[1][1]         1.0000000000 
_pdbx_struct_oper_list.matrix[1][2]         0.0000000000 
_pdbx_struct_oper_list.matrix[1][3]         0.0000000000 
_pdbx_struct_oper_list.vector[1]            0.0000000000 
_pdbx_struct_oper_list.matrix[2][1]         0.0000000000 
_pdbx_struct_oper_list.matrix[2][2]         1.0000000000 
_pdbx_struct_oper_list.matrix[2][3]         0.0000000000 
_pdbx_struct_oper_list.vector[2]            0.0000000000 
_pdbx_struct_oper_list.matrix[3][1]         0.0000000000 
_pdbx_struct_oper_list.matrix[3][2]         0.0000000000 
_pdbx_struct_oper_list.matrix[3][3]         1.0000000000 
_pdbx_struct_oper_list.vector[3]            0.0000000000 
# 
loop_
_struct_conf.conf_type_id 
_struct_conf.id 
_struct_conf.pdbx_PDB_helix_id 
_struct_conf.beg_label_comp_id 
_struct_conf.beg_label_asym_id 
_struct_conf.beg_label_seq_id 
_struct_conf.pdbx_beg_PDB_ins_code 
_struct_conf.end_label_comp_id 
_struct_conf.end_label_asym_id 
_struct_conf.end_label_seq_id 
_struct_conf.pdbx_end_PDB_ins_code 
_struct_conf.beg_auth_comp_id 
_struct_conf.beg_auth_asym_id 
_struct_conf.beg_auth_seq_id 
_struct_conf.end_auth_comp_id 
_struct_conf.end_auth_asym_id 
_struct_conf.end_auth_seq_id 
_struct_conf.pdbx_PDB_helix_class 
_struct_conf.details 
_struct_conf.pdbx_PDB_helix_length 
HELX_P HELX_P1 H1 CYS A 3  ? VAL A 17 ? CYS A 3  VAL A 17 1 ? 15 
HELX_P HELX_P2 H2 GLY A 25 ? GLN A 37 ? GLY A 25 GLN A 37 1 ? 13 
HELX_P HELX_P3 H3 GLN A 41 ? ALA A 55 ? GLN A 41 ALA A 55 1 ? 15 
HELX_P HELX_P4 H4 GLU A 63 ? CYS A 73 ? GLU A 63 CYS A 73 1 ? 11 
HELX_P HELX_P5 H5 CYS B 3  ? VAL B 17 ? CYS B 3  VAL B 17 1 ? 15 
HELX_P HELX_P6 H6 GLY B 25 ? GLN B 37 ? GLY B 25 GLN B 37 1 ? 13 
HELX_P HELX_P7 H7 GLN B 41 ? ALA B 55 ? GLN B 41 ALA B 55 1 ? 15 
HELX_P HELX_P8 H8 GLU B 63 ? CYS B 73 ? GLU B 63 CYS B 73 1 ? 11 
# 
_struct_conf_type.id          HELX_P 
_struct_conf_type.criteria    ? 
_struct_conf_type.reference   ? 
# 
loop_
_struct_conn.id 
_struct_conn.conn_type_id 
_struct_conn.pdbx_leaving_atom_flag 
_struct_conn.pdbx_PDB_id 
_struct_conn.ptnr1_label_asym_id 
_struct_conn.ptnr1_label_comp_id 
_struct_conn.ptnr1_label_seq_id 
_struct_conn.ptnr1_label_atom_id 
_struct_conn.pdbx_ptnr1_label_alt_id 
_struct_conn.pdbx_ptnr1_PDB_ins_code 
_struct_conn.pdbx_ptnr1_standard_comp_id 
_struct_conn.ptnr1_symmetry 
_struct_conn.ptnr2_label_asym_id 
_struct_conn.ptnr2_label_comp_id 
_struct_conn.ptnr2_label_seq_id 
_struct_conn.ptnr2_label_atom_id 
_struct_conn.pdbx_ptnr2_label_alt_id 
_struct_conn.pdbx_ptnr2_PDB_ins_code 
_struct_conn.ptnr1_auth_asym_id 
_struct_conn.ptnr1_auth_comp_id 
_struct_conn.ptnr1_auth_seq_id 
_struct_conn.ptnr2_auth_asym_id 
_struct_conn.ptnr2_auth_comp_id 
_struct_conn.ptnr2_auth_seq_id 
_struct_conn.ptnr2_symmetry 
_struct_conn.pdbx_ptnr3_label_atom_id 
_struct_conn.pdbx_ptnr3_label_seq_id 
_struct_conn.pdbx_ptnr3_label_comp_id 
_struct_conn.pdbx_ptnr3_label_asym_id 
_struct_conn.pdbx_ptnr3_label_alt_id 
_struct_conn.pdbx_ptnr3_PDB_ins_code 
_struct_conn.details 
_struct_conn.pdbx_dist_value 
_struct_conn.pdbx_value_order 
_struct_conn.pdbx_role 
disulf1  disulf ? ? A CYS 3  SG A ? ? 1_555 A CYS 50 SG A ? A CYS 3  A CYS 50 1_555 ? ? ? ? ? ? ? 2.028 ? ? 
disulf2  disulf ? ? A CYS 3  SG B ? ? 1_555 A CYS 50 SG B ? A CYS 3  A CYS 50 1_555 ? ? ? ? ? ? ? 2.028 ? ? 
disulf3  disulf ? ? A CYS 13 SG ? ? ? 1_555 A CYS 27 SG ? ? A CYS 13 A CYS 27 1_555 ? ? ? ? ? ? ? 2.036 ? ? 
disulf4  disulf ? ? A CYS 28 SG ? ? ? 1_555 A CYS 73 SG ? ? A CYS 28 A CYS 73 1_555 ? ? ? ? ? ? ? 2.033 ? ? 
disulf5  disulf ? ? A CYS 48 SG ? ? ? 1_555 A CYS 87 SG ? ? A CYS 48 A CYS 87 1_555 ? ? ? ? ? ? ? 2.038 ? ? 
disulf6  disulf ? ? B CYS 3  SG A ? ? 1_555 B CYS 50 SG A ? B CYS 3  B CYS 50 1_555 ? ? ? ? ? ? ? 2.029 ? ? 
disulf7  disulf ? ? B CYS 3  SG B ? ? 1_555 B CYS 50 SG B ? B CYS 3  B CYS 50 1_555 ? ? ? ? ? ? ? 2.032 ? ? 
disulf8  disulf ? ? B CYS 13 SG ? ? ? 1_555 B CYS 27 SG ? ? B CYS 13 B CYS 27 1_555 ? ? ? ? ? ? ? 2.033 ? ? 
disulf9  disulf ? ? B CYS 28 SG ? ? ? 1_555 B CYS 73 SG ? ? B CYS 28 B CYS 73 1_555 ? ? ? ? ? ? ? 2.030 ? ? 
disulf10 disulf ? ? B CYS 48 SG ? ? ? 1_555 B CYS 87 SG ? ? B CYS 48 B CYS 87 1_555 ? ? ? ? ? ? ? 2.028 ? ? 
# 
_struct_conn_type.id          disulf 
_struct_conn_type.criteria    ? 
_struct_conn_type.reference   ? 
# 
loop_
_pdbx_modification_feature.ordinal 
_pdbx_modification_feature.label_comp_id 
_pdbx_modification_feature.label_asym_id 
_pdbx_modification_feature.label_seq_id 
_pdbx_modification_feature.label_alt_id 
_pdbx_modification_feature.modified_residue_label_comp_id 
_pdbx_modification_feature.modified_residue_label_asym_id 
_pdbx_modification_feature.modified_residue_label_seq_id 
_pdbx_modification_feature.modified_residue_label_alt_id 
_pdbx_modification_feature.auth_comp_id 
_pdbx_modification_feature.auth_asym_id 
_pdbx_modification_feature.auth_seq_id 
_pdbx_modification_feature.PDB_ins_code 
_pdbx_modification_feature.symmetry 
_pdbx_modification_feature.modified_residue_auth_comp_id 
_pdbx_modification_feature.modified_residue_auth_asym_id 
_pdbx_modification_feature.modified_residue_auth_seq_id 
_pdbx_modification_feature.modified_residue_PDB_ins_code 
_pdbx_modification_feature.modified_residue_symmetry 
_pdbx_modification_feature.comp_id_linking_atom 
_pdbx_modification_feature.modified_residue_id_linking_atom 
_pdbx_modification_feature.modified_residue_id 
_pdbx_modification_feature.ref_pcm_id 
_pdbx_modification_feature.ref_comp_id 
_pdbx_modification_feature.type 
_pdbx_modification_feature.category 
1  CYS A 3  A CYS A 50 A CYS A 3  ? 1_555 CYS A 50 ? 1_555 SG SG . . . None 'Disulfide bridge' 
2  CYS A 3  B CYS A 50 B CYS A 3  ? 1_555 CYS A 50 ? 1_555 SG SG . . . None 'Disulfide bridge' 
3  CYS A 13 ? CYS A 27 ? CYS A 13 ? 1_555 CYS A 27 ? 1_555 SG SG . . . None 'Disulfide bridge' 
4  CYS A 28 ? CYS A 73 ? CYS A 28 ? 1_555 CYS A 73 ? 1_555 SG SG . . . None 'Disulfide bridge' 
5  CYS A 48 ? CYS A 87 ? CYS A 48 ? 1_555 CYS A 87 ? 1_555 SG SG . . . None 'Disulfide bridge' 
6  CYS B 3  A CYS B 50 A CYS B 3  ? 1_555 CYS B 50 ? 1_555 SG SG . . . None 'Disulfide bridge' 
7  CYS B 3  B CYS B 50 B CYS B 3  ? 1_555 CYS B 50 ? 1_555 SG SG . . . None 'Disulfide bridge' 
8  CYS B 13 ? CYS B 27 ? CYS B 13 ? 1_555 CYS B 27 ? 1_555 SG SG . . . None 'Disulfide bridge' 
9  CYS B 28 ? CYS B 73 ? CYS B 28 ? 1_555 CYS B 73 ? 1_555 SG SG . . . None 'Disulfide bridge' 
10 CYS B 48 ? CYS B 87 ? CYS B 48 ? 1_555 CYS B 87 ? 1_555 SG SG . . . None 'Disulfide bridge' 
# 
loop_
_struct_mon_prot_cis.pdbx_id 
_struct_mon_prot_cis.label_comp_id 
_struct_mon_prot_cis.label_seq_id 
_struct_mon_prot_cis.label_asym_id 
_struct_mon_prot_cis.label_alt_id 
_struct_mon_prot_cis.pdbx_PDB_ins_code 
_struct_mon_prot_cis.auth_comp_id 
_struct_mon_prot_cis.auth_seq_id 
_struct_mon_prot_cis.auth_asym_id 
_struct_mon_prot_cis.pdbx_label_comp_id_2 
_struct_mon_prot_cis.pdbx_label_seq_id_2 
_struct_mon_prot_cis.pdbx_label_asym_id_2 
_struct_mon_prot_cis.pdbx_PDB_ins_code_2 
_struct_mon_prot_cis.pdbx_auth_comp_id_2 
_struct_mon_prot_cis.pdbx_auth_seq_id_2 
_struct_mon_prot_cis.pdbx_auth_asym_id_2 
_struct_mon_prot_cis.pdbx_PDB_model_num 
_struct_mon_prot_cis.pdbx_omega_angle 
1 GLY 22 A . ? GLY 22 A PRO 23 A ? PRO 23 A 1 0.43  
2 GLY 22 B . ? GLY 22 B PRO 23 B ? PRO 23 B 1 -0.20 
# 
loop_
_struct_site.id 
_struct_site.pdbx_evidence_code 
_struct_site.pdbx_auth_asym_id 
_struct_site.pdbx_auth_comp_id 
_struct_site.pdbx_auth_seq_id 
_struct_site.pdbx_auth_ins_code 
_struct_site.pdbx_num_residues 
_struct_site.details 
AC1 Software A LPC 91 ? 11 'BINDING SITE FOR RESIDUE LPC A 91' 
AC2 Software A LPC 92 ? 16 'BINDING SITE FOR RESIDUE LPC A 92' 
AC3 Software B LPC 91 ? 12 'BINDING SITE FOR RESIDUE LPC B 91' 
AC4 Software B LPC 92 ? 8  'BINDING SITE FOR RESIDUE LPC B 92' 
# 
loop_
_struct_site_gen.id 
_struct_site_gen.site_id 
_struct_site_gen.pdbx_num_res 
_struct_site_gen.label_comp_id 
_struct_site_gen.label_asym_id 
_struct_site_gen.label_seq_id 
_struct_site_gen.pdbx_auth_ins_code 
_struct_site_gen.auth_comp_id 
_struct_site_gen.auth_asym_id 
_struct_site_gen.auth_seq_id 
_struct_site_gen.label_atom_id 
_struct_site_gen.label_alt_id 
_struct_site_gen.symmetry 
_struct_site_gen.details 
1  AC1 11 HIS A 35 ? HIS A 35  . ? 1_555 ? 
2  AC1 11 ARG A 44 ? ARG A 44  . ? 1_555 ? 
3  AC1 11 HIS A 59 ? HIS A 59  . ? 2_564 ? 
4  AC1 11 ASN A 60 ? ASN A 60  . ? 2_564 ? 
5  AC1 11 ALA A 66 ? ALA A 66  . ? 1_555 ? 
6  AC1 11 LEU A 77 ? LEU A 77  . ? 1_555 ? 
7  AC1 11 TYR A 79 ? TYR A 79  . ? 1_555 ? 
8  AC1 11 SER A 82 ? SER A 82  . ? 1_555 ? 
9  AC1 11 LEU A 83 ? LEU A 83  . ? 1_555 ? 
10 AC1 11 VAL A 90 ? VAL A 90  . ? 1_555 ? 
11 AC1 11 HOH G .  ? HOH A 133 . ? 1_555 ? 
12 AC2 16 ASP A 7  ? ASP A 7   . ? 1_555 ? 
13 AC2 16 VAL A 10 ? VAL A 10  . ? 1_555 ? 
14 AC2 16 ARG A 11 ? ARG A 11  . ? 1_555 ? 
15 AC2 16 LEU A 14 ? LEU A 14  . ? 1_555 ? 
16 AC2 16 ILE A 54 ? ILE A 54  . ? 1_555 ? 
17 AC2 16 GLY A 57 ? GLY A 57  . ? 1_555 ? 
18 AC2 16 ILE A 58 ? ILE A 58  . ? 1_555 ? 
19 AC2 16 HIS A 59 ? HIS A 59  . ? 1_555 ? 
20 AC2 16 PRO A 78 ? PRO A 78  . ? 2_565 ? 
21 AC2 16 HOH G .  ? HOH A 165 . ? 1_555 ? 
22 AC2 16 ASP B 64 ? ASP B 64  . ? 2_564 ? 
23 AC2 16 ASP B 86 ? ASP B 86  . ? 4_466 ? 
24 AC2 16 ARG B 89 ? ARG B 89  . ? 4_466 ? 
25 AC2 16 HOH H .  ? HOH B 98  . ? 2_564 ? 
26 AC2 16 HOH H .  ? HOH B 121 . ? 2_564 ? 
27 AC2 16 HOH H .  ? HOH B 124 . ? 2_564 ? 
28 AC3 12 ARG A 39 ? ARG A 39  . ? 3_555 ? 
29 AC3 12 SER A 40 ? SER A 40  . ? 3_555 ? 
30 AC3 12 GLN A 41 ? GLN A 41  . ? 3_555 ? 
31 AC3 12 ARG A 44 ? ARG A 44  . ? 3_555 ? 
32 AC3 12 HIS B 35 ? HIS B 35  . ? 1_555 ? 
33 AC3 12 ARG B 44 ? ARG B 44  . ? 1_555 ? 
34 AC3 12 ALA B 66 ? ALA B 66  . ? 1_555 ? 
35 AC3 12 ASN B 76 ? ASN B 76  . ? 1_555 ? 
36 AC3 12 LEU B 77 ? LEU B 77  . ? 1_555 ? 
37 AC3 12 TYR B 79 ? TYR B 79  . ? 1_555 ? 
38 AC3 12 SER B 82 ? SER B 82  . ? 1_555 ? 
39 AC3 12 VAL B 90 ? VAL B 90  . ? 1_555 ? 
40 AC4 8  HOH G .  ? HOH A 159 . ? 1_556 ? 
41 AC4 8  ASP B 7  ? ASP B 7   . ? 1_555 ? 
42 AC4 8  VAL B 10 ? VAL B 10  . ? 1_555 ? 
43 AC4 8  ARG B 11 ? ARG B 11  . ? 1_555 ? 
44 AC4 8  ILE B 54 ? ILE B 54  . ? 1_555 ? 
45 AC4 8  ILE B 58 ? ILE B 58  . ? 1_555 ? 
46 AC4 8  ILE B 81 ? ILE B 81  . ? 1_555 ? 
47 AC4 8  HOH H .  ? HOH B 94  . ? 1_555 ? 
# 
_pdbx_entry_details.entry_id                   1BWO 
_pdbx_entry_details.compound_details           ? 
_pdbx_entry_details.source_details             ? 
_pdbx_entry_details.nonpolymer_details         ? 
_pdbx_entry_details.sequence_details           ? 
_pdbx_entry_details.has_ligand_of_interest     ? 
_pdbx_entry_details.has_protein_modification   Y 
# 
loop_
_pdbx_distant_solvent_atoms.id 
_pdbx_distant_solvent_atoms.PDB_model_num 
_pdbx_distant_solvent_atoms.auth_atom_id 
_pdbx_distant_solvent_atoms.label_alt_id 
_pdbx_distant_solvent_atoms.auth_asym_id 
_pdbx_distant_solvent_atoms.auth_comp_id 
_pdbx_distant_solvent_atoms.auth_seq_id 
_pdbx_distant_solvent_atoms.PDB_ins_code 
_pdbx_distant_solvent_atoms.neighbor_macromolecule_distance 
_pdbx_distant_solvent_atoms.neighbor_ligand_distance 
1 1 O ? A HOH 121 ? 7.78 . 
2 1 O ? A HOH 144 ? 6.31 . 
3 1 O ? A HOH 155 ? 6.02 . 
4 1 O ? B HOH 131 ? 8.08 . 
5 1 O ? B HOH 159 ? 6.36 . 
6 1 O ? B HOH 164 ? 7.69 . 
# 
loop_
_chem_comp_atom.comp_id 
_chem_comp_atom.atom_id 
_chem_comp_atom.type_symbol 
_chem_comp_atom.pdbx_aromatic_flag 
_chem_comp_atom.pdbx_stereo_config 
_chem_comp_atom.pdbx_ordinal 
ALA N    N N N 1   
ALA CA   C N S 2   
ALA C    C N N 3   
ALA O    O N N 4   
ALA CB   C N N 5   
ALA OXT  O N N 6   
ALA H    H N N 7   
ALA H2   H N N 8   
ALA HA   H N N 9   
ALA HB1  H N N 10  
ALA HB2  H N N 11  
ALA HB3  H N N 12  
ALA HXT  H N N 13  
ARG N    N N N 14  
ARG CA   C N S 15  
ARG C    C N N 16  
ARG O    O N N 17  
ARG CB   C N N 18  
ARG CG   C N N 19  
ARG CD   C N N 20  
ARG NE   N N N 21  
ARG CZ   C N N 22  
ARG NH1  N N N 23  
ARG NH2  N N N 24  
ARG OXT  O N N 25  
ARG H    H N N 26  
ARG H2   H N N 27  
ARG HA   H N N 28  
ARG HB2  H N N 29  
ARG HB3  H N N 30  
ARG HG2  H N N 31  
ARG HG3  H N N 32  
ARG HD2  H N N 33  
ARG HD3  H N N 34  
ARG HE   H N N 35  
ARG HH11 H N N 36  
ARG HH12 H N N 37  
ARG HH21 H N N 38  
ARG HH22 H N N 39  
ARG HXT  H N N 40  
ASN N    N N N 41  
ASN CA   C N S 42  
ASN C    C N N 43  
ASN O    O N N 44  
ASN CB   C N N 45  
ASN CG   C N N 46  
ASN OD1  O N N 47  
ASN ND2  N N N 48  
ASN OXT  O N N 49  
ASN H    H N N 50  
ASN H2   H N N 51  
ASN HA   H N N 52  
ASN HB2  H N N 53  
ASN HB3  H N N 54  
ASN HD21 H N N 55  
ASN HD22 H N N 56  
ASN HXT  H N N 57  
ASP N    N N N 58  
ASP CA   C N S 59  
ASP C    C N N 60  
ASP O    O N N 61  
ASP CB   C N N 62  
ASP CG   C N N 63  
ASP OD1  O N N 64  
ASP OD2  O N N 65  
ASP OXT  O N N 66  
ASP H    H N N 67  
ASP H2   H N N 68  
ASP HA   H N N 69  
ASP HB2  H N N 70  
ASP HB3  H N N 71  
ASP HD2  H N N 72  
ASP HXT  H N N 73  
CYS N    N N N 74  
CYS CA   C N R 75  
CYS C    C N N 76  
CYS O    O N N 77  
CYS CB   C N N 78  
CYS SG   S N N 79  
CYS OXT  O N N 80  
CYS H    H N N 81  
CYS H2   H N N 82  
CYS HA   H N N 83  
CYS HB2  H N N 84  
CYS HB3  H N N 85  
CYS HG   H N N 86  
CYS HXT  H N N 87  
GLN N    N N N 88  
GLN CA   C N S 89  
GLN C    C N N 90  
GLN O    O N N 91  
GLN CB   C N N 92  
GLN CG   C N N 93  
GLN CD   C N N 94  
GLN OE1  O N N 95  
GLN NE2  N N N 96  
GLN OXT  O N N 97  
GLN H    H N N 98  
GLN H2   H N N 99  
GLN HA   H N N 100 
GLN HB2  H N N 101 
GLN HB3  H N N 102 
GLN HG2  H N N 103 
GLN HG3  H N N 104 
GLN HE21 H N N 105 
GLN HE22 H N N 106 
GLN HXT  H N N 107 
GLU N    N N N 108 
GLU CA   C N S 109 
GLU C    C N N 110 
GLU O    O N N 111 
GLU CB   C N N 112 
GLU CG   C N N 113 
GLU CD   C N N 114 
GLU OE1  O N N 115 
GLU OE2  O N N 116 
GLU OXT  O N N 117 
GLU H    H N N 118 
GLU H2   H N N 119 
GLU HA   H N N 120 
GLU HB2  H N N 121 
GLU HB3  H N N 122 
GLU HG2  H N N 123 
GLU HG3  H N N 124 
GLU HE2  H N N 125 
GLU HXT  H N N 126 
GLY N    N N N 127 
GLY CA   C N N 128 
GLY C    C N N 129 
GLY O    O N N 130 
GLY OXT  O N N 131 
GLY H    H N N 132 
GLY H2   H N N 133 
GLY HA2  H N N 134 
GLY HA3  H N N 135 
GLY HXT  H N N 136 
HIS N    N N N 137 
HIS CA   C N S 138 
HIS C    C N N 139 
HIS O    O N N 140 
HIS CB   C N N 141 
HIS CG   C Y N 142 
HIS ND1  N Y N 143 
HIS CD2  C Y N 144 
HIS CE1  C Y N 145 
HIS NE2  N Y N 146 
HIS OXT  O N N 147 
HIS H    H N N 148 
HIS H2   H N N 149 
HIS HA   H N N 150 
HIS HB2  H N N 151 
HIS HB3  H N N 152 
HIS HD1  H N N 153 
HIS HD2  H N N 154 
HIS HE1  H N N 155 
HIS HE2  H N N 156 
HIS HXT  H N N 157 
HOH O    O N N 158 
HOH H1   H N N 159 
HOH H2   H N N 160 
ILE N    N N N 161 
ILE CA   C N S 162 
ILE C    C N N 163 
ILE O    O N N 164 
ILE CB   C N S 165 
ILE CG1  C N N 166 
ILE CG2  C N N 167 
ILE CD1  C N N 168 
ILE OXT  O N N 169 
ILE H    H N N 170 
ILE H2   H N N 171 
ILE HA   H N N 172 
ILE HB   H N N 173 
ILE HG12 H N N 174 
ILE HG13 H N N 175 
ILE HG21 H N N 176 
ILE HG22 H N N 177 
ILE HG23 H N N 178 
ILE HD11 H N N 179 
ILE HD12 H N N 180 
ILE HD13 H N N 181 
ILE HXT  H N N 182 
LEU N    N N N 183 
LEU CA   C N S 184 
LEU C    C N N 185 
LEU O    O N N 186 
LEU CB   C N N 187 
LEU CG   C N N 188 
LEU CD1  C N N 189 
LEU CD2  C N N 190 
LEU OXT  O N N 191 
LEU H    H N N 192 
LEU H2   H N N 193 
LEU HA   H N N 194 
LEU HB2  H N N 195 
LEU HB3  H N N 196 
LEU HG   H N N 197 
LEU HD11 H N N 198 
LEU HD12 H N N 199 
LEU HD13 H N N 200 
LEU HD21 H N N 201 
LEU HD22 H N N 202 
LEU HD23 H N N 203 
LEU HXT  H N N 204 
LPC C0A  C N N 205 
LPC C0B  C N N 206 
LPC C0C  C N N 207 
LPC N1   N N N 208 
LPC C2   C N N 209 
LPC C3   C N N 210 
LPC O4   O N N 211 
LPC P5   P N R 212 
LPC O5A  O N N 213 
LPC O5B  O N N 214 
LPC O6   O N N 215 
LPC C7   C N N 216 
LPC C8   C N R 217 
LPC O8   O N N 218 
LPC C9   C N N 219 
LPC OQ1  O N N 220 
LPC OQ2  O N N 221 
LPC CA   C N N 222 
LPC CB   C N N 223 
LPC CC   C N N 224 
LPC CD   C N N 225 
LPC CE   C N N 226 
LPC CF   C N N 227 
LPC CG   C N N 228 
LPC CH   C N N 229 
LPC CI   C N N 230 
LPC CJ   C N N 231 
LPC CK   C N N 232 
LPC CL   C N N 233 
LPC CM   C N N 234 
LPC CN   C N N 235 
LPC H0A1 H N N 236 
LPC H0A2 H N N 237 
LPC H0A3 H N N 238 
LPC H0B1 H N N 239 
LPC H0B2 H N N 240 
LPC H0B3 H N N 241 
LPC H0C1 H N N 242 
LPC H0C2 H N N 243 
LPC H0C3 H N N 244 
LPC H21  H N N 245 
LPC H22  H N N 246 
LPC H31  H N N 247 
LPC H32  H N N 248 
LPC HO5A H N N 249 
LPC H71  H N N 250 
LPC H72  H N N 251 
LPC H8   H N N 252 
LPC HO8  H N N 253 
LPC H91  H N N 254 
LPC H92  H N N 255 
LPC HB1  H N N 256 
LPC HB2  H N N 257 
LPC HC1  H N N 258 
LPC HC2  H N N 259 
LPC HD1  H N N 260 
LPC HD2  H N N 261 
LPC HE1  H N N 262 
LPC HE2  H N N 263 
LPC HF1  H N N 264 
LPC HF2  H N N 265 
LPC HG1  H N N 266 
LPC HG2  H N N 267 
LPC HH1  H N N 268 
LPC HH2  H N N 269 
LPC HI1  H N N 270 
LPC HI2  H N N 271 
LPC HJ1  H N N 272 
LPC HJ2  H N N 273 
LPC HK1  H N N 274 
LPC HK2  H N N 275 
LPC HL1  H N N 276 
LPC HL2  H N N 277 
LPC HM1  H N N 278 
LPC HM2  H N N 279 
LPC HN1  H N N 280 
LPC HN2  H N N 281 
LPC HN3  H N N 282 
LYS N    N N N 283 
LYS CA   C N S 284 
LYS C    C N N 285 
LYS O    O N N 286 
LYS CB   C N N 287 
LYS CG   C N N 288 
LYS CD   C N N 289 
LYS CE   C N N 290 
LYS NZ   N N N 291 
LYS OXT  O N N 292 
LYS H    H N N 293 
LYS H2   H N N 294 
LYS HA   H N N 295 
LYS HB2  H N N 296 
LYS HB3  H N N 297 
LYS HG2  H N N 298 
LYS HG3  H N N 299 
LYS HD2  H N N 300 
LYS HD3  H N N 301 
LYS HE2  H N N 302 
LYS HE3  H N N 303 
LYS HZ1  H N N 304 
LYS HZ2  H N N 305 
LYS HZ3  H N N 306 
LYS HXT  H N N 307 
PRO N    N N N 308 
PRO CA   C N S 309 
PRO C    C N N 310 
PRO O    O N N 311 
PRO CB   C N N 312 
PRO CG   C N N 313 
PRO CD   C N N 314 
PRO OXT  O N N 315 
PRO H    H N N 316 
PRO HA   H N N 317 
PRO HB2  H N N 318 
PRO HB3  H N N 319 
PRO HG2  H N N 320 
PRO HG3  H N N 321 
PRO HD2  H N N 322 
PRO HD3  H N N 323 
PRO HXT  H N N 324 
SER N    N N N 325 
SER CA   C N S 326 
SER C    C N N 327 
SER O    O N N 328 
SER CB   C N N 329 
SER OG   O N N 330 
SER OXT  O N N 331 
SER H    H N N 332 
SER H2   H N N 333 
SER HA   H N N 334 
SER HB2  H N N 335 
SER HB3  H N N 336 
SER HG   H N N 337 
SER HXT  H N N 338 
THR N    N N N 339 
THR CA   C N S 340 
THR C    C N N 341 
THR O    O N N 342 
THR CB   C N R 343 
THR OG1  O N N 344 
THR CG2  C N N 345 
THR OXT  O N N 346 
THR H    H N N 347 
THR H2   H N N 348 
THR HA   H N N 349 
THR HB   H N N 350 
THR HG1  H N N 351 
THR HG21 H N N 352 
THR HG22 H N N 353 
THR HG23 H N N 354 
THR HXT  H N N 355 
TYR N    N N N 356 
TYR CA   C N S 357 
TYR C    C N N 358 
TYR O    O N N 359 
TYR CB   C N N 360 
TYR CG   C Y N 361 
TYR CD1  C Y N 362 
TYR CD2  C Y N 363 
TYR CE1  C Y N 364 
TYR CE2  C Y N 365 
TYR CZ   C Y N 366 
TYR OH   O N N 367 
TYR OXT  O N N 368 
TYR H    H N N 369 
TYR H2   H N N 370 
TYR HA   H N N 371 
TYR HB2  H N N 372 
TYR HB3  H N N 373 
TYR HD1  H N N 374 
TYR HD2  H N N 375 
TYR HE1  H N N 376 
TYR HE2  H N N 377 
TYR HH   H N N 378 
TYR HXT  H N N 379 
VAL N    N N N 380 
VAL CA   C N S 381 
VAL C    C N N 382 
VAL O    O N N 383 
VAL CB   C N N 384 
VAL CG1  C N N 385 
VAL CG2  C N N 386 
VAL OXT  O N N 387 
VAL H    H N N 388 
VAL H2   H N N 389 
VAL HA   H N N 390 
VAL HB   H N N 391 
VAL HG11 H N N 392 
VAL HG12 H N N 393 
VAL HG13 H N N 394 
VAL HG21 H N N 395 
VAL HG22 H N N 396 
VAL HG23 H N N 397 
VAL HXT  H N N 398 
# 
loop_
_chem_comp_bond.comp_id 
_chem_comp_bond.atom_id_1 
_chem_comp_bond.atom_id_2 
_chem_comp_bond.value_order 
_chem_comp_bond.pdbx_aromatic_flag 
_chem_comp_bond.pdbx_stereo_config 
_chem_comp_bond.pdbx_ordinal 
ALA N   CA   sing N N 1   
ALA N   H    sing N N 2   
ALA N   H2   sing N N 3   
ALA CA  C    sing N N 4   
ALA CA  CB   sing N N 5   
ALA CA  HA   sing N N 6   
ALA C   O    doub N N 7   
ALA C   OXT  sing N N 8   
ALA CB  HB1  sing N N 9   
ALA CB  HB2  sing N N 10  
ALA CB  HB3  sing N N 11  
ALA OXT HXT  sing N N 12  
ARG N   CA   sing N N 13  
ARG N   H    sing N N 14  
ARG N   H2   sing N N 15  
ARG CA  C    sing N N 16  
ARG CA  CB   sing N N 17  
ARG CA  HA   sing N N 18  
ARG C   O    doub N N 19  
ARG C   OXT  sing N N 20  
ARG CB  CG   sing N N 21  
ARG CB  HB2  sing N N 22  
ARG CB  HB3  sing N N 23  
ARG CG  CD   sing N N 24  
ARG CG  HG2  sing N N 25  
ARG CG  HG3  sing N N 26  
ARG CD  NE   sing N N 27  
ARG CD  HD2  sing N N 28  
ARG CD  HD3  sing N N 29  
ARG NE  CZ   sing N N 30  
ARG NE  HE   sing N N 31  
ARG CZ  NH1  sing N N 32  
ARG CZ  NH2  doub N N 33  
ARG NH1 HH11 sing N N 34  
ARG NH1 HH12 sing N N 35  
ARG NH2 HH21 sing N N 36  
ARG NH2 HH22 sing N N 37  
ARG OXT HXT  sing N N 38  
ASN N   CA   sing N N 39  
ASN N   H    sing N N 40  
ASN N   H2   sing N N 41  
ASN CA  C    sing N N 42  
ASN CA  CB   sing N N 43  
ASN CA  HA   sing N N 44  
ASN C   O    doub N N 45  
ASN C   OXT  sing N N 46  
ASN CB  CG   sing N N 47  
ASN CB  HB2  sing N N 48  
ASN CB  HB3  sing N N 49  
ASN CG  OD1  doub N N 50  
ASN CG  ND2  sing N N 51  
ASN ND2 HD21 sing N N 52  
ASN ND2 HD22 sing N N 53  
ASN OXT HXT  sing N N 54  
ASP N   CA   sing N N 55  
ASP N   H    sing N N 56  
ASP N   H2   sing N N 57  
ASP CA  C    sing N N 58  
ASP CA  CB   sing N N 59  
ASP CA  HA   sing N N 60  
ASP C   O    doub N N 61  
ASP C   OXT  sing N N 62  
ASP CB  CG   sing N N 63  
ASP CB  HB2  sing N N 64  
ASP CB  HB3  sing N N 65  
ASP CG  OD1  doub N N 66  
ASP CG  OD2  sing N N 67  
ASP OD2 HD2  sing N N 68  
ASP OXT HXT  sing N N 69  
CYS N   CA   sing N N 70  
CYS N   H    sing N N 71  
CYS N   H2   sing N N 72  
CYS CA  C    sing N N 73  
CYS CA  CB   sing N N 74  
CYS CA  HA   sing N N 75  
CYS C   O    doub N N 76  
CYS C   OXT  sing N N 77  
CYS CB  SG   sing N N 78  
CYS CB  HB2  sing N N 79  
CYS CB  HB3  sing N N 80  
CYS SG  HG   sing N N 81  
CYS OXT HXT  sing N N 82  
GLN N   CA   sing N N 83  
GLN N   H    sing N N 84  
GLN N   H2   sing N N 85  
GLN CA  C    sing N N 86  
GLN CA  CB   sing N N 87  
GLN CA  HA   sing N N 88  
GLN C   O    doub N N 89  
GLN C   OXT  sing N N 90  
GLN CB  CG   sing N N 91  
GLN CB  HB2  sing N N 92  
GLN CB  HB3  sing N N 93  
GLN CG  CD   sing N N 94  
GLN CG  HG2  sing N N 95  
GLN CG  HG3  sing N N 96  
GLN CD  OE1  doub N N 97  
GLN CD  NE2  sing N N 98  
GLN NE2 HE21 sing N N 99  
GLN NE2 HE22 sing N N 100 
GLN OXT HXT  sing N N 101 
GLU N   CA   sing N N 102 
GLU N   H    sing N N 103 
GLU N   H2   sing N N 104 
GLU CA  C    sing N N 105 
GLU CA  CB   sing N N 106 
GLU CA  HA   sing N N 107 
GLU C   O    doub N N 108 
GLU C   OXT  sing N N 109 
GLU CB  CG   sing N N 110 
GLU CB  HB2  sing N N 111 
GLU CB  HB3  sing N N 112 
GLU CG  CD   sing N N 113 
GLU CG  HG2  sing N N 114 
GLU CG  HG3  sing N N 115 
GLU CD  OE1  doub N N 116 
GLU CD  OE2  sing N N 117 
GLU OE2 HE2  sing N N 118 
GLU OXT HXT  sing N N 119 
GLY N   CA   sing N N 120 
GLY N   H    sing N N 121 
GLY N   H2   sing N N 122 
GLY CA  C    sing N N 123 
GLY CA  HA2  sing N N 124 
GLY CA  HA3  sing N N 125 
GLY C   O    doub N N 126 
GLY C   OXT  sing N N 127 
GLY OXT HXT  sing N N 128 
HIS N   CA   sing N N 129 
HIS N   H    sing N N 130 
HIS N   H2   sing N N 131 
HIS CA  C    sing N N 132 
HIS CA  CB   sing N N 133 
HIS CA  HA   sing N N 134 
HIS C   O    doub N N 135 
HIS C   OXT  sing N N 136 
HIS CB  CG   sing N N 137 
HIS CB  HB2  sing N N 138 
HIS CB  HB3  sing N N 139 
HIS CG  ND1  sing Y N 140 
HIS CG  CD2  doub Y N 141 
HIS ND1 CE1  doub Y N 142 
HIS ND1 HD1  sing N N 143 
HIS CD2 NE2  sing Y N 144 
HIS CD2 HD2  sing N N 145 
HIS CE1 NE2  sing Y N 146 
HIS CE1 HE1  sing N N 147 
HIS NE2 HE2  sing N N 148 
HIS OXT HXT  sing N N 149 
HOH O   H1   sing N N 150 
HOH O   H2   sing N N 151 
ILE N   CA   sing N N 152 
ILE N   H    sing N N 153 
ILE N   H2   sing N N 154 
ILE CA  C    sing N N 155 
ILE CA  CB   sing N N 156 
ILE CA  HA   sing N N 157 
ILE C   O    doub N N 158 
ILE C   OXT  sing N N 159 
ILE CB  CG1  sing N N 160 
ILE CB  CG2  sing N N 161 
ILE CB  HB   sing N N 162 
ILE CG1 CD1  sing N N 163 
ILE CG1 HG12 sing N N 164 
ILE CG1 HG13 sing N N 165 
ILE CG2 HG21 sing N N 166 
ILE CG2 HG22 sing N N 167 
ILE CG2 HG23 sing N N 168 
ILE CD1 HD11 sing N N 169 
ILE CD1 HD12 sing N N 170 
ILE CD1 HD13 sing N N 171 
ILE OXT HXT  sing N N 172 
LEU N   CA   sing N N 173 
LEU N   H    sing N N 174 
LEU N   H2   sing N N 175 
LEU CA  C    sing N N 176 
LEU CA  CB   sing N N 177 
LEU CA  HA   sing N N 178 
LEU C   O    doub N N 179 
LEU C   OXT  sing N N 180 
LEU CB  CG   sing N N 181 
LEU CB  HB2  sing N N 182 
LEU CB  HB3  sing N N 183 
LEU CG  CD1  sing N N 184 
LEU CG  CD2  sing N N 185 
LEU CG  HG   sing N N 186 
LEU CD1 HD11 sing N N 187 
LEU CD1 HD12 sing N N 188 
LEU CD1 HD13 sing N N 189 
LEU CD2 HD21 sing N N 190 
LEU CD2 HD22 sing N N 191 
LEU CD2 HD23 sing N N 192 
LEU OXT HXT  sing N N 193 
LPC C0A N1   sing N N 194 
LPC C0A H0A1 sing N N 195 
LPC C0A H0A2 sing N N 196 
LPC C0A H0A3 sing N N 197 
LPC C0B N1   sing N N 198 
LPC C0B H0B1 sing N N 199 
LPC C0B H0B2 sing N N 200 
LPC C0B H0B3 sing N N 201 
LPC C0C N1   sing N N 202 
LPC C0C H0C1 sing N N 203 
LPC C0C H0C2 sing N N 204 
LPC C0C H0C3 sing N N 205 
LPC N1  C2   sing N N 206 
LPC C2  C3   sing N N 207 
LPC C2  H21  sing N N 208 
LPC C2  H22  sing N N 209 
LPC C3  O4   sing N N 210 
LPC C3  H31  sing N N 211 
LPC C3  H32  sing N N 212 
LPC O4  P5   sing N N 213 
LPC P5  O5A  sing N N 214 
LPC P5  O5B  doub N N 215 
LPC P5  O6   sing N N 216 
LPC O5A HO5A sing N N 217 
LPC O6  C7   sing N N 218 
LPC C7  C8   sing N N 219 
LPC C7  H71  sing N N 220 
LPC C7  H72  sing N N 221 
LPC C8  O8   sing N N 222 
LPC C8  C9   sing N N 223 
LPC C8  H8   sing N N 224 
LPC O8  HO8  sing N N 225 
LPC C9  OQ2  sing N N 226 
LPC C9  H91  sing N N 227 
LPC C9  H92  sing N N 228 
LPC OQ1 CA   doub N N 229 
LPC OQ2 CA   sing N N 230 
LPC CA  CB   sing N N 231 
LPC CB  CC   sing N N 232 
LPC CB  HB1  sing N N 233 
LPC CB  HB2  sing N N 234 
LPC CC  CD   sing N N 235 
LPC CC  HC1  sing N N 236 
LPC CC  HC2  sing N N 237 
LPC CD  CE   sing N N 238 
LPC CD  HD1  sing N N 239 
LPC CD  HD2  sing N N 240 
LPC CE  CF   sing N N 241 
LPC CE  HE1  sing N N 242 
LPC CE  HE2  sing N N 243 
LPC CF  CG   sing N N 244 
LPC CF  HF1  sing N N 245 
LPC CF  HF2  sing N N 246 
LPC CG  CH   sing N N 247 
LPC CG  HG1  sing N N 248 
LPC CG  HG2  sing N N 249 
LPC CH  CI   sing N N 250 
LPC CH  HH1  sing N N 251 
LPC CH  HH2  sing N N 252 
LPC CI  CJ   sing N N 253 
LPC CI  HI1  sing N N 254 
LPC CI  HI2  sing N N 255 
LPC CJ  CK   sing N N 256 
LPC CJ  HJ1  sing N N 257 
LPC CJ  HJ2  sing N N 258 
LPC CK  CL   sing N N 259 
LPC CK  HK1  sing N N 260 
LPC CK  HK2  sing N N 261 
LPC CL  CM   sing N N 262 
LPC CL  HL1  sing N N 263 
LPC CL  HL2  sing N N 264 
LPC CM  CN   sing N N 265 
LPC CM  HM1  sing N N 266 
LPC CM  HM2  sing N N 267 
LPC CN  HN1  sing N N 268 
LPC CN  HN2  sing N N 269 
LPC CN  HN3  sing N N 270 
LYS N   CA   sing N N 271 
LYS N   H    sing N N 272 
LYS N   H2   sing N N 273 
LYS CA  C    sing N N 274 
LYS CA  CB   sing N N 275 
LYS CA  HA   sing N N 276 
LYS C   O    doub N N 277 
LYS C   OXT  sing N N 278 
LYS CB  CG   sing N N 279 
LYS CB  HB2  sing N N 280 
LYS CB  HB3  sing N N 281 
LYS CG  CD   sing N N 282 
LYS CG  HG2  sing N N 283 
LYS CG  HG3  sing N N 284 
LYS CD  CE   sing N N 285 
LYS CD  HD2  sing N N 286 
LYS CD  HD3  sing N N 287 
LYS CE  NZ   sing N N 288 
LYS CE  HE2  sing N N 289 
LYS CE  HE3  sing N N 290 
LYS NZ  HZ1  sing N N 291 
LYS NZ  HZ2  sing N N 292 
LYS NZ  HZ3  sing N N 293 
LYS OXT HXT  sing N N 294 
PRO N   CA   sing N N 295 
PRO N   CD   sing N N 296 
PRO N   H    sing N N 297 
PRO CA  C    sing N N 298 
PRO CA  CB   sing N N 299 
PRO CA  HA   sing N N 300 
PRO C   O    doub N N 301 
PRO C   OXT  sing N N 302 
PRO CB  CG   sing N N 303 
PRO CB  HB2  sing N N 304 
PRO CB  HB3  sing N N 305 
PRO CG  CD   sing N N 306 
PRO CG  HG2  sing N N 307 
PRO CG  HG3  sing N N 308 
PRO CD  HD2  sing N N 309 
PRO CD  HD3  sing N N 310 
PRO OXT HXT  sing N N 311 
SER N   CA   sing N N 312 
SER N   H    sing N N 313 
SER N   H2   sing N N 314 
SER CA  C    sing N N 315 
SER CA  CB   sing N N 316 
SER CA  HA   sing N N 317 
SER C   O    doub N N 318 
SER C   OXT  sing N N 319 
SER CB  OG   sing N N 320 
SER CB  HB2  sing N N 321 
SER CB  HB3  sing N N 322 
SER OG  HG   sing N N 323 
SER OXT HXT  sing N N 324 
THR N   CA   sing N N 325 
THR N   H    sing N N 326 
THR N   H2   sing N N 327 
THR CA  C    sing N N 328 
THR CA  CB   sing N N 329 
THR CA  HA   sing N N 330 
THR C   O    doub N N 331 
THR C   OXT  sing N N 332 
THR CB  OG1  sing N N 333 
THR CB  CG2  sing N N 334 
THR CB  HB   sing N N 335 
THR OG1 HG1  sing N N 336 
THR CG2 HG21 sing N N 337 
THR CG2 HG22 sing N N 338 
THR CG2 HG23 sing N N 339 
THR OXT HXT  sing N N 340 
TYR N   CA   sing N N 341 
TYR N   H    sing N N 342 
TYR N   H2   sing N N 343 
TYR CA  C    sing N N 344 
TYR CA  CB   sing N N 345 
TYR CA  HA   sing N N 346 
TYR C   O    doub N N 347 
TYR C   OXT  sing N N 348 
TYR CB  CG   sing N N 349 
TYR CB  HB2  sing N N 350 
TYR CB  HB3  sing N N 351 
TYR CG  CD1  doub Y N 352 
TYR CG  CD2  sing Y N 353 
TYR CD1 CE1  sing Y N 354 
TYR CD1 HD1  sing N N 355 
TYR CD2 CE2  doub Y N 356 
TYR CD2 HD2  sing N N 357 
TYR CE1 CZ   doub Y N 358 
TYR CE1 HE1  sing N N 359 
TYR CE2 CZ   sing Y N 360 
TYR CE2 HE2  sing N N 361 
TYR CZ  OH   sing N N 362 
TYR OH  HH   sing N N 363 
TYR OXT HXT  sing N N 364 
VAL N   CA   sing N N 365 
VAL N   H    sing N N 366 
VAL N   H2   sing N N 367 
VAL CA  C    sing N N 368 
VAL CA  CB   sing N N 369 
VAL CA  HA   sing N N 370 
VAL C   O    doub N N 371 
VAL C   OXT  sing N N 372 
VAL CB  CG1  sing N N 373 
VAL CB  CG2  sing N N 374 
VAL CB  HB   sing N N 375 
VAL CG1 HG11 sing N N 376 
VAL CG1 HG12 sing N N 377 
VAL CG1 HG13 sing N N 378 
VAL CG2 HG21 sing N N 379 
VAL CG2 HG22 sing N N 380 
VAL CG2 HG23 sing N N 381 
VAL OXT HXT  sing N N 382 
# 
_atom_sites.entry_id                    1BWO 
_atom_sites.fract_transf_matrix[1][1]   0.00696383 
_atom_sites.fract_transf_matrix[1][2]   -0.02294516 
_atom_sites.fract_transf_matrix[1][3]   0.00409027 
_atom_sites.fract_transf_matrix[2][1]   -0.00044146 
_atom_sites.fract_transf_matrix[2][2]   0.00295396 
_atom_sites.fract_transf_matrix[2][3]   0.01732239 
_atom_sites.fract_transf_matrix[3][1]   -0.01356076 
_atom_sites.fract_transf_matrix[3][2]   -0.00405404 
_atom_sites.fract_transf_matrix[3][3]   0.00034574 
_atom_sites.fract_transf_vector[1]      0.230887 
_atom_sites.fract_transf_vector[2]      0.638797 
_atom_sites.fract_transf_vector[3]      0.439177 
# 
loop_
_atom_type.symbol 
C 
N 
O 
P 
S 
# 
loop_
_atom_site.group_PDB 
_atom_site.id 
_atom_site.type_symbol 
_atom_site.label_atom_id 
_atom_site.label_alt_id 
_atom_site.label_comp_id 
_atom_site.label_asym_id 
_atom_site.label_entity_id 
_atom_site.label_seq_id 
_atom_site.pdbx_PDB_ins_code 
_atom_site.Cartn_x 
_atom_site.Cartn_y 
_atom_site.Cartn_z 
_atom_site.occupancy 
_atom_site.B_iso_or_equiv 
_atom_site.pdbx_formal_charge 
_atom_site.auth_seq_id 
_atom_site.auth_comp_id 
_atom_site.auth_asym_id 
_atom_site.auth_atom_id 
_atom_site.pdbx_PDB_model_num 
ATOM   1    N N   . ILE A 1 1  ? 25.118  21.643  -16.547 1.00 28.45 ? 1   ILE A N   1 
ATOM   2    C CA  . ILE A 1 1  ? 24.605  20.688  -17.576 1.00 24.69 ? 1   ILE A CA  1 
ATOM   3    C C   . ILE A 1 1  ? 23.158  20.306  -17.258 1.00 21.01 ? 1   ILE A C   1 
ATOM   4    O O   . ILE A 1 1  ? 22.754  20.299  -16.093 1.00 22.60 ? 1   ILE A O   1 
ATOM   5    C CB  . ILE A 1 1  ? 25.487  19.412  -17.632 1.00 24.55 ? 1   ILE A CB  1 
ATOM   6    C CG1 . ILE A 1 1  ? 25.489  18.843  -19.051 1.00 26.47 ? 1   ILE A CG1 1 
ATOM   7    C CG2 . ILE A 1 1  ? 24.985  18.377  -16.635 1.00 28.65 ? 1   ILE A CG2 1 
ATOM   8    C CD1 . ILE A 1 1  ? 26.097  17.456  -19.155 1.00 28.51 ? 1   ILE A CD1 1 
ATOM   9    N N   . ASP A 1 2  ? 22.386  19.993  -18.296 1.00 21.45 ? 2   ASP A N   1 
ATOM   10   C CA  . ASP A 1 2  ? 20.978  19.620  -18.139 1.00 20.57 ? 2   ASP A CA  1 
ATOM   11   C C   . ASP A 1 2  ? 20.764  18.178  -17.683 1.00 18.29 ? 2   ASP A C   1 
ATOM   12   O O   . ASP A 1 2  ? 21.240  17.236  -18.318 1.00 20.92 ? 2   ASP A O   1 
ATOM   13   C CB  . ASP A 1 2  ? 20.230  19.833  -19.459 1.00 23.11 ? 2   ASP A CB  1 
ATOM   14   C CG  . ASP A 1 2  ? 18.715  19.800  -19.289 1.00 27.03 ? 2   ASP A CG  1 
ATOM   15   O OD1 . ASP A 1 2  ? 18.149  18.693  -19.194 1.00 31.78 ? 2   ASP A OD1 1 
ATOM   16   O OD2 . ASP A 1 2  ? 18.086  20.879  -19.252 1.00 32.01 ? 2   ASP A OD2 1 
ATOM   17   N N   . CYS A 1 3  ? 20.020  18.015  -16.593 1.00 17.53 ? 3   CYS A N   1 
ATOM   18   C CA  . CYS A 1 3  ? 19.713  16.695  -16.039 1.00 16.98 ? 3   CYS A CA  1 
ATOM   19   C C   . CYS A 1 3  ? 18.942  15.803  -17.016 1.00 13.82 ? 3   CYS A C   1 
ATOM   20   O O   . CYS A 1 3  ? 19.013  14.579  -16.935 1.00 13.95 ? 3   CYS A O   1 
ATOM   21   C CB  . CYS A 1 3  ? 18.901  16.844  -14.756 1.00 15.04 ? 3   CYS A CB  1 
ATOM   22   S SG  A CYS A 1 3  ? 19.698  16.150  -13.286 0.50 14.36 ? 3   CYS A SG  1 
ATOM   23   S SG  B CYS A 1 3  ? 19.891  17.278  -13.290 0.50 12.38 ? 3   CYS A SG  1 
ATOM   24   N N   . GLY A 1 4  ? 18.190  16.415  -17.927 1.00 14.08 ? 4   GLY A N   1 
ATOM   25   C CA  . GLY A 1 4  ? 17.440  15.640  -18.899 1.00 9.58  ? 4   GLY A CA  1 
ATOM   26   C C   . GLY A 1 4  ? 18.412  14.976  -19.855 1.00 10.68 ? 4   GLY A C   1 
ATOM   27   O O   . GLY A 1 4  ? 18.264  13.808  -20.203 1.00 13.26 ? 4   GLY A O   1 
ATOM   28   N N   . HIS A 1 5  ? 19.418  15.734  -20.274 1.00 9.49  ? 5   HIS A N   1 
ATOM   29   C CA  . HIS A 1 5  ? 20.447  15.242  -21.189 1.00 9.82  ? 5   HIS A CA  1 
ATOM   30   C C   . HIS A 1 5  ? 21.263  14.143  -20.497 1.00 9.54  ? 5   HIS A C   1 
ATOM   31   O O   . HIS A 1 5  ? 21.505  13.078  -21.063 1.00 8.33  ? 5   HIS A O   1 
ATOM   32   C CB  . HIS A 1 5  ? 21.352  16.408  -21.608 1.00 12.35 ? 5   HIS A CB  1 
ATOM   33   C CG  . HIS A 1 5  ? 22.419  16.035  -22.588 1.00 13.07 ? 5   HIS A CG  1 
ATOM   34   N ND1 . HIS A 1 5  ? 22.156  15.347  -23.754 1.00 10.32 ? 5   HIS A ND1 1 
ATOM   35   C CD2 . HIS A 1 5  ? 23.755  16.282  -22.592 1.00 10.96 ? 5   HIS A CD2 1 
ATOM   36   C CE1 . HIS A 1 5  ? 23.279  15.187  -24.433 1.00 11.24 ? 5   HIS A CE1 1 
ATOM   37   N NE2 . HIS A 1 5  ? 24.262  15.745  -23.750 1.00 14.40 ? 5   HIS A NE2 1 
ATOM   38   N N   . VAL A 1 6  ? 21.680  14.402  -19.263 1.00 11.11 ? 6   VAL A N   1 
ATOM   39   C CA  . VAL A 1 6  ? 22.449  13.428  -18.500 1.00 9.24  ? 6   VAL A CA  1 
ATOM   40   C C   . VAL A 1 6  ? 21.667  12.121  -18.457 1.00 12.15 ? 6   VAL A C   1 
ATOM   41   O O   . VAL A 1 6  ? 22.199  11.047  -18.754 1.00 10.88 ? 6   VAL A O   1 
ATOM   42   C CB  . VAL A 1 6  ? 22.680  13.921  -17.048 1.00 11.53 ? 6   VAL A CB  1 
ATOM   43   C CG1 . VAL A 1 6  ? 23.166  12.774  -16.173 1.00 4.49  ? 6   VAL A CG1 1 
ATOM   44   C CG2 . VAL A 1 6  ? 23.684  15.067  -17.043 1.00 10.31 ? 6   VAL A CG2 1 
ATOM   45   N N   . ASP A 1 7  ? 20.394  12.227  -18.087 1.00 13.68 ? 7   ASP A N   1 
ATOM   46   C CA  . ASP A 1 7  ? 19.513  11.077  -17.998 1.00 13.37 ? 7   ASP A CA  1 
ATOM   47   C C   . ASP A 1 7  ? 19.493  10.256  -19.288 1.00 14.57 ? 7   ASP A C   1 
ATOM   48   O O   . ASP A 1 7  ? 19.544  9.023   -19.242 1.00 16.50 ? 7   ASP A O   1 
ATOM   49   C CB  . ASP A 1 7  ? 18.094  11.541  -17.663 1.00 17.12 ? 7   ASP A CB  1 
ATOM   50   C CG  . ASP A 1 7  ? 17.159  10.391  -17.367 1.00 20.46 ? 7   ASP A CG  1 
ATOM   51   O OD1 . ASP A 1 7  ? 17.150  9.915   -16.216 1.00 29.85 ? 7   ASP A OD1 1 
ATOM   52   O OD2 . ASP A 1 7  ? 16.435  9.955   -18.283 1.00 29.78 ? 7   ASP A OD2 1 
ATOM   53   N N   . SER A 1 8  ? 19.413  10.936  -20.431 1.00 10.37 ? 8   SER A N   1 
ATOM   54   C CA  . SER A 1 8  ? 19.380  10.261  -21.724 1.00 11.28 ? 8   SER A CA  1 
ATOM   55   C C   . SER A 1 8  ? 20.661  9.502   -22.014 1.00 11.61 ? 8   SER A C   1 
ATOM   56   O O   . SER A 1 8  ? 20.634  8.435   -22.624 1.00 13.85 ? 8   SER A O   1 
ATOM   57   C CB  . SER A 1 8  ? 19.136  11.266  -22.852 1.00 9.48  ? 8   SER A CB  1 
ATOM   58   O OG  A SER A 1 8  ? 20.311  11.996  -23.146 0.50 7.34  ? 8   SER A OG  1 
ATOM   59   O OG  B SER A 1 8  ? 17.874  11.888  -22.709 0.50 16.07 ? 8   SER A OG  1 
ATOM   60   N N   . LEU A 1 9  ? 21.788  10.052  -21.580 1.00 10.07 ? 9   LEU A N   1 
ATOM   61   C CA  . LEU A 1 9  ? 23.070  9.409   -21.822 1.00 8.52  ? 9   LEU A CA  1 
ATOM   62   C C   . LEU A 1 9  ? 23.240  8.091   -21.072 1.00 9.82  ? 9   LEU A C   1 
ATOM   63   O O   . LEU A 1 9  ? 23.769  7.125   -21.613 1.00 14.74 ? 9   LEU A O   1 
ATOM   64   C CB  . LEU A 1 9  ? 24.217  10.354  -21.436 1.00 5.37  ? 9   LEU A CB  1 
ATOM   65   C CG  . LEU A 1 9  ? 24.427  11.606  -22.301 1.00 9.36  ? 9   LEU A CG  1 
ATOM   66   C CD1 . LEU A 1 9  ? 25.647  12.367  -21.813 1.00 9.99  ? 9   LEU A CD1 1 
ATOM   67   C CD2 . LEU A 1 9  ? 24.608  11.216  -23.752 1.00 11.95 ? 9   LEU A CD2 1 
ATOM   68   N N   . VAL A 1 10 ? 22.780  8.051   -19.828 1.00 11.59 ? 10  VAL A N   1 
ATOM   69   C CA  . VAL A 1 10 ? 22.947  6.869   -18.993 1.00 9.69  ? 10  VAL A CA  1 
ATOM   70   C C   . VAL A 1 10 ? 21.745  5.942   -18.882 1.00 8.51  ? 10  VAL A C   1 
ATOM   71   O O   . VAL A 1 10 ? 21.835  4.891   -18.261 1.00 7.80  ? 10  VAL A O   1 
ATOM   72   C CB  . VAL A 1 10 ? 23.392  7.283   -17.567 1.00 11.03 ? 10  VAL A CB  1 
ATOM   73   C CG1 . VAL A 1 10 ? 24.690  8.089   -17.646 1.00 13.06 ? 10  VAL A CG1 1 
ATOM   74   C CG2 . VAL A 1 10 ? 22.296  8.105   -16.889 1.00 9.81  ? 10  VAL A CG2 1 
ATOM   75   N N   . ARG A 1 11 ? 20.628  6.317   -19.489 1.00 8.24  ? 11  ARG A N   1 
ATOM   76   C CA  . ARG A 1 11 ? 19.428  5.490   -19.432 1.00 11.74 ? 11  ARG A CA  1 
ATOM   77   C C   . ARG A 1 11 ? 19.708  4.008   -19.727 1.00 11.95 ? 11  ARG A C   1 
ATOM   78   O O   . ARG A 1 11 ? 19.159  3.131   -19.073 1.00 13.38 ? 11  ARG A O   1 
ATOM   79   C CB  . ARG A 1 11 ? 18.382  6.030   -20.407 1.00 11.75 ? 11  ARG A CB  1 
ATOM   80   C CG  . ARG A 1 11 ? 16.963  5.641   -20.073 1.00 21.60 ? 11  ARG A CG  1 
ATOM   81   C CD  . ARG A 1 11 ? 16.010  6.810   -20.272 1.00 29.70 ? 11  ARG A CD  1 
ATOM   82   N NE  . ARG A 1 11 ? 15.016  6.881   -19.199 1.00 38.80 ? 11  ARG A NE  1 
ATOM   83   C CZ  . ARG A 1 11 ? 13.866  6.210   -19.191 1.00 42.85 ? 11  ARG A CZ  1 
ATOM   84   N NH1 . ARG A 1 11 ? 13.554  5.406   -20.200 1.00 44.95 ? 11  ARG A NH1 1 
ATOM   85   N NH2 . ARG A 1 11 ? 13.025  6.337   -18.173 1.00 44.28 ? 11  ARG A NH2 1 
ATOM   86   N N   . PRO A 1 12 ? 20.554  3.714   -20.728 1.00 10.40 ? 12  PRO A N   1 
ATOM   87   C CA  . PRO A 1 12 ? 20.879  2.322   -21.075 1.00 10.56 ? 12  PRO A CA  1 
ATOM   88   C C   . PRO A 1 12 ? 21.532  1.482   -19.966 1.00 12.18 ? 12  PRO A C   1 
ATOM   89   O O   . PRO A 1 12 ? 21.633  0.265   -20.106 1.00 11.04 ? 12  PRO A O   1 
ATOM   90   C CB  . PRO A 1 12 ? 21.809  2.457   -22.283 1.00 12.97 ? 12  PRO A CB  1 
ATOM   91   C CG  . PRO A 1 12 ? 21.599  3.824   -22.793 1.00 9.25  ? 12  PRO A CG  1 
ATOM   92   C CD  . PRO A 1 12 ? 21.222  4.667   -21.630 1.00 9.50  ? 12  PRO A CD  1 
ATOM   93   N N   . CYS A 1 13 ? 21.987  2.127   -18.889 1.00 13.97 ? 13  CYS A N   1 
ATOM   94   C CA  . CYS A 1 13 ? 22.644  1.443   -17.758 1.00 10.46 ? 13  CYS A CA  1 
ATOM   95   C C   . CYS A 1 13 ? 21.664  0.907   -16.711 1.00 11.09 ? 13  CYS A C   1 
ATOM   96   O O   . CYS A 1 13 ? 22.055  0.185   -15.792 1.00 13.26 ? 13  CYS A O   1 
ATOM   97   C CB  . CYS A 1 13 ? 23.604  2.389   -17.031 1.00 9.24  ? 13  CYS A CB  1 
ATOM   98   S SG  . CYS A 1 13 ? 24.914  3.150   -18.032 1.00 8.75  ? 13  CYS A SG  1 
ATOM   99   N N   . LEU A 1 14 ? 20.401  1.278   -16.844 1.00 12.08 ? 14  LEU A N   1 
ATOM   100  C CA  . LEU A 1 14 ? 19.370  0.868   -15.908 1.00 14.09 ? 14  LEU A CA  1 
ATOM   101  C C   . LEU A 1 14 ? 19.308  -0.625  -15.597 1.00 15.62 ? 14  LEU A C   1 
ATOM   102  O O   . LEU A 1 14 ? 19.344  -1.021  -14.428 1.00 16.17 ? 14  LEU A O   1 
ATOM   103  C CB  . LEU A 1 14 ? 18.012  1.336   -16.425 1.00 14.11 ? 14  LEU A CB  1 
ATOM   104  C CG  . LEU A 1 14 ? 16.812  0.966   -15.558 1.00 14.02 ? 14  LEU A CG  1 
ATOM   105  C CD1 . LEU A 1 14 ? 16.786  1.855   -14.326 1.00 11.61 ? 14  LEU A CD1 1 
ATOM   106  C CD2 . LEU A 1 14 ? 15.531  1.106   -16.375 1.00 14.92 ? 14  LEU A CD2 1 
ATOM   107  N N   . SER A 1 15 ? 19.204  -1.450  -16.633 1.00 16.93 ? 15  SER A N   1 
ATOM   108  C CA  . SER A 1 15 ? 19.105  -2.893  -16.445 1.00 19.37 ? 15  SER A CA  1 
ATOM   109  C C   . SER A 1 15 ? 20.281  -3.453  -15.649 1.00 20.31 ? 15  SER A C   1 
ATOM   110  O O   . SER A 1 15 ? 20.104  -4.354  -14.821 1.00 18.60 ? 15  SER A O   1 
ATOM   111  C CB  . SER A 1 15 ? 19.006  -3.594  -17.800 1.00 18.24 ? 15  SER A CB  1 
ATOM   112  O OG  . SER A 1 15 ? 20.181  -3.386  -18.560 1.00 28.24 ? 15  SER A OG  1 
ATOM   113  N N   . TYR A 1 16 ? 21.474  -2.917  -15.892 1.00 18.41 ? 16  TYR A N   1 
ATOM   114  C CA  . TYR A 1 16 ? 22.663  -3.374  -15.183 1.00 15.78 ? 16  TYR A CA  1 
ATOM   115  C C   . TYR A 1 16 ? 22.665  -2.929  -13.724 1.00 15.05 ? 16  TYR A C   1 
ATOM   116  O O   . TYR A 1 16 ? 22.957  -3.731  -12.840 1.00 11.85 ? 16  TYR A O   1 
ATOM   117  C CB  . TYR A 1 16 ? 23.935  -2.867  -15.875 1.00 17.02 ? 16  TYR A CB  1 
ATOM   118  C CG  . TYR A 1 16 ? 25.219  -3.269  -15.168 1.00 17.00 ? 16  TYR A CG  1 
ATOM   119  C CD1 . TYR A 1 16 ? 25.562  -4.613  -15.013 1.00 17.23 ? 16  TYR A CD1 1 
ATOM   120  C CD2 . TYR A 1 16 ? 26.078  -2.306  -14.635 1.00 16.64 ? 16  TYR A CD2 1 
ATOM   121  C CE1 . TYR A 1 16 ? 26.729  -4.988  -14.342 1.00 18.06 ? 16  TYR A CE1 1 
ATOM   122  C CE2 . TYR A 1 16 ? 27.252  -2.668  -13.960 1.00 17.07 ? 16  TYR A CE2 1 
ATOM   123  C CZ  . TYR A 1 16 ? 27.569  -4.006  -13.817 1.00 19.93 ? 16  TYR A CZ  1 
ATOM   124  O OH  . TYR A 1 16 ? 28.725  -4.357  -13.160 1.00 18.89 ? 16  TYR A OH  1 
ATOM   125  N N   . VAL A 1 17 ? 22.340  -1.662  -13.464 1.00 13.60 ? 17  VAL A N   1 
ATOM   126  C CA  . VAL A 1 17 ? 22.337  -1.168  -12.086 1.00 15.43 ? 17  VAL A CA  1 
ATOM   127  C C   . VAL A 1 17 ? 21.240  -1.803  -11.242 1.00 16.00 ? 17  VAL A C   1 
ATOM   128  O O   . VAL A 1 17 ? 21.221  -1.654  -10.021 1.00 17.26 ? 17  VAL A O   1 
ATOM   129  C CB  . VAL A 1 17 ? 22.182  0.369   -12.005 1.00 15.62 ? 17  VAL A CB  1 
ATOM   130  C CG1 . VAL A 1 17 ? 23.416  1.043   -12.586 1.00 14.97 ? 17  VAL A CG1 1 
ATOM   131  C CG2 . VAL A 1 17 ? 20.919  0.817   -12.717 1.00 12.75 ? 17  VAL A CG2 1 
ATOM   132  N N   . GLN A 1 18 ? 20.334  -2.523  -11.892 1.00 16.41 ? 18  GLN A N   1 
ATOM   133  C CA  . GLN A 1 18 ? 19.258  -3.188  -11.176 1.00 19.93 ? 18  GLN A CA  1 
ATOM   134  C C   . GLN A 1 18 ? 19.562  -4.678  -10.969 1.00 22.35 ? 18  GLN A C   1 
ATOM   135  O O   . GLN A 1 18 ? 18.685  -5.456  -10.582 1.00 22.79 ? 18  GLN A O   1 
ATOM   136  C CB  . GLN A 1 18 ? 17.936  -3.004  -11.925 1.00 18.54 ? 18  GLN A CB  1 
ATOM   137  C CG  . GLN A 1 18 ? 17.503  -1.553  -12.009 1.00 18.73 ? 18  GLN A CG  1 
ATOM   138  C CD  . GLN A 1 18 ? 16.028  -1.396  -12.322 1.00 21.97 ? 18  GLN A CD  1 
ATOM   139  O OE1 . GLN A 1 18 ? 15.312  -0.674  -11.628 1.00 25.38 ? 18  GLN A OE1 1 
ATOM   140  N NE2 . GLN A 1 18 ? 15.565  -2.066  -13.372 1.00 21.82 ? 18  GLN A NE2 1 
ATOM   141  N N   . GLY A 1 19 ? 20.807  -5.070  -11.234 1.00 21.80 ? 19  GLY A N   1 
ATOM   142  C CA  . GLY A 1 19 ? 21.203  -6.455  -11.039 1.00 22.11 ? 19  GLY A CA  1 
ATOM   143  C C   . GLY A 1 19 ? 21.306  -7.339  -12.265 1.00 21.83 ? 19  GLY A C   1 
ATOM   144  O O   . GLY A 1 19 ? 21.643  -8.511  -12.142 1.00 25.84 ? 19  GLY A O   1 
ATOM   145  N N   . GLY A 1 20 ? 21.026  -6.795  -13.443 1.00 19.23 ? 20  GLY A N   1 
ATOM   146  C CA  . GLY A 1 20 ? 21.097  -7.596  -14.652 1.00 15.96 ? 20  GLY A CA  1 
ATOM   147  C C   . GLY A 1 20 ? 22.492  -7.680  -15.238 1.00 16.07 ? 20  GLY A C   1 
ATOM   148  O O   . GLY A 1 20 ? 23.415  -7.053  -14.728 1.00 16.13 ? 20  GLY A O   1 
ATOM   149  N N   . PRO A 1 21 ? 22.683  -8.454  -16.316 1.00 17.80 ? 21  PRO A N   1 
ATOM   150  C CA  . PRO A 1 21 ? 24.010  -8.573  -16.927 1.00 19.75 ? 21  PRO A CA  1 
ATOM   151  C C   . PRO A 1 21 ? 24.429  -7.276  -17.612 1.00 20.96 ? 21  PRO A C   1 
ATOM   152  O O   . PRO A 1 21 ? 23.584  -6.494  -18.054 1.00 23.60 ? 21  PRO A O   1 
ATOM   153  C CB  . PRO A 1 21 ? 23.846  -9.721  -17.918 1.00 21.04 ? 21  PRO A CB  1 
ATOM   154  C CG  . PRO A 1 21 ? 22.407  -9.707  -18.258 1.00 21.64 ? 21  PRO A CG  1 
ATOM   155  C CD  . PRO A 1 21 ? 21.674  -9.257  -17.026 1.00 19.54 ? 21  PRO A CD  1 
ATOM   156  N N   . GLY A 1 22 ? 25.736  -7.055  -17.687 1.00 18.13 ? 22  GLY A N   1 
ATOM   157  C CA  . GLY A 1 22 ? 26.249  -5.855  -18.313 1.00 15.82 ? 22  GLY A CA  1 
ATOM   158  C C   . GLY A 1 22 ? 27.574  -5.478  -17.686 1.00 17.19 ? 22  GLY A C   1 
ATOM   159  O O   . GLY A 1 22 ? 28.218  -6.330  -17.076 1.00 19.65 ? 22  GLY A O   1 
ATOM   160  N N   . PRO A 1 23 ? 28.013  -4.212  -17.815 1.00 17.66 ? 23  PRO A N   1 
ATOM   161  C CA  . PRO A 1 23 ? 27.306  -3.135  -18.518 1.00 18.20 ? 23  PRO A CA  1 
ATOM   162  C C   . PRO A 1 23 ? 27.356  -3.287  -20.039 1.00 17.71 ? 23  PRO A C   1 
ATOM   163  O O   . PRO A 1 23 ? 28.371  -3.698  -20.594 1.00 15.67 ? 23  PRO A O   1 
ATOM   164  C CB  . PRO A 1 23 ? 28.020  -1.872  -18.047 1.00 16.64 ? 23  PRO A CB  1 
ATOM   165  C CG  . PRO A 1 23 ? 29.404  -2.329  -17.714 1.00 13.64 ? 23  PRO A CG  1 
ATOM   166  C CD  . PRO A 1 23 ? 29.278  -3.742  -17.217 1.00 16.00 ? 23  PRO A CD  1 
ATOM   167  N N   . SER A 1 24 ? 26.257  -2.947  -20.705 1.00 16.39 ? 24  SER A N   1 
ATOM   168  C CA  . SER A 1 24 ? 26.185  -3.051  -22.159 1.00 15.50 ? 24  SER A CA  1 
ATOM   169  C C   . SER A 1 24 ? 27.028  -1.964  -22.809 1.00 15.51 ? 24  SER A C   1 
ATOM   170  O O   . SER A 1 24 ? 27.402  -0.992  -22.151 1.00 18.25 ? 24  SER A O   1 
ATOM   171  C CB  . SER A 1 24 ? 24.735  -2.923  -22.625 1.00 15.86 ? 24  SER A CB  1 
ATOM   172  O OG  . SER A 1 24 ? 24.322  -1.569  -22.625 1.00 9.11  ? 24  SER A OG  1 
ATOM   173  N N   . GLY A 1 25 ? 27.333  -2.130  -24.097 1.00 11.91 ? 25  GLY A N   1 
ATOM   174  C CA  . GLY A 1 25 ? 28.126  -1.136  -24.800 1.00 8.14  ? 25  GLY A CA  1 
ATOM   175  C C   . GLY A 1 25 ? 27.440  0.220   -24.834 1.00 8.22  ? 25  GLY A C   1 
ATOM   176  O O   . GLY A 1 25 ? 28.083  1.266   -24.772 1.00 11.00 ? 25  GLY A O   1 
ATOM   177  N N   . GLN A 1 26 ? 26.119  0.210   -24.928 1.00 10.64 ? 26  GLN A N   1 
ATOM   178  C CA  . GLN A 1 26 ? 25.346  1.450   -24.966 1.00 10.91 ? 26  GLN A CA  1 
ATOM   179  C C   . GLN A 1 26 ? 25.481  2.210   -23.638 1.00 10.32 ? 26  GLN A C   1 
ATOM   180  O O   . GLN A 1 26 ? 25.515  3.441   -23.614 1.00 11.32 ? 26  GLN A O   1 
ATOM   181  C CB  . GLN A 1 26 ? 23.876  1.132   -25.256 1.00 14.58 ? 26  GLN A CB  1 
ATOM   182  C CG  . GLN A 1 26 ? 23.583  0.751   -26.717 1.00 19.54 ? 26  GLN A CG  1 
ATOM   183  C CD  . GLN A 1 26 ? 24.175  -0.603  -27.124 1.00 23.60 ? 26  GLN A CD  1 
ATOM   184  O OE1 . GLN A 1 26 ? 24.035  -1.603  -26.409 1.00 24.02 ? 26  GLN A OE1 1 
ATOM   185  N NE2 . GLN A 1 26 ? 24.832  -0.636  -28.279 1.00 19.51 ? 26  GLN A NE2 1 
ATOM   186  N N   . CYS A 1 27 ? 25.543  1.471   -22.535 1.00 6.47  ? 27  CYS A N   1 
ATOM   187  C CA  . CYS A 1 27 ? 25.718  2.084   -21.228 1.00 9.44  ? 27  CYS A CA  1 
ATOM   188  C C   . CYS A 1 27 ? 27.109  2.747   -21.190 1.00 9.32  ? 27  CYS A C   1 
ATOM   189  O O   . CYS A 1 27 ? 27.242  3.932   -20.868 1.00 10.79 ? 27  CYS A O   1 
ATOM   190  C CB  . CYS A 1 27 ? 25.614  1.030   -20.124 1.00 6.07  ? 27  CYS A CB  1 
ATOM   191  S SG  . CYS A 1 27 ? 26.170  1.613   -18.484 1.00 13.50 ? 27  CYS A SG  1 
ATOM   192  N N   . CYS A 1 28 ? 28.142  1.986   -21.544 1.00 8.52  ? 28  CYS A N   1 
ATOM   193  C CA  . CYS A 1 28 ? 29.508  2.516   -21.555 1.00 10.82 ? 28  CYS A CA  1 
ATOM   194  C C   . CYS A 1 28 ? 29.680  3.747   -22.456 1.00 11.30 ? 28  CYS A C   1 
ATOM   195  O O   . CYS A 1 28 ? 30.358  4.700   -22.081 1.00 15.88 ? 28  CYS A O   1 
ATOM   196  C CB  . CYS A 1 28 ? 30.491  1.423   -21.980 1.00 9.89  ? 28  CYS A CB  1 
ATOM   197  S SG  . CYS A 1 28 ? 30.680  0.066   -20.774 1.00 16.34 ? 28  CYS A SG  1 
ATOM   198  N N   . ASP A 1 29 ? 29.072  3.734   -23.638 1.00 11.35 ? 29  ASP A N   1 
ATOM   199  C CA  . ASP A 1 29 ? 29.174  4.872   -24.555 1.00 10.50 ? 29  ASP A CA  1 
ATOM   200  C C   . ASP A 1 29 ? 28.562  6.117   -23.944 1.00 9.66  ? 29  ASP A C   1 
ATOM   201  O O   . ASP A 1 29 ? 29.122  7.208   -24.051 1.00 13.04 ? 29  ASP A O   1 
ATOM   202  C CB  . ASP A 1 29 ? 28.464  4.578   -25.874 1.00 14.53 ? 29  ASP A CB  1 
ATOM   203  C CG  . ASP A 1 29 ? 29.258  3.651   -26.762 1.00 19.55 ? 29  ASP A CG  1 
ATOM   204  O OD1 . ASP A 1 29 ? 30.446  3.415   -26.455 1.00 22.89 ? 29  ASP A OD1 1 
ATOM   205  O OD2 . ASP A 1 29 ? 28.695  3.156   -27.759 1.00 27.00 ? 29  ASP A OD2 1 
ATOM   206  N N   . GLY A 1 30 ? 27.404  5.953   -23.313 1.00 8.95  ? 30  GLY A N   1 
ATOM   207  C CA  . GLY A 1 30 ? 26.743  7.080   -22.684 1.00 7.90  ? 30  GLY A CA  1 
ATOM   208  C C   . GLY A 1 30 ? 27.632  7.661   -21.606 1.00 7.73  ? 30  GLY A C   1 
ATOM   209  O O   . GLY A 1 30 ? 27.766  8.876   -21.477 1.00 11.78 ? 30  GLY A O   1 
ATOM   210  N N   . VAL A 1 31 ? 28.250  6.784   -20.828 1.00 9.83  ? 31  VAL A N   1 
ATOM   211  C CA  . VAL A 1 31 ? 29.131  7.222   -19.761 1.00 12.57 ? 31  VAL A CA  1 
ATOM   212  C C   . VAL A 1 31 ? 30.364  7.927   -20.334 1.00 15.15 ? 31  VAL A C   1 
ATOM   213  O O   . VAL A 1 31 ? 30.836  8.923   -19.788 1.00 17.04 ? 31  VAL A O   1 
ATOM   214  C CB  . VAL A 1 31 ? 29.561  6.019   -18.879 1.00 12.51 ? 31  VAL A CB  1 
ATOM   215  C CG1 . VAL A 1 31 ? 30.699  6.419   -17.950 1.00 14.38 ? 31  VAL A CG1 1 
ATOM   216  C CG2 . VAL A 1 31 ? 28.376  5.537   -18.061 1.00 10.27 ? 31  VAL A CG2 1 
ATOM   217  N N   . LYS A 1 32 ? 30.886  7.411   -21.440 1.00 16.39 ? 32  LYS A N   1 
ATOM   218  C CA  . LYS A 1 32 ? 32.057  8.011   -22.064 1.00 14.87 ? 32  LYS A CA  1 
ATOM   219  C C   . LYS A 1 32 ? 31.683  9.368   -22.632 1.00 12.92 ? 32  LYS A C   1 
ATOM   220  O O   . LYS A 1 32 ? 32.442  10.322  -22.539 1.00 10.67 ? 32  LYS A O   1 
ATOM   221  C CB  . LYS A 1 32 ? 32.590  7.101   -23.172 1.00 20.98 ? 32  LYS A CB  1 
ATOM   222  C CG  . LYS A 1 32 ? 33.585  6.066   -22.671 1.00 25.13 ? 32  LYS A CG  1 
ATOM   223  C CD  . LYS A 1 32 ? 34.029  5.128   -23.787 1.00 34.02 ? 32  LYS A CD  1 
ATOM   224  C CE  . LYS A 1 32 ? 34.695  3.868   -23.239 1.00 35.47 ? 32  LYS A CE  1 
ATOM   225  N NZ  . LYS A 1 32 ? 36.172  3.849   -23.476 1.00 38.73 ? 32  LYS A NZ  1 
ATOM   226  N N   . ASN A 1 33 ? 30.500  9.451   -23.223 1.00 13.86 ? 33  ASN A N   1 
ATOM   227  C CA  . ASN A 1 33 ? 30.034  10.706  -23.785 1.00 14.79 ? 33  ASN A CA  1 
ATOM   228  C C   . ASN A 1 33 ? 29.848  11.744  -22.677 1.00 13.33 ? 33  ASN A C   1 
ATOM   229  O O   . ASN A 1 33 ? 30.192  12.908  -22.845 1.00 16.26 ? 33  ASN A O   1 
ATOM   230  C CB  . ASN A 1 33 ? 28.720  10.484  -24.539 1.00 17.42 ? 33  ASN A CB  1 
ATOM   231  C CG  . ASN A 1 33 ? 28.935  9.878   -25.919 1.00 23.01 ? 33  ASN A CG  1 
ATOM   232  O OD1 . ASN A 1 33 ? 29.922  10.173  -26.596 1.00 26.88 ? 33  ASN A OD1 1 
ATOM   233  N ND2 . ASN A 1 33 ? 28.013  9.027   -26.341 1.00 26.35 ? 33  ASN A ND2 1 
ATOM   234  N N   . LEU A 1 34 ? 29.305  11.323  -21.543 1.00 12.92 ? 34  LEU A N   1 
ATOM   235  C CA  . LEU A 1 34 ? 29.112  12.241  -20.424 1.00 14.07 ? 34  LEU A CA  1 
ATOM   236  C C   . LEU A 1 34 ? 30.476  12.732  -19.924 1.00 13.74 ? 34  LEU A C   1 
ATOM   237  O O   . LEU A 1 34 ? 30.665  13.915  -19.626 1.00 13.80 ? 34  LEU A O   1 
ATOM   238  C CB  . LEU A 1 34 ? 28.358  11.537  -19.291 1.00 16.66 ? 34  LEU A CB  1 
ATOM   239  C CG  . LEU A 1 34 ? 28.005  12.389  -18.065 1.00 19.97 ? 34  LEU A CG  1 
ATOM   240  C CD1 . LEU A 1 34 ? 26.861  13.319  -18.416 1.00 20.04 ? 34  LEU A CD1 1 
ATOM   241  C CD2 . LEU A 1 34 ? 27.620  11.503  -16.898 1.00 19.93 ? 34  LEU A CD2 1 
ATOM   242  N N   . HIS A 1 35 ? 31.421  11.806  -19.829 1.00 12.90 ? 35  HIS A N   1 
ATOM   243  C CA  . HIS A 1 35 ? 32.767  12.113  -19.383 1.00 11.37 ? 35  HIS A CA  1 
ATOM   244  C C   . HIS A 1 35 ? 33.428  13.115  -20.328 1.00 13.81 ? 35  HIS A C   1 
ATOM   245  O O   . HIS A 1 35 ? 34.193  13.981  -19.904 1.00 11.26 ? 35  HIS A O   1 
ATOM   246  C CB  . HIS A 1 35 ? 33.588  10.832  -19.345 1.00 17.92 ? 35  HIS A CB  1 
ATOM   247  C CG  . HIS A 1 35 ? 34.960  11.014  -18.785 1.00 22.49 ? 35  HIS A CG  1 
ATOM   248  N ND1 . HIS A 1 35 ? 36.101  10.745  -19.506 1.00 25.91 ? 35  HIS A ND1 1 
ATOM   249  C CD2 . HIS A 1 35 ? 35.375  11.453  -17.571 1.00 24.54 ? 35  HIS A CD2 1 
ATOM   250  C CE1 . HIS A 1 35 ? 37.161  11.011  -18.766 1.00 25.93 ? 35  HIS A CE1 1 
ATOM   251  N NE2 . HIS A 1 35 ? 36.749  11.442  -17.588 1.00 29.40 ? 35  HIS A NE2 1 
ATOM   252  N N   . ASN A 1 36 ? 33.126  12.990  -21.615 1.00 15.45 ? 36  ASN A N   1 
ATOM   253  C CA  . ASN A 1 36 ? 33.682  13.876  -22.632 1.00 17.36 ? 36  ASN A CA  1 
ATOM   254  C C   . ASN A 1 36 ? 33.032  15.259  -22.637 1.00 17.64 ? 36  ASN A C   1 
ATOM   255  O O   . ASN A 1 36 ? 33.662  16.239  -23.041 1.00 17.11 ? 36  ASN A O   1 
ATOM   256  C CB  . ASN A 1 36 ? 33.514  13.252  -24.017 1.00 22.09 ? 36  ASN A CB  1 
ATOM   257  C CG  . ASN A 1 36 ? 34.637  12.297  -24.371 1.00 25.50 ? 36  ASN A CG  1 
ATOM   258  O OD1 . ASN A 1 36 ? 34.571  11.608  -25.385 1.00 31.12 ? 36  ASN A OD1 1 
ATOM   259  N ND2 . ASN A 1 36 ? 35.673  12.254  -23.540 1.00 29.77 ? 36  ASN A ND2 1 
ATOM   260  N N   . GLN A 1 37 ? 31.776  15.340  -22.195 1.00 15.57 ? 37  GLN A N   1 
ATOM   261  C CA  . GLN A 1 37 ? 31.053  16.613  -22.180 1.00 16.17 ? 37  GLN A CA  1 
ATOM   262  C C   . GLN A 1 37 ? 31.142  17.404  -20.876 1.00 14.64 ? 37  GLN A C   1 
ATOM   263  O O   . GLN A 1 37 ? 31.221  18.628  -20.907 1.00 15.95 ? 37  GLN A O   1 
ATOM   264  C CB  . GLN A 1 37 ? 29.583  16.386  -22.545 1.00 18.00 ? 37  GLN A CB  1 
ATOM   265  C CG  . GLN A 1 37 ? 29.372  16.090  -24.025 1.00 22.39 ? 37  GLN A CG  1 
ATOM   266  C CD  . GLN A 1 37 ? 27.954  15.683  -24.358 1.00 22.26 ? 37  GLN A CD  1 
ATOM   267  O OE1 . GLN A 1 37 ? 26.994  16.336  -23.940 1.00 21.22 ? 37  GLN A OE1 1 
ATOM   268  N NE2 . GLN A 1 37 ? 27.815  14.597  -25.114 1.00 18.86 ? 37  GLN A NE2 1 
ATOM   269  N N   . ALA A 1 38 ? 31.120  16.715  -19.736 1.00 14.88 ? 38  ALA A N   1 
ATOM   270  C CA  . ALA A 1 38 ? 31.209  17.388  -18.437 1.00 14.55 ? 38  ALA A CA  1 
ATOM   271  C C   . ALA A 1 38 ? 32.677  17.661  -18.097 1.00 15.12 ? 38  ALA A C   1 
ATOM   272  O O   . ALA A 1 38 ? 33.303  16.929  -17.327 1.00 13.74 ? 38  ALA A O   1 
ATOM   273  C CB  . ALA A 1 38 ? 30.562  16.518  -17.356 1.00 13.93 ? 38  ALA A CB  1 
ATOM   274  N N   . ARG A 1 39 ? 33.217  18.734  -18.668 1.00 14.94 ? 39  ARG A N   1 
ATOM   275  C CA  . ARG A 1 39 ? 34.619  19.075  -18.467 1.00 18.03 ? 39  ARG A CA  1 
ATOM   276  C C   . ARG A 1 39 ? 34.936  20.152  -17.433 1.00 14.98 ? 39  ARG A C   1 
ATOM   277  O O   . ARG A 1 39 ? 35.844  19.977  -16.633 1.00 14.58 ? 39  ARG A O   1 
ATOM   278  C CB  . ARG A 1 39 ? 35.248  19.444  -19.814 1.00 20.85 ? 39  ARG A CB  1 
ATOM   279  C CG  . ARG A 1 39 ? 35.201  18.306  -20.823 1.00 30.60 ? 39  ARG A CG  1 
ATOM   280  C CD  . ARG A 1 39 ? 36.140  18.541  -21.999 1.00 40.81 ? 39  ARG A CD  1 
ATOM   281  N NE  . ARG A 1 39 ? 36.319  17.337  -22.812 1.00 47.36 ? 39  ARG A NE  1 
ATOM   282  C CZ  . ARG A 1 39 ? 37.132  16.331  -22.495 1.00 50.92 ? 39  ARG A CZ  1 
ATOM   283  N NH1 . ARG A 1 39 ? 37.849  16.375  -21.374 1.00 53.51 ? 39  ARG A NH1 1 
ATOM   284  N NH2 . ARG A 1 39 ? 37.227  15.279  -23.300 1.00 51.29 ? 39  ARG A NH2 1 
ATOM   285  N N   . SER A 1 40 ? 34.212  21.264  -17.441 1.00 12.91 ? 40  SER A N   1 
ATOM   286  C CA  . SER A 1 40 ? 34.486  22.316  -16.467 1.00 14.76 ? 40  SER A CA  1 
ATOM   287  C C   . SER A 1 40 ? 33.985  21.887  -15.092 1.00 16.42 ? 40  SER A C   1 
ATOM   288  O O   . SER A 1 40 ? 33.122  21.012  -14.986 1.00 17.39 ? 40  SER A O   1 
ATOM   289  C CB  . SER A 1 40 ? 33.822  23.629  -16.891 1.00 11.16 ? 40  SER A CB  1 
ATOM   290  O OG  . SER A 1 40 ? 32.413  23.504  -16.915 1.00 17.15 ? 40  SER A OG  1 
ATOM   291  N N   . GLN A 1 41 ? 34.521  22.493  -14.037 1.00 16.66 ? 41  GLN A N   1 
ATOM   292  C CA  . GLN A 1 41 ? 34.124  22.140  -12.676 1.00 14.91 ? 41  GLN A CA  1 
ATOM   293  C C   . GLN A 1 41 ? 32.624  22.216  -12.470 1.00 13.23 ? 41  GLN A C   1 
ATOM   294  O O   . GLN A 1 41 ? 32.027  21.342  -11.844 1.00 10.10 ? 41  GLN A O   1 
ATOM   295  C CB  . GLN A 1 41 ? 34.804  23.053  -11.656 1.00 20.01 ? 41  GLN A CB  1 
ATOM   296  C CG  . GLN A 1 41 ? 34.666  22.577  -10.212 1.00 26.24 ? 41  GLN A CG  1 
ATOM   297  C CD  . GLN A 1 41 ? 33.460  23.181  -9.509  1.00 33.04 ? 41  GLN A CD  1 
ATOM   298  O OE1 . GLN A 1 41 ? 33.064  24.314  -9.792  1.00 35.01 ? 41  GLN A OE1 1 
ATOM   299  N NE2 . GLN A 1 41 ? 32.868  22.423  -8.587  1.00 32.88 ? 41  GLN A NE2 1 
ATOM   300  N N   . SER A 1 42 ? 32.013  23.267  -13.000 1.00 11.18 ? 42  SER A N   1 
ATOM   301  C CA  . SER A 1 42 ? 30.579  23.450  -12.846 1.00 14.79 ? 42  SER A CA  1 
ATOM   302  C C   . SER A 1 42 ? 29.782  22.306  -13.461 1.00 12.93 ? 42  SER A C   1 
ATOM   303  O O   . SER A 1 42 ? 28.804  21.841  -12.877 1.00 15.59 ? 42  SER A O   1 
ATOM   304  C CB  . SER A 1 42 ? 30.154  24.774  -13.478 1.00 14.55 ? 42  SER A CB  1 
ATOM   305  O OG  . SER A 1 42 ? 30.847  24.994  -14.691 1.00 25.72 ? 42  SER A OG  1 
ATOM   306  N N   . ASP A 1 43 ? 30.209  21.856  -14.638 1.00 12.13 ? 43  ASP A N   1 
ATOM   307  C CA  . ASP A 1 43 ? 29.536  20.767  -15.339 1.00 10.60 ? 43  ASP A CA  1 
ATOM   308  C C   . ASP A 1 43 ? 29.739  19.428  -14.636 1.00 9.08  ? 43  ASP A C   1 
ATOM   309  O O   . ASP A 1 43 ? 28.837  18.590  -14.604 1.00 11.83 ? 43  ASP A O   1 
ATOM   310  C CB  . ASP A 1 43 ? 30.033  20.685  -16.788 1.00 13.11 ? 43  ASP A CB  1 
ATOM   311  C CG  . ASP A 1 43 ? 29.251  21.601  -17.723 1.00 14.32 ? 43  ASP A CG  1 
ATOM   312  O OD1 . ASP A 1 43 ? 28.117  21.996  -17.367 1.00 16.49 ? 43  ASP A OD1 1 
ATOM   313  O OD2 . ASP A 1 43 ? 29.769  21.928  -18.807 1.00 16.50 ? 43  ASP A OD2 1 
ATOM   314  N N   . ARG A 1 44 ? 30.923  19.223  -14.075 1.00 6.95  ? 44  ARG A N   1 
ATOM   315  C CA  . ARG A 1 44 ? 31.199  17.984  -13.364 1.00 11.16 ? 44  ARG A CA  1 
ATOM   316  C C   . ARG A 1 44 ? 30.322  17.959  -12.113 1.00 9.79  ? 44  ARG A C   1 
ATOM   317  O O   . ARG A 1 44 ? 29.703  16.945  -11.793 1.00 7.48  ? 44  ARG A O   1 
ATOM   318  C CB  . ARG A 1 44 ? 32.676  17.907  -12.958 1.00 9.64  ? 44  ARG A CB  1 
ATOM   319  C CG  . ARG A 1 44 ? 33.658  18.170  -14.089 1.00 18.00 ? 44  ARG A CG  1 
ATOM   320  C CD  . ARG A 1 44 ? 34.920  17.335  -13.947 1.00 15.43 ? 44  ARG A CD  1 
ATOM   321  N NE  . ARG A 1 44 ? 35.761  17.772  -12.834 1.00 21.21 ? 44  ARG A NE  1 
ATOM   322  C CZ  . ARG A 1 44 ? 36.312  18.977  -12.728 1.00 21.50 ? 44  ARG A CZ  1 
ATOM   323  N NH1 . ARG A 1 44 ? 36.115  19.889  -13.665 1.00 19.25 ? 44  ARG A NH1 1 
ATOM   324  N NH2 . ARG A 1 44 ? 37.069  19.273  -11.680 1.00 22.38 ? 44  ARG A NH2 1 
ATOM   325  N N   . GLN A 1 45 ? 30.274  19.090  -11.416 1.00 9.05  ? 45  GLN A N   1 
ATOM   326  C CA  . GLN A 1 45 ? 29.482  19.191  -10.201 1.00 14.43 ? 45  GLN A CA  1 
ATOM   327  C C   . GLN A 1 45 ? 28.007  19.063  -10.525 1.00 13.59 ? 45  GLN A C   1 
ATOM   328  O O   . GLN A 1 45 ? 27.258  18.412  -9.802  1.00 14.59 ? 45  GLN A O   1 
ATOM   329  C CB  . GLN A 1 45 ? 29.738  20.524  -9.501  1.00 13.20 ? 45  GLN A CB  1 
ATOM   330  C CG  . GLN A 1 45 ? 28.899  20.712  -8.248  1.00 24.14 ? 45  GLN A CG  1 
ATOM   331  C CD  . GLN A 1 45 ? 29.426  21.808  -7.339  1.00 29.99 ? 45  GLN A CD  1 
ATOM   332  O OE1 . GLN A 1 45 ? 30.434  22.451  -7.640  1.00 35.05 ? 45  GLN A OE1 1 
ATOM   333  N NE2 . GLN A 1 45 ? 28.745  22.025  -6.215  1.00 32.99 ? 45  GLN A NE2 1 
ATOM   334  N N   . SER A 1 46 ? 27.599  19.699  -11.617 1.00 14.12 ? 46  SER A N   1 
ATOM   335  C CA  . SER A 1 46 ? 26.214  19.670  -12.069 1.00 11.73 ? 46  SER A CA  1 
ATOM   336  C C   . SER A 1 46 ? 25.832  18.236  -12.433 1.00 10.92 ? 46  SER A C   1 
ATOM   337  O O   . SER A 1 46 ? 24.799  17.718  -12.003 1.00 9.44  ? 46  SER A O   1 
ATOM   338  C CB  . SER A 1 46 ? 26.056  20.586  -13.292 1.00 10.07 ? 46  SER A CB  1 
ATOM   339  O OG  . SER A 1 46 ? 24.699  20.705  -13.669 1.00 25.63 ? 46  SER A OG  1 
ATOM   340  N N   . ALA A 1 47 ? 26.681  17.593  -13.222 1.00 12.28 ? 47  ALA A N   1 
ATOM   341  C CA  . ALA A 1 47 ? 26.437  16.219  -13.652 1.00 12.72 ? 47  ALA A CA  1 
ATOM   342  C C   . ALA A 1 47 ? 26.402  15.272  -12.456 1.00 11.52 ? 47  ALA A C   1 
ATOM   343  O O   . ALA A 1 47 ? 25.636  14.310  -12.429 1.00 10.56 ? 47  ALA A O   1 
ATOM   344  C CB  . ALA A 1 47 ? 27.523  15.782  -14.630 1.00 14.86 ? 47  ALA A CB  1 
ATOM   345  N N   . CYS A 1 48 ? 27.249  15.545  -11.473 1.00 9.59  ? 48  CYS A N   1 
ATOM   346  C CA  . CYS A 1 48 ? 27.316  14.721  -10.282 1.00 7.00  ? 48  CYS A CA  1 
ATOM   347  C C   . CYS A 1 48 ? 25.990  14.804  -9.526  1.00 9.04  ? 48  CYS A C   1 
ATOM   348  O O   . CYS A 1 48 ? 25.394  13.780  -9.184  1.00 12.02 ? 48  CYS A O   1 
ATOM   349  C CB  . CYS A 1 48 ? 28.485  15.192  -9.402  1.00 9.76  ? 48  CYS A CB  1 
ATOM   350  S SG  . CYS A 1 48 ? 28.707  14.291  -7.834  1.00 11.96 ? 48  CYS A SG  1 
ATOM   351  N N   . ASN A 1 49 ? 25.520  16.027  -9.287  1.00 11.22 ? 49  ASN A N   1 
ATOM   352  C CA  . ASN A 1 49 ? 24.268  16.239  -8.572  1.00 11.35 ? 49  ASN A CA  1 
ATOM   353  C C   . ASN A 1 49 ? 23.108  15.569  -9.297  1.00 12.39 ? 49  ASN A C   1 
ATOM   354  O O   . ASN A 1 49 ? 22.210  15.022  -8.660  1.00 11.55 ? 49  ASN A O   1 
ATOM   355  C CB  . ASN A 1 49 ? 23.980  17.736  -8.418  1.00 10.89 ? 49  ASN A CB  1 
ATOM   356  C CG  . ASN A 1 49 ? 24.746  18.363  -7.269  1.00 12.73 ? 49  ASN A CG  1 
ATOM   357  O OD1 . ASN A 1 49 ? 25.097  19.540  -7.311  1.00 16.24 ? 49  ASN A OD1 1 
ATOM   358  N ND2 . ASN A 1 49 ? 25.012  17.578  -6.238  1.00 14.01 ? 49  ASN A ND2 1 
ATOM   359  N N   . CYS A 1 50 ? 23.132  15.629  -10.626 1.00 7.85  ? 50  CYS A N   1 
ATOM   360  C CA  . CYS A 1 50 ? 22.096  15.022  -11.463 1.00 9.47  ? 50  CYS A CA  1 
ATOM   361  C C   . CYS A 1 50 ? 22.059  13.500  -11.290 1.00 8.35  ? 50  CYS A C   1 
ATOM   362  O O   . CYS A 1 50 ? 21.015  12.917  -10.998 1.00 11.12 ? 50  CYS A O   1 
ATOM   363  C CB  . CYS A 1 50 ? 22.364  15.341  -12.938 1.00 7.48  ? 50  CYS A CB  1 
ATOM   364  S SG  A CYS A 1 50 ? 21.034  14.844  -14.074 0.50 16.43 ? 50  CYS A SG  1 
ATOM   365  S SG  B CYS A 1 50 ? 21.889  17.003  -13.504 0.50 9.75  ? 50  CYS A SG  1 
ATOM   366  N N   . LEU A 1 51 ? 23.211  12.871  -11.482 1.00 6.54  ? 51  LEU A N   1 
ATOM   367  C CA  . LEU A 1 51 ? 23.340  11.425  -11.379 1.00 5.97  ? 51  LEU A CA  1 
ATOM   368  C C   . LEU A 1 51 ? 22.963  10.902  -10.002 1.00 7.99  ? 51  LEU A C   1 
ATOM   369  O O   . LEU A 1 51 ? 22.390  9.818   -9.873  1.00 9.58  ? 51  LEU A O   1 
ATOM   370  C CB  . LEU A 1 51 ? 24.773  11.015  -11.709 1.00 10.27 ? 51  LEU A CB  1 
ATOM   371  C CG  . LEU A 1 51 ? 25.176  11.095  -13.185 1.00 13.68 ? 51  LEU A CG  1 
ATOM   372  C CD1 . LEU A 1 51 ? 26.690  10.996  -13.314 1.00 10.93 ? 51  LEU A CD1 1 
ATOM   373  C CD2 . LEU A 1 51 ? 24.500  9.965   -13.969 1.00 12.24 ? 51  LEU A CD2 1 
ATOM   374  N N   . LYS A 1 52 ? 23.292  11.667  -8.966  1.00 9.56  ? 52  LYS A N   1 
ATOM   375  C CA  . LYS A 1 52 ? 22.967  11.247  -7.611  1.00 10.65 ? 52  LYS A CA  1 
ATOM   376  C C   . LYS A 1 52 ? 21.465  11.311  -7.406  1.00 10.43 ? 52  LYS A C   1 
ATOM   377  O O   . LYS A 1 52 ? 20.896  10.482  -6.712  1.00 10.71 ? 52  LYS A O   1 
ATOM   378  C CB  . LYS A 1 52 ? 23.657  12.132  -6.572  1.00 10.21 ? 52  LYS A CB  1 
ATOM   379  C CG  . LYS A 1 52 ? 23.412  11.665  -5.138  1.00 14.74 ? 52  LYS A CG  1 
ATOM   380  C CD  . LYS A 1 52 ? 23.991  12.629  -4.122  1.00 13.56 ? 52  LYS A CD  1 
ATOM   381  C CE  . LYS A 1 52 ? 25.515  12.670  -4.169  1.00 11.16 ? 52  LYS A CE  1 
ATOM   382  N NZ  . LYS A 1 52 ? 26.043  13.601  -3.124  1.00 11.57 ? 52  LYS A NZ  1 
ATOM   383  N N   . GLY A 1 53 ? 20.832  12.300  -8.024  1.00 10.95 ? 53  GLY A N   1 
ATOM   384  C CA  . GLY A 1 53 ? 19.396  12.448  -7.902  1.00 10.24 ? 53  GLY A CA  1 
ATOM   385  C C   . GLY A 1 53 ? 18.666  11.385  -8.693  1.00 12.58 ? 53  GLY A C   1 
ATOM   386  O O   . GLY A 1 53 ? 17.603  10.909  -8.287  1.00 15.91 ? 53  GLY A O   1 
ATOM   387  N N   . ILE A 1 54 ? 19.238  11.010  -9.831  1.00 12.80 ? 54  ILE A N   1 
ATOM   388  C CA  . ILE A 1 54 ? 18.645  9.991   -10.692 1.00 11.82 ? 54  ILE A CA  1 
ATOM   389  C C   . ILE A 1 54 ? 18.795  8.611   -10.054 1.00 15.61 ? 54  ILE A C   1 
ATOM   390  O O   . ILE A 1 54 ? 17.877  7.792   -10.099 1.00 14.81 ? 54  ILE A O   1 
ATOM   391  C CB  . ILE A 1 54 ? 19.332  9.979   -12.080 1.00 12.61 ? 54  ILE A CB  1 
ATOM   392  C CG1 . ILE A 1 54 ? 19.074  11.306  -12.806 1.00 12.68 ? 54  ILE A CG1 1 
ATOM   393  C CG2 . ILE A 1 54 ? 18.826  8.804   -12.907 1.00 9.79  ? 54  ILE A CG2 1 
ATOM   394  C CD1 . ILE A 1 54 ? 19.714  11.395  -14.189 1.00 10.56 ? 54  ILE A CD1 1 
ATOM   395  N N   . ALA A 1 55 ? 19.959  8.367   -9.457  1.00 14.76 ? 55  ALA A N   1 
ATOM   396  C CA  . ALA A 1 55 ? 20.246  7.092   -8.813  1.00 13.51 ? 55  ALA A CA  1 
ATOM   397  C C   . ALA A 1 55 ? 19.310  6.833   -7.644  1.00 14.98 ? 55  ALA A C   1 
ATOM   398  O O   . ALA A 1 55 ? 18.849  5.703   -7.454  1.00 15.47 ? 55  ALA A O   1 
ATOM   399  C CB  . ALA A 1 55 ? 21.689  7.060   -8.333  1.00 12.05 ? 55  ALA A CB  1 
ATOM   400  N N   . ARG A 1 56 ? 19.028  7.881   -6.870  1.00 15.03 ? 56  ARG A N   1 
ATOM   401  C CA  . ARG A 1 56 ? 18.154  7.773   -5.708  1.00 16.61 ? 56  ARG A CA  1 
ATOM   402  C C   . ARG A 1 56 ? 16.706  7.473   -6.063  1.00 18.33 ? 56  ARG A C   1 
ATOM   403  O O   . ARG A 1 56 ? 15.904  7.158   -5.185  1.00 23.21 ? 56  ARG A O   1 
ATOM   404  C CB  . ARG A 1 56 ? 18.207  9.057   -4.881  1.00 14.42 ? 56  ARG A CB  1 
ATOM   405  C CG  . ARG A 1 56 ? 19.441  9.185   -3.999  1.00 24.58 ? 56  ARG A CG  1 
ATOM   406  C CD  . ARG A 1 56 ? 19.453  8.147   -2.881  1.00 28.71 ? 56  ARG A CD  1 
ATOM   407  N NE  . ARG A 1 56 ? 20.600  8.308   -1.987  1.00 32.60 ? 56  ARG A NE  1 
ATOM   408  C CZ  . ARG A 1 56 ? 20.815  7.574   -0.898  1.00 34.75 ? 56  ARG A CZ  1 
ATOM   409  N NH1 . ARG A 1 56 ? 19.964  6.618   -0.552  1.00 32.19 ? 56  ARG A NH1 1 
ATOM   410  N NH2 . ARG A 1 56 ? 21.886  7.801   -0.148  1.00 37.73 ? 56  ARG A NH2 1 
ATOM   411  N N   . GLY A 1 57 ? 16.361  7.575   -7.341  1.00 17.56 ? 57  GLY A N   1 
ATOM   412  C CA  . GLY A 1 57 ? 14.997  7.301   -7.745  1.00 16.71 ? 57  GLY A CA  1 
ATOM   413  C C   . GLY A 1 57 ? 14.840  5.929   -8.367  1.00 17.60 ? 57  GLY A C   1 
ATOM   414  O O   . GLY A 1 57 ? 13.750  5.552   -8.796  1.00 16.95 ? 57  GLY A O   1 
ATOM   415  N N   . ILE A 1 58 ? 15.926  5.166   -8.413  1.00 16.57 ? 58  ILE A N   1 
ATOM   416  C CA  . ILE A 1 58 ? 15.875  3.842   -9.008  1.00 16.98 ? 58  ILE A CA  1 
ATOM   417  C C   . ILE A 1 58 ? 15.559  2.777   -7.968  1.00 19.86 ? 58  ILE A C   1 
ATOM   418  O O   . ILE A 1 58 ? 16.283  2.622   -6.979  1.00 19.94 ? 58  ILE A O   1 
ATOM   419  C CB  . ILE A 1 58 ? 17.212  3.498   -9.699  1.00 15.87 ? 58  ILE A CB  1 
ATOM   420  C CG1 . ILE A 1 58 ? 17.365  4.339   -10.970 1.00 16.12 ? 58  ILE A CG1 1 
ATOM   421  C CG2 . ILE A 1 58 ? 17.265  2.021   -10.046 1.00 14.42 ? 58  ILE A CG2 1 
ATOM   422  C CD1 . ILE A 1 58 ? 18.805  4.553   -11.386 1.00 15.77 ? 58  ILE A CD1 1 
ATOM   423  N N   . HIS A 1 59 ? 14.466  2.053   -8.194  1.00 18.24 ? 59  HIS A N   1 
ATOM   424  C CA  . HIS A 1 59 ? 14.066  0.998   -7.281  1.00 19.98 ? 59  HIS A CA  1 
ATOM   425  C C   . HIS A 1 59 ? 15.018  -0.178  -7.414  1.00 20.91 ? 59  HIS A C   1 
ATOM   426  O O   . HIS A 1 59 ? 15.417  -0.546  -8.515  1.00 20.12 ? 59  HIS A O   1 
ATOM   427  C CB  . HIS A 1 59 ? 12.642  0.533   -7.576  1.00 21.35 ? 59  HIS A CB  1 
ATOM   428  C CG  A HIS A 1 59 ? 12.037  -0.274  -6.472  0.50 17.62 ? 59  HIS A CG  1 
ATOM   429  C CG  B HIS A 1 59 ? 11.622  1.628   -7.519  0.50 20.80 ? 59  HIS A CG  1 
ATOM   430  N ND1 A HIS A 1 59 ? 11.834  0.229   -5.205  0.50 17.48 ? 59  HIS A ND1 1 
ATOM   431  N ND1 B HIS A 1 59 ? 11.950  2.949   -7.298  0.50 23.62 ? 59  HIS A ND1 1 
ATOM   432  C CD2 A HIS A 1 59 ? 11.599  -1.556  -6.443  0.50 14.80 ? 59  HIS A CD2 1 
ATOM   433  C CD2 B HIS A 1 59 ? 10.274  1.595   -7.650  0.50 21.54 ? 59  HIS A CD2 1 
ATOM   434  C CE1 A HIS A 1 59 ? 11.299  -0.709  -4.441  0.50 17.93 ? 59  HIS A CE1 1 
ATOM   435  C CE1 B HIS A 1 59 ? 10.853  3.679   -7.297  0.50 23.13 ? 59  HIS A CE1 1 
ATOM   436  N NE2 A HIS A 1 59 ? 11.147  -1.801  -5.171  0.50 17.37 ? 59  HIS A NE2 1 
ATOM   437  N NE2 B HIS A 1 59 ? 9.820   2.884   -7.509  0.50 23.22 ? 59  HIS A NE2 1 
ATOM   438  N N   . ASN A 1 60 ? 15.390  -0.754  -6.280  1.00 24.14 ? 60  ASN A N   1 
ATOM   439  C CA  . ASN A 1 60 ? 16.292  -1.892  -6.267  1.00 25.87 ? 60  ASN A CA  1 
ATOM   440  C C   . ASN A 1 60 ? 17.624  -1.582  -6.930  1.00 22.77 ? 60  ASN A C   1 
ATOM   441  O O   . ASN A 1 60 ? 18.159  -2.398  -7.680  1.00 23.68 ? 60  ASN A O   1 
ATOM   442  C CB  . ASN A 1 60 ? 15.632  -3.081  -6.963  1.00 31.04 ? 60  ASN A CB  1 
ATOM   443  C CG  . ASN A 1 60 ? 14.764  -3.882  -6.030  1.00 36.23 ? 60  ASN A CG  1 
ATOM   444  O OD1 . ASN A 1 60 ? 13.676  -4.321  -6.402  1.00 40.52 ? 60  ASN A OD1 1 
ATOM   445  N ND2 . ASN A 1 60 ? 15.236  -4.073  -4.800  1.00 40.35 ? 60  ASN A ND2 1 
ATOM   446  N N   . LEU A 1 61 ? 18.158  -0.398  -6.661  1.00 20.73 ? 61  LEU A N   1 
ATOM   447  C CA  . LEU A 1 61 ? 19.440  -0.023  -7.233  1.00 17.50 ? 61  LEU A CA  1 
ATOM   448  C C   . LEU A 1 61 ? 20.511  -0.886  -6.598  1.00 16.37 ? 61  LEU A C   1 
ATOM   449  O O   . LEU A 1 61 ? 20.480  -1.130  -5.396  1.00 16.29 ? 61  LEU A O   1 
ATOM   450  C CB  . LEU A 1 61 ? 19.760  1.442   -6.943  1.00 18.76 ? 61  LEU A CB  1 
ATOM   451  C CG  . LEU A 1 61 ? 21.229  1.839   -7.134  1.00 16.55 ? 61  LEU A CG  1 
ATOM   452  C CD1 . LEU A 1 61 ? 21.459  2.189   -8.593  1.00 19.88 ? 61  LEU A CD1 1 
ATOM   453  C CD2 . LEU A 1 61 ? 21.590  3.011   -6.243  1.00 16.66 ? 61  LEU A CD2 1 
ATOM   454  N N   . ASN A 1 62 ? 21.448  -1.360  -7.407  1.00 14.35 ? 62  ASN A N   1 
ATOM   455  C CA  . ASN A 1 62 ? 22.542  -2.166  -6.898  1.00 13.37 ? 62  ASN A CA  1 
ATOM   456  C C   . ASN A 1 62 ? 23.758  -1.254  -6.935  1.00 11.04 ? 62  ASN A C   1 
ATOM   457  O O   . ASN A 1 62 ? 24.355  -1.051  -7.990  1.00 11.63 ? 62  ASN A O   1 
ATOM   458  C CB  . ASN A 1 62 ? 22.765  -3.385  -7.794  1.00 17.76 ? 62  ASN A CB  1 
ATOM   459  C CG  . ASN A 1 62 ? 23.727  -4.388  -7.183  1.00 19.53 ? 62  ASN A CG  1 
ATOM   460  O OD1 . ASN A 1 62 ? 24.785  -4.018  -6.668  1.00 20.72 ? 62  ASN A OD1 1 
ATOM   461  N ND2 . ASN A 1 62 ? 23.361  -5.667  -7.235  1.00 18.21 ? 62  ASN A ND2 1 
ATOM   462  N N   . GLU A 1 63 ? 24.121  -0.696  -5.788  1.00 12.12 ? 63  GLU A N   1 
ATOM   463  C CA  . GLU A 1 63 ? 25.252  0.216   -5.734  1.00 13.90 ? 63  GLU A CA  1 
ATOM   464  C C   . GLU A 1 63 ? 26.571  -0.439  -6.121  1.00 14.54 ? 63  GLU A C   1 
ATOM   465  O O   . GLU A 1 63 ? 27.456  0.216   -6.666  1.00 17.58 ? 63  GLU A O   1 
ATOM   466  C CB  . GLU A 1 63 ? 25.367  0.843   -4.339  1.00 13.88 ? 63  GLU A CB  1 
ATOM   467  C CG  . GLU A 1 63 ? 26.418  1.943   -4.261  1.00 14.36 ? 63  GLU A CG  1 
ATOM   468  C CD  . GLU A 1 63 ? 26.322  2.760   -2.993  1.00 12.76 ? 63  GLU A CD  1 
ATOM   469  O OE1 . GLU A 1 63 ? 25.449  2.464   -2.148  1.00 13.06 ? 63  GLU A OE1 1 
ATOM   470  O OE2 . GLU A 1 63 ? 27.122  3.703   -2.844  1.00 5.02  ? 63  GLU A OE2 1 
ATOM   471  N N   . ASP A 1 64 ? 26.709  -1.727  -5.837  1.00 17.85 ? 64  ASP A N   1 
ATOM   472  C CA  . ASP A 1 64 ? 27.939  -2.432  -6.177  1.00 20.33 ? 64  ASP A CA  1 
ATOM   473  C C   . ASP A 1 64 ? 28.115  -2.472  -7.694  1.00 19.39 ? 64  ASP A C   1 
ATOM   474  O O   . ASP A 1 64 ? 29.223  -2.314  -8.208  1.00 21.08 ? 64  ASP A O   1 
ATOM   475  C CB  . ASP A 1 64 ? 27.911  -3.860  -5.623  1.00 23.49 ? 64  ASP A CB  1 
ATOM   476  C CG  . ASP A 1 64 ? 29.132  -4.680  -6.044  1.00 27.30 ? 64  ASP A CG  1 
ATOM   477  O OD1 . ASP A 1 64 ? 30.237  -4.412  -5.516  1.00 25.62 ? 64  ASP A OD1 1 
ATOM   478  O OD2 . ASP A 1 64 ? 28.983  -5.589  -6.895  1.00 23.59 ? 64  ASP A OD2 1 
ATOM   479  N N   . ASN A 1 65 ? 27.014  -2.684  -8.405  1.00 18.18 ? 65  ASN A N   1 
ATOM   480  C CA  . ASN A 1 65 ? 27.044  -2.749  -9.859  1.00 17.49 ? 65  ASN A CA  1 
ATOM   481  C C   . ASN A 1 65 ? 27.269  -1.369  -10.450 1.00 16.87 ? 65  ASN A C   1 
ATOM   482  O O   . ASN A 1 65 ? 28.032  -1.210  -11.400 1.00 17.33 ? 65  ASN A O   1 
ATOM   483  C CB  . ASN A 1 65 ? 25.730  -3.323  -10.387 1.00 19.08 ? 65  ASN A CB  1 
ATOM   484  C CG  . ASN A 1 65 ? 25.794  -4.823  -10.588 1.00 20.32 ? 65  ASN A CG  1 
ATOM   485  O OD1 . ASN A 1 65 ? 26.799  -5.461  -10.278 1.00 25.11 ? 65  ASN A OD1 1 
ATOM   486  N ND2 . ASN A 1 65 ? 24.724  -5.392  -11.114 1.00 20.66 ? 65  ASN A ND2 1 
ATOM   487  N N   . ALA A 1 66 ? 26.601  -0.376  -9.876  1.00 14.25 ? 66  ALA A N   1 
ATOM   488  C CA  . ALA A 1 66 ? 26.719  0.996   -10.341 1.00 14.32 ? 66  ALA A CA  1 
ATOM   489  C C   . ALA A 1 66 ? 28.142  1.497   -10.170 1.00 14.28 ? 66  ALA A C   1 
ATOM   490  O O   . ALA A 1 66 ? 28.672  2.195   -11.034 1.00 14.34 ? 66  ALA A O   1 
ATOM   491  C CB  . ALA A 1 66 ? 25.751  1.893   -9.573  1.00 13.67 ? 66  ALA A CB  1 
ATOM   492  N N   . ARG A 1 67 ? 28.757  1.129   -9.055  1.00 15.29 ? 67  ARG A N   1 
ATOM   493  C CA  . ARG A 1 67 ? 30.119  1.547   -8.742  1.00 17.32 ? 67  ARG A CA  1 
ATOM   494  C C   . ARG A 1 67 ? 31.155  0.994   -9.722  1.00 16.57 ? 67  ARG A C   1 
ATOM   495  O O   . ARG A 1 67 ? 32.146  1.659   -10.037 1.00 17.55 ? 67  ARG A O   1 
ATOM   496  C CB  . ARG A 1 67 ? 30.470  1.112   -7.314  1.00 19.72 ? 67  ARG A CB  1 
ATOM   497  C CG  . ARG A 1 67 ? 31.781  1.665   -6.805  1.00 30.37 ? 67  ARG A CG  1 
ATOM   498  C CD  . ARG A 1 67 ? 31.922  1.492   -5.295  1.00 39.67 ? 67  ARG A CD  1 
ATOM   499  N NE  . ARG A 1 67 ? 30.768  0.829   -4.692  1.00 48.10 ? 67  ARG A NE  1 
ATOM   500  C CZ  . ARG A 1 67 ? 30.051  1.329   -3.686  1.00 52.55 ? 67  ARG A CZ  1 
ATOM   501  N NH1 . ARG A 1 67 ? 30.364  2.508   -3.159  1.00 53.18 ? 67  ARG A NH1 1 
ATOM   502  N NH2 . ARG A 1 67 ? 29.021  0.646   -3.200  1.00 52.43 ? 67  ARG A NH2 1 
ATOM   503  N N   . SER A 1 68 ? 30.923  -0.221  -10.205 1.00 15.48 ? 68  SER A N   1 
ATOM   504  C CA  . SER A 1 68 ? 31.847  -0.866  -11.130 1.00 16.69 ? 68  SER A CA  1 
ATOM   505  C C   . SER A 1 68 ? 31.696  -0.456  -12.597 1.00 16.68 ? 68  SER A C   1 
ATOM   506  O O   . SER A 1 68 ? 32.442  -0.940  -13.456 1.00 21.36 ? 68  SER A O   1 
ATOM   507  C CB  . SER A 1 68 ? 31.712  -2.383  -11.017 1.00 17.93 ? 68  SER A CB  1 
ATOM   508  O OG  . SER A 1 68 ? 30.611  -2.845  -11.780 1.00 27.98 ? 68  SER A OG  1 
ATOM   509  N N   . ILE A 1 69 ? 30.751  0.430   -12.893 1.00 14.68 ? 69  ILE A N   1 
ATOM   510  C CA  . ILE A 1 69 ? 30.542  0.856   -14.274 1.00 11.49 ? 69  ILE A CA  1 
ATOM   511  C C   . ILE A 1 69 ? 31.764  1.557   -14.853 1.00 10.74 ? 69  ILE A C   1 
ATOM   512  O O   . ILE A 1 69 ? 32.228  1.188   -15.920 1.00 12.72 ? 69  ILE A O   1 
ATOM   513  C CB  . ILE A 1 69 ? 29.301  1.779   -14.410 1.00 12.47 ? 69  ILE A CB  1 
ATOM   514  C CG1 . ILE A 1 69 ? 28.040  0.922   -14.547 1.00 12.67 ? 69  ILE A CG1 1 
ATOM   515  C CG2 . ILE A 1 69 ? 29.442  2.683   -15.627 1.00 10.21 ? 69  ILE A CG2 1 
ATOM   516  C CD1 . ILE A 1 69 ? 26.771  1.660   -14.247 1.00 14.16 ? 69  ILE A CD1 1 
ATOM   517  N N   . PRO A 1 70 ? 32.294  2.585   -14.165 1.00 11.94 ? 70  PRO A N   1 
ATOM   518  C CA  . PRO A 1 70 ? 33.470  3.246   -14.736 1.00 12.32 ? 70  PRO A CA  1 
ATOM   519  C C   . PRO A 1 70 ? 34.635  2.292   -15.042 1.00 15.73 ? 70  PRO A C   1 
ATOM   520  O O   . PRO A 1 70 ? 35.139  2.266   -16.164 1.00 14.41 ? 70  PRO A O   1 
ATOM   521  C CB  . PRO A 1 70 ? 33.822  4.317   -13.700 1.00 14.22 ? 70  PRO A CB  1 
ATOM   522  C CG  . PRO A 1 70 ? 32.537  4.572   -12.981 1.00 8.07  ? 70  PRO A CG  1 
ATOM   523  C CD  . PRO A 1 70 ? 31.874  3.223   -12.903 1.00 11.18 ? 70  PRO A CD  1 
ATOM   524  N N   . PRO A 1 71 ? 35.078  1.496   -14.053 1.00 17.64 ? 71  PRO A N   1 
ATOM   525  C CA  . PRO A 1 71 ? 36.189  0.589   -14.364 1.00 18.75 ? 71  PRO A CA  1 
ATOM   526  C C   . PRO A 1 71 ? 35.870  -0.455  -15.436 1.00 17.72 ? 71  PRO A C   1 
ATOM   527  O O   . PRO A 1 71 ? 36.725  -0.778  -16.255 1.00 18.85 ? 71  PRO A O   1 
ATOM   528  C CB  . PRO A 1 71 ? 36.522  -0.060  -13.020 1.00 18.79 ? 71  PRO A CB  1 
ATOM   529  C CG  . PRO A 1 71 ? 35.291  0.097   -12.204 1.00 21.24 ? 71  PRO A CG  1 
ATOM   530  C CD  . PRO A 1 71 ? 34.648  1.381   -12.651 1.00 19.43 ? 71  PRO A CD  1 
ATOM   531  N N   . LYS A 1 72 ? 34.649  -0.976  -15.442 1.00 17.40 ? 72  LYS A N   1 
ATOM   532  C CA  . LYS A 1 72 ? 34.285  -1.987  -16.430 1.00 17.31 ? 72  LYS A CA  1 
ATOM   533  C C   . LYS A 1 72 ? 34.116  -1.404  -17.829 1.00 18.77 ? 72  LYS A C   1 
ATOM   534  O O   . LYS A 1 72 ? 34.246  -2.117  -18.828 1.00 23.03 ? 72  LYS A O   1 
ATOM   535  C CB  . LYS A 1 72 ? 33.008  -2.711  -16.000 1.00 15.11 ? 72  LYS A CB  1 
ATOM   536  C CG  . LYS A 1 72 ? 33.240  -3.806  -14.962 1.00 16.88 ? 72  LYS A CG  1 
ATOM   537  C CD  . LYS A 1 72 ? 31.978  -4.611  -14.719 1.00 11.00 ? 72  LYS A CD  1 
ATOM   538  C CE  . LYS A 1 72 ? 32.217  -5.722  -13.718 1.00 14.08 ? 72  LYS A CE  1 
ATOM   539  N NZ  . LYS A 1 72 ? 32.324  -7.046  -14.386 1.00 10.41 ? 72  LYS A NZ  1 
ATOM   540  N N   . CYS A 1 73 ? 33.847  -0.103  -17.902 1.00 16.87 ? 73  CYS A N   1 
ATOM   541  C CA  . CYS A 1 73 ? 33.660  0.580   -19.183 1.00 14.82 ? 73  CYS A CA  1 
ATOM   542  C C   . CYS A 1 73 ? 34.941  1.219   -19.695 1.00 15.80 ? 73  CYS A C   1 
ATOM   543  O O   . CYS A 1 73 ? 34.945  1.829   -20.761 1.00 19.41 ? 73  CYS A O   1 
ATOM   544  C CB  . CYS A 1 73 ? 32.593  1.669   -19.063 1.00 11.58 ? 73  CYS A CB  1 
ATOM   545  S SG  . CYS A 1 73 ? 30.896  1.033   -18.999 1.00 17.60 ? 73  CYS A SG  1 
ATOM   546  N N   . GLY A 1 74 ? 36.017  1.106   -18.929 1.00 16.80 ? 74  GLY A N   1 
ATOM   547  C CA  . GLY A 1 74 ? 37.277  1.686   -19.358 1.00 17.23 ? 74  GLY A CA  1 
ATOM   548  C C   . GLY A 1 74 ? 37.443  3.173   -19.099 1.00 17.43 ? 74  GLY A C   1 
ATOM   549  O O   . GLY A 1 74 ? 38.336  3.793   -19.665 1.00 19.25 ? 74  GLY A O   1 
ATOM   550  N N   . VAL A 1 75 ? 36.589  3.753   -18.262 1.00 21.65 ? 75  VAL A N   1 
ATOM   551  C CA  . VAL A 1 75 ? 36.692  5.174   -17.933 1.00 23.59 ? 75  VAL A CA  1 
ATOM   552  C C   . VAL A 1 75 ? 37.376  5.281   -16.570 1.00 26.15 ? 75  VAL A C   1 
ATOM   553  O O   . VAL A 1 75 ? 36.795  4.956   -15.533 1.00 26.94 ? 75  VAL A O   1 
ATOM   554  C CB  . VAL A 1 75 ? 35.298  5.861   -17.881 1.00 23.43 ? 75  VAL A CB  1 
ATOM   555  C CG1 A VAL A 1 75 ? 34.285  4.933   -17.272 0.50 24.96 ? 75  VAL A CG1 1 
ATOM   556  C CG1 B VAL A 1 75 ? 35.438  7.307   -17.413 0.50 23.68 ? 75  VAL A CG1 1 
ATOM   557  C CG2 A VAL A 1 75 ? 35.379  7.164   -17.091 0.50 23.67 ? 75  VAL A CG2 1 
ATOM   558  C CG2 B VAL A 1 75 ? 34.640  5.806   -19.252 0.50 21.01 ? 75  VAL A CG2 1 
ATOM   559  N N   . ASN A 1 76 ? 38.621  5.738   -16.582 1.00 28.18 ? 76  ASN A N   1 
ATOM   560  C CA  . ASN A 1 76 ? 39.388  5.851   -15.354 1.00 30.13 ? 76  ASN A CA  1 
ATOM   561  C C   . ASN A 1 76 ? 39.149  7.147   -14.608 1.00 25.90 ? 76  ASN A C   1 
ATOM   562  O O   . ASN A 1 76 ? 39.359  8.228   -15.144 1.00 29.19 ? 76  ASN A O   1 
ATOM   563  C CB  . ASN A 1 76 ? 40.881  5.713   -15.651 1.00 33.53 ? 76  ASN A CB  1 
ATOM   564  C CG  A ASN A 1 76 ? 41.183  4.563   -16.589 0.50 34.35 ? 76  ASN A CG  1 
ATOM   565  C CG  B ASN A 1 76 ? 41.736  5.921   -14.420 0.50 37.21 ? 76  ASN A CG  1 
ATOM   566  O OD1 A ASN A 1 76 ? 41.434  3.439   -16.152 0.50 36.39 ? 76  ASN A OD1 1 
ATOM   567  O OD1 B ASN A 1 76 ? 42.029  4.978   -13.686 0.50 38.33 ? 76  ASN A OD1 1 
ATOM   568  N ND2 A ASN A 1 76 ? 41.158  4.837   -17.889 0.50 33.83 ? 76  ASN A ND2 1 
ATOM   569  N ND2 B ASN A 1 76 ? 42.137  7.166   -14.183 0.50 39.85 ? 76  ASN A ND2 1 
ATOM   570  N N   . LEU A 1 77 ? 38.698  7.028   -13.366 1.00 23.14 ? 77  LEU A N   1 
ATOM   571  C CA  . LEU A 1 77 ? 38.458  8.191   -12.526 1.00 21.00 ? 77  LEU A CA  1 
ATOM   572  C C   . LEU A 1 77 ? 39.439  8.127   -11.358 1.00 19.80 ? 77  LEU A C   1 
ATOM   573  O O   . LEU A 1 77 ? 39.778  7.042   -10.874 1.00 19.22 ? 77  LEU A O   1 
ATOM   574  C CB  . LEU A 1 77 ? 37.012  8.199   -12.010 1.00 18.36 ? 77  LEU A CB  1 
ATOM   575  C CG  . LEU A 1 77 ? 35.908  8.246   -13.072 1.00 18.78 ? 77  LEU A CG  1 
ATOM   576  C CD1 . LEU A 1 77 ? 34.539  8.235   -12.402 1.00 15.85 ? 77  LEU A CD1 1 
ATOM   577  C CD2 . LEU A 1 77 ? 36.071  9.487   -13.927 1.00 17.79 ? 77  LEU A CD2 1 
ATOM   578  N N   . PRO A 1 78 ? 39.933  9.289   -10.906 1.00 17.26 ? 78  PRO A N   1 
ATOM   579  C CA  . PRO A 1 78 ? 40.881  9.332   -9.789  1.00 16.49 ? 78  PRO A CA  1 
ATOM   580  C C   . PRO A 1 78 ? 40.223  9.073   -8.425  1.00 19.39 ? 78  PRO A C   1 
ATOM   581  O O   . PRO A 1 78 ? 40.778  9.423   -7.386  1.00 20.43 ? 78  PRO A O   1 
ATOM   582  C CB  . PRO A 1 78 ? 41.477  10.733  -9.881  1.00 17.87 ? 78  PRO A CB  1 
ATOM   583  C CG  . PRO A 1 78 ? 40.411  11.547  -10.518 1.00 14.60 ? 78  PRO A CG  1 
ATOM   584  C CD  . PRO A 1 78 ? 39.636  10.631  -11.434 1.00 14.34 ? 78  PRO A CD  1 
ATOM   585  N N   . TYR A 1 79 ? 39.040  8.463   -8.433  1.00 20.32 ? 79  TYR A N   1 
ATOM   586  C CA  . TYR A 1 79 ? 38.321  8.167   -7.195  1.00 20.10 ? 79  TYR A CA  1 
ATOM   587  C C   . TYR A 1 79 ? 37.228  7.128   -7.417  1.00 21.14 ? 79  TYR A C   1 
ATOM   588  O O   . TYR A 1 79 ? 36.902  6.789   -8.555  1.00 20.34 ? 79  TYR A O   1 
ATOM   589  C CB  . TYR A 1 79 ? 37.691  9.444   -6.629  1.00 17.05 ? 79  TYR A CB  1 
ATOM   590  C CG  . TYR A 1 79 ? 36.871  10.220  -7.634  1.00 13.63 ? 79  TYR A CG  1 
ATOM   591  C CD1 . TYR A 1 79 ? 35.575  9.820   -7.961  1.00 15.02 ? 79  TYR A CD1 1 
ATOM   592  C CD2 . TYR A 1 79 ? 37.394  11.346  -8.269  1.00 11.24 ? 79  TYR A CD2 1 
ATOM   593  C CE1 . TYR A 1 79 ? 34.817  10.519  -8.898  1.00 13.42 ? 79  TYR A CE1 1 
ATOM   594  C CE2 . TYR A 1 79 ? 36.649  12.051  -9.203  1.00 15.07 ? 79  TYR A CE2 1 
ATOM   595  C CZ  . TYR A 1 79 ? 35.361  11.629  -9.515  1.00 14.44 ? 79  TYR A CZ  1 
ATOM   596  O OH  . TYR A 1 79 ? 34.626  12.303  -10.463 1.00 15.64 ? 79  TYR A OH  1 
ATOM   597  N N   . THR A 1 80 ? 36.670  6.626   -6.321  1.00 20.65 ? 80  THR A N   1 
ATOM   598  C CA  . THR A 1 80 ? 35.601  5.639   -6.393  1.00 20.54 ? 80  THR A CA  1 
ATOM   599  C C   . THR A 1 80 ? 34.278  6.382   -6.282  1.00 18.93 ? 80  THR A C   1 
ATOM   600  O O   . THR A 1 80 ? 34.210  7.421   -5.637  1.00 19.23 ? 80  THR A O   1 
ATOM   601  C CB  . THR A 1 80 ? 35.690  4.635   -5.240  1.00 20.76 ? 80  THR A CB  1 
ATOM   602  O OG1 . THR A 1 80 ? 36.981  4.013   -5.239  1.00 25.34 ? 80  THR A OG1 1 
ATOM   603  C CG2 . THR A 1 80 ? 34.620  3.579   -5.387  1.00 23.31 ? 80  THR A CG2 1 
ATOM   604  N N   . ILE A 1 81 ? 33.227  5.866   -6.906  1.00 19.64 ? 81  ILE A N   1 
ATOM   605  C CA  . ILE A 1 81 ? 31.936  6.537   -6.833  1.00 19.49 ? 81  ILE A CA  1 
ATOM   606  C C   . ILE A 1 81 ? 30.960  5.780   -5.952  1.00 19.78 ? 81  ILE A C   1 
ATOM   607  O O   . ILE A 1 81 ? 31.042  4.562   -5.815  1.00 20.76 ? 81  ILE A O   1 
ATOM   608  C CB  . ILE A 1 81 ? 31.293  6.739   -8.236  1.00 18.48 ? 81  ILE A CB  1 
ATOM   609  C CG1 . ILE A 1 81 ? 30.842  5.399   -8.806  1.00 18.59 ? 81  ILE A CG1 1 
ATOM   610  C CG2 . ILE A 1 81 ? 32.269  7.439   -9.172  1.00 18.75 ? 81  ILE A CG2 1 
ATOM   611  C CD1 . ILE A 1 81 ? 29.866  5.537   -9.943  1.00 20.49 ? 81  ILE A CD1 1 
ATOM   612  N N   . SER A 1 82 ? 30.037  6.517   -5.349  1.00 18.79 ? 82  SER A N   1 
ATOM   613  C CA  . SER A 1 82 ? 29.036  5.922   -4.480  1.00 19.18 ? 82  SER A CA  1 
ATOM   614  C C   . SER A 1 82 ? 27.875  6.886   -4.361  1.00 16.32 ? 82  SER A C   1 
ATOM   615  O O   . SER A 1 82 ? 27.940  7.999   -4.869  1.00 18.97 ? 82  SER A O   1 
ATOM   616  C CB  . SER A 1 82 ? 29.626  5.674   -3.096  1.00 17.98 ? 82  SER A CB  1 
ATOM   617  O OG  . SER A 1 82 ? 29.906  6.911   -2.475  1.00 16.12 ? 82  SER A OG  1 
ATOM   618  N N   . LEU A 1 83 ? 26.817  6.463   -3.681  1.00 14.27 ? 83  LEU A N   1 
ATOM   619  C CA  . LEU A 1 83 ? 25.650  7.311   -3.505  1.00 15.80 ? 83  LEU A CA  1 
ATOM   620  C C   . LEU A 1 83 ? 25.952  8.536   -2.645  1.00 15.65 ? 83  LEU A C   1 
ATOM   621  O O   . LEU A 1 83 ? 25.242  9.535   -2.715  1.00 18.51 ? 83  LEU A O   1 
ATOM   622  C CB  . LEU A 1 83 ? 24.514  6.515   -2.861  1.00 15.52 ? 83  LEU A CB  1 
ATOM   623  C CG  . LEU A 1 83 ? 23.527  5.821   -3.793  1.00 16.48 ? 83  LEU A CG  1 
ATOM   624  C CD1 . LEU A 1 83 ? 22.399  5.210   -2.973  1.00 19.05 ? 83  LEU A CD1 1 
ATOM   625  C CD2 . LEU A 1 83 ? 22.977  6.826   -4.787  1.00 20.14 ? 83  LEU A CD2 1 
ATOM   626  N N   . ASN A 1 84 ? 27.007  8.466   -1.840  1.00 14.30 ? 84  ASN A N   1 
ATOM   627  C CA  . ASN A 1 84 ? 27.349  9.584   -0.968  1.00 17.09 ? 84  ASN A CA  1 
ATOM   628  C C   . ASN A 1 84 ? 28.567  10.409  -1.410  1.00 18.25 ? 84  ASN A C   1 
ATOM   629  O O   . ASN A 1 84 ? 29.173  11.130  -0.616  1.00 20.01 ? 84  ASN A O   1 
ATOM   630  C CB  . ASN A 1 84 ? 27.531  9.071   0.470   1.00 19.65 ? 84  ASN A CB  1 
ATOM   631  C CG  A ASN A 1 84 ? 28.731  8.144   0.620   0.50 22.05 ? 84  ASN A CG  1 
ATOM   632  C CG  B ASN A 1 84 ? 26.491  8.030   0.850   0.50 19.86 ? 84  ASN A CG  1 
ATOM   633  O OD1 A ASN A 1 84 ? 29.552  8.010   -0.287  0.50 23.25 ? 84  ASN A OD1 1 
ATOM   634  O OD1 B ASN A 1 84 ? 26.824  6.950   1.338   0.50 24.96 ? 84  ASN A OD1 1 
ATOM   635  N ND2 A ASN A 1 84 ? 28.835  7.501   1.779   0.50 23.91 ? 84  ASN A ND2 1 
ATOM   636  N ND2 B ASN A 1 84 ? 25.223  8.350   0.623   0.50 20.10 ? 84  ASN A ND2 1 
ATOM   637  N N   . ILE A 1 85 ? 28.910  10.310  -2.686  1.00 16.75 ? 85  ILE A N   1 
ATOM   638  C CA  . ILE A 1 85 ? 30.035  11.050  -3.248  1.00 15.80 ? 85  ILE A CA  1 
ATOM   639  C C   . ILE A 1 85 ? 29.805  12.549  -3.051  1.00 15.07 ? 85  ILE A C   1 
ATOM   640  O O   . ILE A 1 85 ? 28.684  13.025  -3.198  1.00 16.46 ? 85  ILE A O   1 
ATOM   641  C CB  . ILE A 1 85 ? 30.164  10.752  -4.757  1.00 16.73 ? 85  ILE A CB  1 
ATOM   642  C CG1 . ILE A 1 85 ? 31.431  11.394  -5.320  1.00 16.54 ? 85  ILE A CG1 1 
ATOM   643  C CG2 . ILE A 1 85 ? 28.917  11.252  -5.490  1.00 13.30 ? 85  ILE A CG2 1 
ATOM   644  C CD1 . ILE A 1 85 ? 31.741  10.978  -6.752  1.00 14.23 ? 85  ILE A CD1 1 
ATOM   645  N N   . ASP A 1 86 ? 30.854  13.295  -2.717  1.00 14.10 ? 86  ASP A N   1 
ATOM   646  C CA  . ASP A 1 86 ? 30.723  14.741  -2.524  1.00 14.38 ? 86  ASP A CA  1 
ATOM   647  C C   . ASP A 1 86 ? 30.917  15.405  -3.883  1.00 13.77 ? 86  ASP A C   1 
ATOM   648  O O   . ASP A 1 86 ? 32.020  15.396  -4.437  1.00 14.99 ? 86  ASP A O   1 
ATOM   649  C CB  . ASP A 1 86 ? 31.774  15.236  -1.524  1.00 17.89 ? 86  ASP A CB  1 
ATOM   650  C CG  . ASP A 1 86 ? 31.939  16.746  -1.535  1.00 21.80 ? 86  ASP A CG  1 
ATOM   651  O OD1 . ASP A 1 86 ? 30.956  17.485  -1.782  1.00 23.00 ? 86  ASP A OD1 1 
ATOM   652  O OD2 . ASP A 1 86 ? 33.075  17.199  -1.287  1.00 31.92 ? 86  ASP A OD2 1 
ATOM   653  N N   . CYS A 1 87 ? 29.842  15.981  -4.417  1.00 12.68 ? 87  CYS A N   1 
ATOM   654  C CA  . CYS A 1 87 ? 29.874  16.608  -5.734  1.00 11.99 ? 87  CYS A CA  1 
ATOM   655  C C   . CYS A 1 87 ? 30.664  17.891  -5.859  1.00 13.25 ? 87  CYS A C   1 
ATOM   656  O O   . CYS A 1 87 ? 30.933  18.338  -6.971  1.00 15.20 ? 87  CYS A O   1 
ATOM   657  C CB  . CYS A 1 87 ? 28.451  16.851  -6.222  1.00 9.02  ? 87  CYS A CB  1 
ATOM   658  S SG  . CYS A 1 87 ? 27.545  15.303  -6.500  1.00 13.27 ? 87  CYS A SG  1 
ATOM   659  N N   . SER A 1 88 ? 31.037  18.490  -4.734  1.00 15.68 ? 88  SER A N   1 
ATOM   660  C CA  . SER A 1 88 ? 31.789  19.736  -4.767  1.00 14.25 ? 88  SER A CA  1 
ATOM   661  C C   . SER A 1 88 ? 33.287  19.513  -4.949  1.00 15.88 ? 88  SER A C   1 
ATOM   662  O O   . SER A 1 88 ? 34.050  20.474  -5.012  1.00 18.83 ? 88  SER A O   1 
ATOM   663  C CB  . SER A 1 88 ? 31.538  20.532  -3.485  1.00 14.09 ? 88  SER A CB  1 
ATOM   664  O OG  . SER A 1 88 ? 32.252  19.968  -2.400  1.00 20.13 ? 88  SER A OG  1 
ATOM   665  N N   . ARG A 1 89 ? 33.708  18.250  -5.040  1.00 17.49 ? 89  ARG A N   1 
ATOM   666  C CA  . ARG A 1 89 ? 35.124  17.932  -5.210  1.00 14.38 ? 89  ARG A CA  1 
ATOM   667  C C   . ARG A 1 89 ? 35.403  17.013  -6.396  1.00 15.73 ? 89  ARG A C   1 
ATOM   668  O O   . ARG A 1 89 ? 36.525  16.523  -6.546  1.00 15.21 ? 89  ARG A O   1 
ATOM   669  C CB  . ARG A 1 89 ? 35.682  17.276  -3.941  1.00 19.52 ? 89  ARG A CB  1 
ATOM   670  C CG  . ARG A 1 89 ? 35.482  18.068  -2.668  1.00 20.44 ? 89  ARG A CG  1 
ATOM   671  C CD  . ARG A 1 89 ? 36.352  19.310  -2.634  1.00 27.19 ? 89  ARG A CD  1 
ATOM   672  N NE  . ARG A 1 89 ? 35.593  20.452  -2.138  1.00 37.75 ? 89  ARG A NE  1 
ATOM   673  C CZ  . ARG A 1 89 ? 36.136  21.555  -1.637  1.00 40.63 ? 89  ARG A CZ  1 
ATOM   674  N NH1 . ARG A 1 89 ? 37.455  21.671  -1.566  1.00 44.82 ? 89  ARG A NH1 1 
ATOM   675  N NH2 . ARG A 1 89 ? 35.358  22.537  -1.197  1.00 44.13 ? 89  ARG A NH2 1 
ATOM   676  N N   . VAL A 1 90 ? 34.394  16.764  -7.225  1.00 11.37 ? 90  VAL A N   1 
ATOM   677  C CA  . VAL A 1 90 ? 34.574  15.902  -8.389  1.00 13.00 ? 90  VAL A CA  1 
ATOM   678  C C   . VAL A 1 90 ? 35.254  16.679  -9.524  1.00 15.34 ? 90  VAL A C   1 
ATOM   679  O O   . VAL A 1 90 ? 35.790  16.047  -10.464 1.00 13.78 ? 90  VAL A O   1 
ATOM   680  C CB  . VAL A 1 90 ? 33.220  15.352  -8.885  1.00 10.92 ? 90  VAL A CB  1 
ATOM   681  C CG1 . VAL A 1 90 ? 32.678  14.340  -7.888  1.00 8.90  ? 90  VAL A CG1 1 
ATOM   682  C CG2 . VAL A 1 90 ? 32.233  16.497  -9.089  1.00 10.50 ? 90  VAL A CG2 1 
ATOM   683  O OXT . VAL A 1 90 ? 35.255  17.925  -9.447  1.00 14.21 ? 90  VAL A OXT 1 
ATOM   684  N N   . ILE B 1 1  ? -29.578 -5.891  27.157  1.00 28.81 ? 1   ILE B N   1 
ATOM   685  C CA  . ILE B 1 1  ? -30.909 -5.502  26.604  1.00 29.43 ? 1   ILE B CA  1 
ATOM   686  C C   . ILE B 1 1  ? -31.780 -6.722  26.343  1.00 27.35 ? 1   ILE B C   1 
ATOM   687  O O   . ILE B 1 1  ? -31.296 -7.851  26.328  1.00 24.69 ? 1   ILE B O   1 
ATOM   688  C CB  . ILE B 1 1  ? -30.757 -4.726  25.287  1.00 29.98 ? 1   ILE B CB  1 
ATOM   689  C CG1 . ILE B 1 1  ? -29.581 -5.285  24.492  1.00 33.93 ? 1   ILE B CG1 1 
ATOM   690  C CG2 . ILE B 1 1  ? -30.544 -3.250  25.579  1.00 34.38 ? 1   ILE B CG2 1 
ATOM   691  C CD1 . ILE B 1 1  ? -29.190 -4.422  23.303  1.00 39.31 ? 1   ILE B CD1 1 
ATOM   692  N N   . ASP B 1 2  ? -33.072 -6.492  26.140  1.00 26.89 ? 2   ASP B N   1 
ATOM   693  C CA  . ASP B 1 2  ? -33.989 -7.590  25.877  1.00 24.06 ? 2   ASP B CA  1 
ATOM   694  C C   . ASP B 1 2  ? -33.791 -8.169  24.485  1.00 21.34 ? 2   ASP B C   1 
ATOM   695  O O   . ASP B 1 2  ? -33.721 -7.445  23.493  1.00 22.09 ? 2   ASP B O   1 
ATOM   696  C CB  . ASP B 1 2  ? -35.436 -7.130  26.035  1.00 27.26 ? 2   ASP B CB  1 
ATOM   697  C CG  . ASP B 1 2  ? -36.397 -8.291  26.201  1.00 25.85 ? 2   ASP B CG  1 
ATOM   698  O OD1 . ASP B 1 2  ? -36.628 -9.024  25.220  1.00 26.56 ? 2   ASP B OD1 1 
ATOM   699  O OD2 . ASP B 1 2  ? -36.922 -8.473  27.320  1.00 35.50 ? 2   ASP B OD2 1 
ATOM   700  N N   . CYS B 1 3  ? -33.712 -9.489  24.422  1.00 19.26 ? 3   CYS B N   1 
ATOM   701  C CA  . CYS B 1 3  ? -33.516 -10.197 23.170  1.00 17.40 ? 3   CYS B CA  1 
ATOM   702  C C   . CYS B 1 3  ? -34.681 -10.030 22.192  1.00 15.10 ? 3   CYS B C   1 
ATOM   703  O O   . CYS B 1 3  ? -34.478 -9.930  20.981  1.00 13.83 ? 3   CYS B O   1 
ATOM   704  C CB  . CYS B 1 3  ? -33.294 -11.672 23.465  1.00 18.19 ? 3   CYS B CB  1 
ATOM   705  S SG  A CYS B 1 3  ? -32.218 -12.538 22.287  0.50 21.35 ? 3   CYS B SG  1 
ATOM   706  S SG  B CYS B 1 3  ? -32.101 -12.470 22.354  0.50 16.61 ? 3   CYS B SG  1 
ATOM   707  N N   . GLY B 1 4  ? -35.904 -10.025 22.708  1.00 14.54 ? 4   GLY B N   1 
ATOM   708  C CA  . GLY B 1 4  ? -37.046 -9.849  21.832  1.00 13.55 ? 4   GLY B CA  1 
ATOM   709  C C   . GLY B 1 4  ? -36.996 -8.450  21.250  1.00 11.61 ? 4   GLY B C   1 
ATOM   710  O O   . GLY B 1 4  ? -37.456 -8.199  20.143  1.00 15.49 ? 4   GLY B O   1 
ATOM   711  N N   . HIS B 1 5  ? -36.424 -7.525  22.007  1.00 13.98 ? 5   HIS B N   1 
ATOM   712  C CA  . HIS B 1 5  ? -36.301 -6.153  21.555  1.00 14.15 ? 5   HIS B CA  1 
ATOM   713  C C   . HIS B 1 5  ? -35.247 -6.086  20.455  1.00 12.64 ? 5   HIS B C   1 
ATOM   714  O O   . HIS B 1 5  ? -35.452 -5.442  19.432  1.00 15.49 ? 5   HIS B O   1 
ATOM   715  C CB  . HIS B 1 5  ? -35.904 -5.247  22.716  1.00 17.32 ? 5   HIS B CB  1 
ATOM   716  C CG  . HIS B 1 5  ? -35.810 -3.805  22.337  1.00 21.69 ? 5   HIS B CG  1 
ATOM   717  N ND1 . HIS B 1 5  ? -34.696 -3.038  22.605  1.00 22.54 ? 5   HIS B ND1 1 
ATOM   718  C CD2 . HIS B 1 5  ? -36.680 -2.996  21.692  1.00 22.37 ? 5   HIS B CD2 1 
ATOM   719  C CE1 . HIS B 1 5  ? -34.885 -1.817  22.139  1.00 24.15 ? 5   HIS B CE1 1 
ATOM   720  N NE2 . HIS B 1 5  ? -36.082 -1.764  21.579  1.00 23.54 ? 5   HIS B NE2 1 
ATOM   721  N N   . VAL B 1 6  ? -34.115 -6.750  20.671  1.00 13.15 ? 6   VAL B N   1 
ATOM   722  C CA  . VAL B 1 6  ? -33.054 -6.783  19.671  1.00 13.12 ? 6   VAL B CA  1 
ATOM   723  C C   . VAL B 1 6  ? -33.635 -7.378  18.380  1.00 13.78 ? 6   VAL B C   1 
ATOM   724  O O   . VAL B 1 6  ? -33.400 -6.875  17.284  1.00 13.43 ? 6   VAL B O   1 
ATOM   725  C CB  . VAL B 1 6  ? -31.875 -7.656  20.152  1.00 10.51 ? 6   VAL B CB  1 
ATOM   726  C CG1 . VAL B 1 6  ? -30.990 -8.058  18.975  1.00 9.78  ? 6   VAL B CG1 1 
ATOM   727  C CG2 . VAL B 1 6  ? -31.075 -6.894  21.182  1.00 9.02  ? 6   VAL B CG2 1 
ATOM   728  N N   . ASP B 1 7  ? -34.394 -8.457  18.529  1.00 13.12 ? 7   ASP B N   1 
ATOM   729  C CA  . ASP B 1 7  ? -35.029 -9.128  17.406  1.00 17.39 ? 7   ASP B CA  1 
ATOM   730  C C   . ASP B 1 7  ? -35.934 -8.175  16.609  1.00 18.15 ? 7   ASP B C   1 
ATOM   731  O O   . ASP B 1 7  ? -35.942 -8.204  15.378  1.00 19.43 ? 7   ASP B O   1 
ATOM   732  C CB  . ASP B 1 7  ? -35.843 -10.324 17.921  1.00 22.46 ? 7   ASP B CB  1 
ATOM   733  C CG  . ASP B 1 7  ? -36.465 -11.134 16.806  1.00 20.85 ? 7   ASP B CG  1 
ATOM   734  O OD1 . ASP B 1 7  ? -35.769 -11.429 15.817  1.00 25.12 ? 7   ASP B OD1 1 
ATOM   735  O OD2 . ASP B 1 7  ? -37.653 -11.482 16.923  1.00 30.18 ? 7   ASP B OD2 1 
ATOM   736  N N   . SER B 1 8  ? -36.693 -7.337  17.313  1.00 16.62 ? 8   SER B N   1 
ATOM   737  C CA  . SER B 1 8  ? -37.585 -6.371  16.672  1.00 15.65 ? 8   SER B CA  1 
ATOM   738  C C   . SER B 1 8  ? -36.812 -5.370  15.833  1.00 14.31 ? 8   SER B C   1 
ATOM   739  O O   . SER B 1 8  ? -37.205 -5.038  14.716  1.00 19.30 ? 8   SER B O   1 
ATOM   740  C CB  . SER B 1 8  ? -38.386 -5.606  17.723  1.00 13.56 ? 8   SER B CB  1 
ATOM   741  O OG  . SER B 1 8  ? -39.326 -6.460  18.343  1.00 24.27 ? 8   SER B OG  1 
ATOM   742  N N   . LEU B 1 9  ? -35.708 -4.888  16.385  1.00 13.01 ? 9   LEU B N   1 
ATOM   743  C CA  . LEU B 1 9  ? -34.868 -3.912  15.709  1.00 13.10 ? 9   LEU B CA  1 
ATOM   744  C C   . LEU B 1 9  ? -34.254 -4.416  14.399  1.00 13.88 ? 9   LEU B C   1 
ATOM   745  O O   . LEU B 1 9  ? -34.286 -3.720  13.387  1.00 15.65 ? 9   LEU B O   1 
ATOM   746  C CB  . LEU B 1 9  ? -33.754 -3.455  16.657  1.00 13.66 ? 9   LEU B CB  1 
ATOM   747  C CG  . LEU B 1 9  ? -34.153 -2.474  17.765  1.00 16.27 ? 9   LEU B CG  1 
ATOM   748  C CD1 . LEU B 1 9  ? -32.970 -2.247  18.703  1.00 14.24 ? 9   LEU B CD1 1 
ATOM   749  C CD2 . LEU B 1 9  ? -34.594 -1.150  17.142  1.00 13.73 ? 9   LEU B CD2 1 
ATOM   750  N N   . VAL B 1 10 ? -33.708 -5.627  14.417  1.00 14.87 ? 10  VAL B N   1 
ATOM   751  C CA  . VAL B 1 10 ? -33.057 -6.197  13.239  1.00 14.10 ? 10  VAL B CA  1 
ATOM   752  C C   . VAL B 1 10 ? -33.967 -7.021  12.317  1.00 16.73 ? 10  VAL B C   1 
ATOM   753  O O   . VAL B 1 10 ? -33.545 -7.451  11.237  1.00 15.64 ? 10  VAL B O   1 
ATOM   754  C CB  . VAL B 1 10 ? -31.848 -7.072  13.662  1.00 12.31 ? 10  VAL B CB  1 
ATOM   755  C CG1 . VAL B 1 10 ? -30.830 -6.223  14.402  1.00 4.50  ? 10  VAL B CG1 1 
ATOM   756  C CG2 . VAL B 1 10 ? -32.317 -8.226  14.541  1.00 8.33  ? 10  VAL B CG2 1 
ATOM   757  N N   . ARG B 1 11 ? -35.212 -7.232  12.732  1.00 17.99 ? 11  ARG B N   1 
ATOM   758  C CA  . ARG B 1 11 ? -36.159 -8.004  11.932  1.00 20.40 ? 11  ARG B CA  1 
ATOM   759  C C   . ARG B 1 11 ? -36.174 -7.625  10.442  1.00 19.37 ? 11  ARG B C   1 
ATOM   760  O O   . ARG B 1 11 ? -36.171 -8.493  9.573   1.00 18.03 ? 11  ARG B O   1 
ATOM   761  C CB  . ARG B 1 11 ? -37.573 -7.868  12.511  1.00 25.06 ? 11  ARG B CB  1 
ATOM   762  C CG  . ARG B 1 11 ? -38.561 -8.892  11.971  1.00 32.57 ? 11  ARG B CG  1 
ATOM   763  C CD  . ARG B 1 11 ? -39.687 -9.147  12.953  1.00 39.43 ? 11  ARG B CD  1 
ATOM   764  N NE  . ARG B 1 11 ? -39.663 -10.514 13.467  1.00 49.71 ? 11  ARG B NE  1 
ATOM   765  C CZ  . ARG B 1 11 ? -39.755 -10.829 14.755  1.00 52.79 ? 11  ARG B CZ  1 
ATOM   766  N NH1 . ARG B 1 11 ? -39.877 -9.870  15.666  1.00 51.81 ? 11  ARG B NH1 1 
ATOM   767  N NH2 . ARG B 1 11 ? -39.723 -12.101 15.132  1.00 54.74 ? 11  ARG B NH2 1 
ATOM   768  N N   . PRO B 1 12 ? -36.215 -6.322  10.125  1.00 18.14 ? 12  PRO B N   1 
ATOM   769  C CA  . PRO B 1 12 ? -36.225 -5.948  8.702   1.00 18.43 ? 12  PRO B CA  1 
ATOM   770  C C   . PRO B 1 12 ? -34.981 -6.330  7.876   1.00 17.53 ? 12  PRO B C   1 
ATOM   771  O O   . PRO B 1 12 ? -34.935 -6.075  6.666   1.00 15.80 ? 12  PRO B O   1 
ATOM   772  C CB  . PRO B 1 12 ? -36.466 -4.435  8.714   1.00 16.70 ? 12  PRO B CB  1 
ATOM   773  C CG  . PRO B 1 12 ? -36.193 -3.978  10.102  1.00 21.86 ? 12  PRO B CG  1 
ATOM   774  C CD  . PRO B 1 12 ? -36.298 -5.157  11.026  1.00 20.77 ? 12  PRO B CD  1 
ATOM   775  N N   . CYS B 1 13 ? -33.982 -6.940  8.513   1.00 14.70 ? 13  CYS B N   1 
ATOM   776  C CA  . CYS B 1 13 ? -32.773 -7.349  7.796   1.00 15.40 ? 13  CYS B CA  1 
ATOM   777  C C   . CYS B 1 13 ? -32.893 -8.797  7.335   1.00 15.00 ? 13  CYS B C   1 
ATOM   778  O O   . CYS B 1 13 ? -31.960 -9.340  6.748   1.00 21.28 ? 13  CYS B O   1 
ATOM   779  C CB  . CYS B 1 13 ? -31.535 -7.235  8.689   1.00 12.50 ? 13  CYS B CB  1 
ATOM   780  S SG  . CYS B 1 13 ? -31.217 -5.603  9.427   1.00 14.71 ? 13  CYS B SG  1 
ATOM   781  N N   . LEU B 1 14 ? -34.039 -9.420  7.595   1.00 15.12 ? 14  LEU B N   1 
ATOM   782  C CA  . LEU B 1 14 ? -34.249 -10.820 7.241   1.00 13.57 ? 14  LEU B CA  1 
ATOM   783  C C   . LEU B 1 14 ? -34.076 -11.182 5.768   1.00 13.19 ? 14  LEU B C   1 
ATOM   784  O O   . LEU B 1 14 ? -33.303 -12.088 5.448   1.00 14.98 ? 14  LEU B O   1 
ATOM   785  C CB  . LEU B 1 14 ? -35.636 -11.282 7.713   1.00 14.10 ? 14  LEU B CB  1 
ATOM   786  C CG  . LEU B 1 14 ? -35.816 -12.684 8.321   1.00 15.44 ? 14  LEU B CG  1 
ATOM   787  C CD1 . LEU B 1 14 ? -37.139 -13.251 7.841   1.00 15.01 ? 14  LEU B CD1 1 
ATOM   788  C CD2 . LEU B 1 14 ? -34.674 -13.618 7.939   1.00 13.97 ? 14  LEU B CD2 1 
ATOM   789  N N   . SER B 1 15 ? -34.769 -10.484 4.870   1.00 11.91 ? 15  SER B N   1 
ATOM   790  C CA  . SER B 1 15 ? -34.662 -10.813 3.447   1.00 14.08 ? 15  SER B CA  1 
ATOM   791  C C   . SER B 1 15 ? -33.246 -10.679 2.910   1.00 12.56 ? 15  SER B C   1 
ATOM   792  O O   . SER B 1 15 ? -32.834 -11.446 2.038   1.00 13.68 ? 15  SER B O   1 
ATOM   793  C CB  . SER B 1 15 ? -35.623 -9.955  2.601   1.00 11.56 ? 15  SER B CB  1 
ATOM   794  O OG  . SER B 1 15 ? -35.246 -8.591  2.571   1.00 20.37 ? 15  SER B OG  1 
ATOM   795  N N   . TYR B 1 16 ? -32.498 -9.715  3.433   1.00 10.48 ? 16  TYR B N   1 
ATOM   796  C CA  . TYR B 1 16 ? -31.121 -9.508  3.001   1.00 12.44 ? 16  TYR B CA  1 
ATOM   797  C C   . TYR B 1 16 ? -30.200 -10.654 3.420   1.00 13.84 ? 16  TYR B C   1 
ATOM   798  O O   . TYR B 1 16 ? -29.390 -11.133 2.620   1.00 16.15 ? 16  TYR B O   1 
ATOM   799  C CB  . TYR B 1 16 ? -30.582 -8.201  3.577   1.00 12.11 ? 16  TYR B CB  1 
ATOM   800  C CG  . TYR B 1 16 ? -29.160 -7.877  3.164   1.00 12.35 ? 16  TYR B CG  1 
ATOM   801  C CD1 . TYR B 1 16 ? -28.755 -7.996  1.837   1.00 11.73 ? 16  TYR B CD1 1 
ATOM   802  C CD2 . TYR B 1 16 ? -28.229 -7.408  4.094   1.00 17.20 ? 16  TYR B CD2 1 
ATOM   803  C CE1 . TYR B 1 16 ? -27.461 -7.653  1.442   1.00 17.07 ? 16  TYR B CE1 1 
ATOM   804  C CE2 . TYR B 1 16 ? -26.929 -7.062  3.710   1.00 17.29 ? 16  TYR B CE2 1 
ATOM   805  C CZ  . TYR B 1 16 ? -26.556 -7.187  2.382   1.00 16.74 ? 16  TYR B CZ  1 
ATOM   806  O OH  . TYR B 1 16 ? -25.285 -6.855  1.986   1.00 18.46 ? 16  TYR B OH  1 
ATOM   807  N N   . VAL B 1 17 ? -30.312 -11.088 4.674   1.00 12.85 ? 17  VAL B N   1 
ATOM   808  C CA  . VAL B 1 17 ? -29.467 -12.166 5.166   1.00 14.45 ? 17  VAL B CA  1 
ATOM   809  C C   . VAL B 1 17 ? -29.873 -13.531 4.627   1.00 15.88 ? 17  VAL B C   1 
ATOM   810  O O   . VAL B 1 17 ? -29.201 -14.530 4.870   1.00 19.79 ? 17  VAL B O   1 
ATOM   811  C CB  . VAL B 1 17 ? -29.439 -12.202 6.704   1.00 13.06 ? 17  VAL B CB  1 
ATOM   812  C CG1 . VAL B 1 17 ? -28.861 -10.909 7.229   1.00 13.13 ? 17  VAL B CG1 1 
ATOM   813  C CG2 . VAL B 1 17 ? -30.830 -12.434 7.259   1.00 10.58 ? 17  VAL B CG2 1 
ATOM   814  N N   . GLN B 1 18 ? -30.970 -13.572 3.886   1.00 13.70 ? 18  GLN B N   1 
ATOM   815  C CA  . GLN B 1 18 ? -31.424 -14.817 3.299   1.00 13.13 ? 18  GLN B CA  1 
ATOM   816  C C   . GLN B 1 18 ? -31.087 -14.841 1.811   1.00 14.76 ? 18  GLN B C   1 
ATOM   817  O O   . GLN B 1 18 ? -31.678 -15.602 1.049   1.00 17.44 ? 18  GLN B O   1 
ATOM   818  C CB  . GLN B 1 18 ? -32.922 -14.981 3.509   1.00 11.51 ? 18  GLN B CB  1 
ATOM   819  C CG  . GLN B 1 18 ? -33.285 -15.209 4.958   1.00 17.78 ? 18  GLN B CG  1 
ATOM   820  C CD  . GLN B 1 18 ? -34.680 -15.753 5.123   1.00 22.02 ? 18  GLN B CD  1 
ATOM   821  O OE1 . GLN B 1 18 ? -35.659 -15.071 4.816   1.00 22.70 ? 18  GLN B OE1 1 
ATOM   822  N NE2 . GLN B 1 18 ? -34.786 -16.990 5.610   1.00 22.24 ? 18  GLN B NE2 1 
ATOM   823  N N   . GLY B 1 19 ? -30.138 -14.004 1.402   1.00 12.99 ? 19  GLY B N   1 
ATOM   824  C CA  . GLY B 1 19 ? -29.734 -13.978 0.008   1.00 12.94 ? 19  GLY B CA  1 
ATOM   825  C C   . GLY B 1 19 ? -30.357 -12.884 -0.838  1.00 14.70 ? 19  GLY B C   1 
ATOM   826  O O   . GLY B 1 19 ? -29.964 -12.693 -1.990  1.00 16.06 ? 19  GLY B O   1 
ATOM   827  N N   . GLY B 1 20 ? -31.328 -12.164 -0.280  1.00 12.87 ? 20  GLY B N   1 
ATOM   828  C CA  . GLY B 1 20 ? -31.975 -11.100 -1.026  1.00 12.58 ? 20  GLY B CA  1 
ATOM   829  C C   . GLY B 1 20 ? -31.123 -9.849  -1.129  1.00 13.04 ? 20  GLY B C   1 
ATOM   830  O O   . GLY B 1 20 ? -30.047 -9.786  -0.537  1.00 15.56 ? 20  GLY B O   1 
ATOM   831  N N   . PRO B 1 21 ? -31.568 -8.837  -1.888  1.00 12.15 ? 21  PRO B N   1 
ATOM   832  C CA  . PRO B 1 21 ? -30.808 -7.590  -2.041  1.00 13.64 ? 21  PRO B CA  1 
ATOM   833  C C   . PRO B 1 21 ? -30.987 -6.680  -0.830  1.00 14.20 ? 21  PRO B C   1 
ATOM   834  O O   . PRO B 1 21 ? -32.017 -6.735  -0.153  1.00 15.44 ? 21  PRO B O   1 
ATOM   835  C CB  . PRO B 1 21 ? -31.386 -6.971  -3.312  1.00 15.36 ? 21  PRO B CB  1 
ATOM   836  C CG  . PRO B 1 21 ? -32.798 -7.476  -3.354  1.00 14.01 ? 21  PRO B CG  1 
ATOM   837  C CD  . PRO B 1 21 ? -32.811 -8.829  -2.679  1.00 12.70 ? 21  PRO B CD  1 
ATOM   838  N N   . GLY B 1 22 ? -29.991 -5.837  -0.571  1.00 12.90 ? 22  GLY B N   1 
ATOM   839  C CA  . GLY B 1 22 ? -30.058 -4.935  0.565   1.00 13.05 ? 22  GLY B CA  1 
ATOM   840  C C   . GLY B 1 22 ? -28.694 -4.416  0.984   1.00 13.67 ? 22  GLY B C   1 
ATOM   841  O O   . GLY B 1 22 ? -27.742 -4.478  0.208   1.00 16.73 ? 22  GLY B O   1 
ATOM   842  N N   . PRO B 1 23 ? -28.557 -3.905  2.213   1.00 13.94 ? 23  PRO B N   1 
ATOM   843  C CA  . PRO B 1 23 ? -29.620 -3.791  3.218   1.00 14.97 ? 23  PRO B CA  1 
ATOM   844  C C   . PRO B 1 23 ? -30.534 -2.603  2.951   1.00 14.91 ? 23  PRO B C   1 
ATOM   845  O O   . PRO B 1 23 ? -30.101 -1.590  2.410   1.00 18.98 ? 23  PRO B O   1 
ATOM   846  C CB  . PRO B 1 23 ? -28.851 -3.611  4.519   1.00 14.73 ? 23  PRO B CB  1 
ATOM   847  C CG  . PRO B 1 23 ? -27.609 -2.871  4.088   1.00 14.42 ? 23  PRO B CG  1 
ATOM   848  C CD  . PRO B 1 23 ? -27.270 -3.383  2.711   1.00 15.09 ? 23  PRO B CD  1 
ATOM   849  N N   . SER B 1 24 ? -31.797 -2.731  3.334   1.00 15.58 ? 24  SER B N   1 
ATOM   850  C CA  . SER B 1 24 ? -32.758 -1.656  3.145   1.00 17.18 ? 24  SER B CA  1 
ATOM   851  C C   . SER B 1 24 ? -32.500 -0.582  4.188   1.00 18.25 ? 24  SER B C   1 
ATOM   852  O O   . SER B 1 24 ? -31.723 -0.788  5.125   1.00 19.19 ? 24  SER B O   1 
ATOM   853  C CB  . SER B 1 24 ? -34.178 -2.186  3.309   1.00 18.05 ? 24  SER B CB  1 
ATOM   854  O OG  . SER B 1 24 ? -34.396 -2.636  4.638   1.00 19.05 ? 24  SER B OG  1 
ATOM   855  N N   . GLY B 1 25 ? -33.154 0.563   4.030   1.00 15.85 ? 25  GLY B N   1 
ATOM   856  C CA  . GLY B 1 25 ? -32.990 1.642   4.990   1.00 14.43 ? 25  GLY B CA  1 
ATOM   857  C C   . GLY B 1 25 ? -33.538 1.251   6.355   1.00 13.26 ? 25  GLY B C   1 
ATOM   858  O O   . GLY B 1 25 ? -32.982 1.616   7.387   1.00 13.08 ? 25  GLY B O   1 
ATOM   859  N N   . GLN B 1 26 ? -34.637 0.505   6.360   1.00 14.53 ? 26  GLN B N   1 
ATOM   860  C CA  . GLN B 1 26 ? -35.253 0.052   7.602   1.00 18.66 ? 26  GLN B CA  1 
ATOM   861  C C   . GLN B 1 26 ? -34.273 -0.808  8.391   1.00 15.96 ? 26  GLN B C   1 
ATOM   862  O O   . GLN B 1 26 ? -34.154 -0.665  9.605   1.00 17.94 ? 26  GLN B O   1 
ATOM   863  C CB  . GLN B 1 26 ? -36.518 -0.758  7.309   1.00 25.26 ? 26  GLN B CB  1 
ATOM   864  C CG  . GLN B 1 26 ? -37.682 0.062   6.771   1.00 38.93 ? 26  GLN B CG  1 
ATOM   865  C CD  . GLN B 1 26 ? -38.163 1.121   7.754   1.00 47.02 ? 26  GLN B CD  1 
ATOM   866  O OE1 . GLN B 1 26 ? -38.792 2.110   7.364   1.00 51.70 ? 26  GLN B OE1 1 
ATOM   867  N NE2 . GLN B 1 26 ? -37.866 0.917   9.039   1.00 46.19 ? 26  GLN B NE2 1 
ATOM   868  N N   . CYS B 1 27 ? -33.577 -1.706  7.700   1.00 14.35 ? 27  CYS B N   1 
ATOM   869  C CA  . CYS B 1 27 ? -32.595 -2.576  8.344   1.00 11.48 ? 27  CYS B CA  1 
ATOM   870  C C   . CYS B 1 27 ? -31.477 -1.744  8.985   1.00 12.55 ? 27  CYS B C   1 
ATOM   871  O O   . CYS B 1 27 ? -31.159 -1.913  10.163  1.00 12.77 ? 27  CYS B O   1 
ATOM   872  C CB  . CYS B 1 27 ? -32.001 -3.550  7.316   1.00 14.31 ? 27  CYS B CB  1 
ATOM   873  S SG  . CYS B 1 27 ? -30.527 -4.465  7.890   1.00 15.21 ? 27  CYS B SG  1 
ATOM   874  N N   . CYS B 1 28 ? -30.894 -0.833  8.212   1.00 12.42 ? 28  CYS B N   1 
ATOM   875  C CA  . CYS B 1 28 ? -29.827 0.014   8.720   1.00 13.91 ? 28  CYS B CA  1 
ATOM   876  C C   . CYS B 1 28 ? -30.291 0.907   9.858   1.00 16.90 ? 28  CYS B C   1 
ATOM   877  O O   . CYS B 1 28 ? -29.532 1.187   10.781  1.00 19.42 ? 28  CYS B O   1 
ATOM   878  C CB  . CYS B 1 28 ? -29.261 0.865   7.594   1.00 13.67 ? 28  CYS B CB  1 
ATOM   879  S SG  . CYS B 1 28 ? -28.345 -0.112  6.365   1.00 14.91 ? 28  CYS B SG  1 
ATOM   880  N N   . ASP B 1 29 ? -31.538 1.359   9.796   1.00 18.25 ? 29  ASP B N   1 
ATOM   881  C CA  . ASP B 1 29 ? -32.074 2.203   10.856  1.00 19.52 ? 29  ASP B CA  1 
ATOM   882  C C   . ASP B 1 29 ? -32.109 1.405   12.161  1.00 17.99 ? 29  ASP B C   1 
ATOM   883  O O   . ASP B 1 29 ? -31.777 1.919   13.225  1.00 17.83 ? 29  ASP B O   1 
ATOM   884  C CB  . ASP B 1 29 ? -33.484 2.682   10.498  1.00 24.60 ? 29  ASP B CB  1 
ATOM   885  C CG  . ASP B 1 29 ? -33.476 3.963   9.676   1.00 32.39 ? 29  ASP B CG  1 
ATOM   886  O OD1 . ASP B 1 29 ? -32.453 4.685   9.715   1.00 32.50 ? 29  ASP B OD1 1 
ATOM   887  O OD2 . ASP B 1 29 ? -34.492 4.247   8.994   1.00 34.57 ? 29  ASP B OD2 1 
ATOM   888  N N   . GLY B 1 30 ? -32.511 0.142   12.066  1.00 16.32 ? 30  GLY B N   1 
ATOM   889  C CA  . GLY B 1 30 ? -32.574 -0.715  13.241  1.00 15.96 ? 30  GLY B CA  1 
ATOM   890  C C   . GLY B 1 30 ? -31.205 -1.072  13.799  1.00 14.86 ? 30  GLY B C   1 
ATOM   891  O O   . GLY B 1 30 ? -31.019 -1.150  15.012  1.00 17.46 ? 30  GLY B O   1 
ATOM   892  N N   . VAL B 1 31 ? -30.245 -1.300  12.910  1.00 13.33 ? 31  VAL B N   1 
ATOM   893  C CA  . VAL B 1 31 ? -28.884 -1.644  13.302  1.00 12.95 ? 31  VAL B CA  1 
ATOM   894  C C   . VAL B 1 31 ? -28.202 -0.444  13.960  1.00 15.15 ? 31  VAL B C   1 
ATOM   895  O O   . VAL B 1 31 ? -27.397 -0.599  14.889  1.00 13.70 ? 31  VAL B O   1 
ATOM   896  C CB  . VAL B 1 31 ? -28.069 -2.105  12.077  1.00 13.33 ? 31  VAL B CB  1 
ATOM   897  C CG1 . VAL B 1 31 ? -26.584 -2.071  12.385  1.00 14.60 ? 31  VAL B CG1 1 
ATOM   898  C CG2 . VAL B 1 31 ? -28.494 -3.508  11.689  1.00 11.98 ? 31  VAL B CG2 1 
ATOM   899  N N   . LYS B 1 32 ? -28.530 0.752   13.478  1.00 16.31 ? 32  LYS B N   1 
ATOM   900  C CA  . LYS B 1 32 ? -27.971 1.974   14.045  1.00 17.28 ? 32  LYS B CA  1 
ATOM   901  C C   . LYS B 1 32 ? -28.552 2.189   15.448  1.00 13.95 ? 32  LYS B C   1 
ATOM   902  O O   . LYS B 1 32 ? -27.818 2.469   16.392  1.00 16.52 ? 32  LYS B O   1 
ATOM   903  C CB  . LYS B 1 32 ? -28.288 3.174   13.146  1.00 22.75 ? 32  LYS B CB  1 
ATOM   904  C CG  . LYS B 1 32 ? -27.349 3.314   11.944  1.00 28.89 ? 32  LYS B CG  1 
ATOM   905  C CD  . LYS B 1 32 ? -27.524 4.653   11.243  1.00 35.13 ? 32  LYS B CD  1 
ATOM   906  C CE  . LYS B 1 32 ? -28.255 4.498   9.910   1.00 39.98 ? 32  LYS B CE  1 
ATOM   907  N NZ  . LYS B 1 32 ? -29.218 5.611   9.662   1.00 42.71 ? 32  LYS B NZ  1 
ATOM   908  N N   . ASN B 1 33 ? -29.870 2.047   15.583  1.00 14.22 ? 33  ASN B N   1 
ATOM   909  C CA  . ASN B 1 33 ? -30.540 2.211   16.879  1.00 14.38 ? 33  ASN B CA  1 
ATOM   910  C C   . ASN B 1 33 ? -29.976 1.250   17.930  1.00 17.10 ? 33  ASN B C   1 
ATOM   911  O O   . ASN B 1 33 ? -29.765 1.631   19.081  1.00 18.03 ? 33  ASN B O   1 
ATOM   912  C CB  . ASN B 1 33 ? -32.044 1.975   16.726  1.00 13.56 ? 33  ASN B CB  1 
ATOM   913  C CG  . ASN B 1 33 ? -32.777 3.210   16.251  1.00 17.97 ? 33  ASN B CG  1 
ATOM   914  O OD1 . ASN B 1 33 ? -33.949 3.148   15.873  1.00 21.04 ? 33  ASN B OD1 1 
ATOM   915  N ND2 . ASN B 1 33 ? -32.087 4.344   16.263  1.00 11.85 ? 33  ASN B ND2 1 
ATOM   916  N N   . LEU B 1 34 ? -29.743 0.002   17.533  1.00 16.95 ? 34  LEU B N   1 
ATOM   917  C CA  . LEU B 1 34 ? -29.190 -1.002  18.441  1.00 17.17 ? 34  LEU B CA  1 
ATOM   918  C C   . LEU B 1 34 ? -27.814 -0.554  18.931  1.00 18.25 ? 34  LEU B C   1 
ATOM   919  O O   . LEU B 1 34 ? -27.570 -0.430  20.133  1.00 19.83 ? 34  LEU B O   1 
ATOM   920  C CB  . LEU B 1 34 ? -29.054 -2.342  17.714  1.00 19.48 ? 34  LEU B CB  1 
ATOM   921  C CG  . LEU B 1 34 ? -29.332 -3.656  18.451  1.00 21.42 ? 34  LEU B CG  1 
ATOM   922  C CD1 . LEU B 1 34 ? -28.765 -4.800  17.632  1.00 18.43 ? 34  LEU B CD1 1 
ATOM   923  C CD2 . LEU B 1 34 ? -28.716 -3.635  19.842  1.00 20.51 ? 34  LEU B CD2 1 
ATOM   924  N N   . HIS B 1 35 ? -26.917 -0.313  17.983  1.00 16.92 ? 35  HIS B N   1 
ATOM   925  C CA  . HIS B 1 35 ? -25.566 0.116   18.290  1.00 18.35 ? 35  HIS B CA  1 
ATOM   926  C C   . HIS B 1 35 ? -25.575 1.323   19.221  1.00 18.94 ? 35  HIS B C   1 
ATOM   927  O O   . HIS B 1 35 ? -24.684 1.487   20.054  1.00 17.23 ? 35  HIS B O   1 
ATOM   928  C CB  . HIS B 1 35 ? -24.839 0.460   16.991  1.00 17.14 ? 35  HIS B CB  1 
ATOM   929  C CG  . HIS B 1 35 ? -23.464 0.999   17.203  1.00 19.40 ? 35  HIS B CG  1 
ATOM   930  N ND1 . HIS B 1 35 ? -23.158 2.331   17.038  1.00 21.53 ? 35  HIS B ND1 1 
ATOM   931  C CD2 . HIS B 1 35 ? -22.324 0.396   17.612  1.00 22.04 ? 35  HIS B CD2 1 
ATOM   932  C CE1 . HIS B 1 35 ? -21.887 2.529   17.339  1.00 20.19 ? 35  HIS B CE1 1 
ATOM   933  N NE2 . HIS B 1 35 ? -21.357 1.371   17.691  1.00 23.40 ? 35  HIS B NE2 1 
ATOM   934  N N   . ASN B 1 36 ? -26.600 2.155   19.077  1.00 20.07 ? 36  ASN B N   1 
ATOM   935  C CA  . ASN B 1 36 ? -26.761 3.363   19.879  1.00 24.85 ? 36  ASN B CA  1 
ATOM   936  C C   . ASN B 1 36 ? -27.239 3.074   21.316  1.00 25.97 ? 36  ASN B C   1 
ATOM   937  O O   . ASN B 1 36 ? -26.807 3.739   22.262  1.00 24.22 ? 36  ASN B O   1 
ATOM   938  C CB  . ASN B 1 36 ? -27.738 4.311   19.157  1.00 27.25 ? 36  ASN B CB  1 
ATOM   939  C CG  . ASN B 1 36 ? -28.196 5.478   20.023  1.00 31.57 ? 36  ASN B CG  1 
ATOM   940  O OD1 . ASN B 1 36 ? -28.977 5.308   20.959  1.00 32.01 ? 36  ASN B OD1 1 
ATOM   941  N ND2 . ASN B 1 36 ? -27.724 6.675   19.699  1.00 33.05 ? 36  ASN B ND2 1 
ATOM   942  N N   . GLN B 1 37 ? -28.114 2.080   21.473  1.00 24.04 ? 37  GLN B N   1 
ATOM   943  C CA  . GLN B 1 37 ? -28.648 1.717   22.785  1.00 23.16 ? 37  GLN B CA  1 
ATOM   944  C C   . GLN B 1 37 ? -27.694 0.862   23.608  1.00 24.16 ? 37  GLN B C   1 
ATOM   945  O O   . GLN B 1 37 ? -27.516 1.094   24.802  1.00 26.53 ? 37  GLN B O   1 
ATOM   946  C CB  . GLN B 1 37 ? -29.961 0.949   22.631  1.00 20.95 ? 37  GLN B CB  1 
ATOM   947  C CG  . GLN B 1 37 ? -31.015 1.658   21.811  1.00 26.56 ? 37  GLN B CG  1 
ATOM   948  C CD  . GLN B 1 37 ? -32.317 0.889   21.769  1.00 27.67 ? 37  GLN B CD  1 
ATOM   949  O OE1 . GLN B 1 37 ? -32.497 -0.080  22.506  1.00 31.91 ? 37  GLN B OE1 1 
ATOM   950  N NE2 . GLN B 1 37 ? -33.237 1.317   20.905  1.00 29.70 ? 37  GLN B NE2 1 
ATOM   951  N N   . ALA B 1 38 ? -27.096 -0.138  22.968  1.00 25.07 ? 38  ALA B N   1 
ATOM   952  C CA  . ALA B 1 38 ? -26.187 -1.053  23.650  1.00 25.26 ? 38  ALA B CA  1 
ATOM   953  C C   . ALA B 1 38 ? -24.866 -0.381  23.973  1.00 24.36 ? 38  ALA B C   1 
ATOM   954  O O   . ALA B 1 38 ? -23.886 -0.575  23.263  1.00 24.73 ? 38  ALA B O   1 
ATOM   955  C CB  . ALA B 1 38 ? -25.953 -2.278  22.785  1.00 23.17 ? 38  ALA B CB  1 
ATOM   956  N N   . ARG B 1 39 ? -24.838 0.391   25.055  1.00 27.50 ? 39  ARG B N   1 
ATOM   957  C CA  . ARG B 1 39 ? -23.636 1.112   25.459  1.00 30.35 ? 39  ARG B CA  1 
ATOM   958  C C   . ARG B 1 39 ? -22.807 0.392   26.510  1.00 29.77 ? 39  ARG B C   1 
ATOM   959  O O   . ARG B 1 39 ? -21.616 0.162   26.318  1.00 30.18 ? 39  ARG B O   1 
ATOM   960  C CB  . ARG B 1 39 ? -24.011 2.497   25.983  1.00 36.78 ? 39  ARG B CB  1 
ATOM   961  C CG  . ARG B 1 39 ? -24.870 3.297   25.021  1.00 45.97 ? 39  ARG B CG  1 
ATOM   962  C CD  . ARG B 1 39 ? -24.327 4.706   24.845  1.00 55.30 ? 39  ARG B CD  1 
ATOM   963  N NE  . ARG B 1 39 ? -24.691 5.572   25.962  1.00 62.64 ? 39  ARG B NE  1 
ATOM   964  C CZ  . ARG B 1 39 ? -25.784 6.328   26.003  1.00 64.29 ? 39  ARG B CZ  1 
ATOM   965  N NH1 . ARG B 1 39 ? -26.634 6.331   24.981  1.00 64.10 ? 39  ARG B NH1 1 
ATOM   966  N NH2 . ARG B 1 39 ? -26.027 7.083   27.066  1.00 65.05 ? 39  ARG B NH2 1 
ATOM   967  N N   . SER B 1 40 ? -23.429 0.050   27.630  1.00 27.75 ? 40  SER B N   1 
ATOM   968  C CA  . SER B 1 40 ? -22.719 -0.644  28.694  1.00 24.33 ? 40  SER B CA  1 
ATOM   969  C C   . SER B 1 40 ? -22.154 -1.966  28.189  1.00 25.85 ? 40  SER B C   1 
ATOM   970  O O   . SER B 1 40 ? -22.656 -2.547  27.223  1.00 26.14 ? 40  SER B O   1 
ATOM   971  C CB  . SER B 1 40 ? -23.661 -0.913  29.858  1.00 24.40 ? 40  SER B CB  1 
ATOM   972  O OG  . SER B 1 40 ? -24.616 -1.889  29.488  1.00 26.11 ? 40  SER B OG  1 
ATOM   973  N N   . GLN B 1 41 ? -21.118 -2.449  28.860  1.00 24.83 ? 41  GLN B N   1 
ATOM   974  C CA  . GLN B 1 41 ? -20.483 -3.694  28.478  1.00 21.87 ? 41  GLN B CA  1 
ATOM   975  C C   . GLN B 1 41 ? -21.463 -4.852  28.520  1.00 19.29 ? 41  GLN B C   1 
ATOM   976  O O   . GLN B 1 41 ? -21.498 -5.681  27.616  1.00 18.33 ? 41  GLN B O   1 
ATOM   977  C CB  . GLN B 1 41 ? -19.305 -3.984  29.404  1.00 27.76 ? 41  GLN B CB  1 
ATOM   978  C CG  . GLN B 1 41 ? -18.267 -4.902  28.799  1.00 35.88 ? 41  GLN B CG  1 
ATOM   979  C CD  . GLN B 1 41 ? -18.276 -6.271  29.446  1.00 43.06 ? 41  GLN B CD  1 
ATOM   980  O OE1 . GLN B 1 41 ? -18.497 -7.291  28.781  1.00 45.02 ? 41  GLN B OE1 1 
ATOM   981  N NE2 . GLN B 1 41 ? -18.035 -6.301  30.754  1.00 43.77 ? 41  GLN B NE2 1 
ATOM   982  N N   . SER B 1 42 ? -22.264 -4.913  29.575  1.00 18.62 ? 42  SER B N   1 
ATOM   983  C CA  . SER B 1 42 ? -23.227 -5.996  29.713  1.00 18.27 ? 42  SER B CA  1 
ATOM   984  C C   . SER B 1 42 ? -24.277 -5.997  28.602  1.00 16.94 ? 42  SER B C   1 
ATOM   985  O O   . SER B 1 42 ? -24.797 -7.048  28.231  1.00 16.93 ? 42  SER B O   1 
ATOM   986  C CB  . SER B 1 42 ? -23.913 -5.910  31.073  1.00 17.61 ? 42  SER B CB  1 
ATOM   987  O OG  A SER B 1 42 ? -24.302 -4.581  31.368  0.50 21.61 ? 42  SER B OG  1 
ATOM   988  O OG  B SER B 1 42 ? -24.914 -6.903  31.202  0.50 21.14 ? 42  SER B OG  1 
ATOM   989  N N   . ASP B 1 43 ? -24.590 -4.822  28.071  1.00 17.20 ? 43  ASP B N   1 
ATOM   990  C CA  . ASP B 1 43 ? -25.588 -4.729  27.010  1.00 18.23 ? 43  ASP B CA  1 
ATOM   991  C C   . ASP B 1 43 ? -25.007 -5.213  25.695  1.00 15.62 ? 43  ASP B C   1 
ATOM   992  O O   . ASP B 1 43 ? -25.675 -5.900  24.925  1.00 17.45 ? 43  ASP B O   1 
ATOM   993  C CB  . ASP B 1 43 ? -26.070 -3.288  26.857  1.00 21.33 ? 43  ASP B CB  1 
ATOM   994  C CG  . ASP B 1 43 ? -27.239 -2.965  27.762  1.00 26.90 ? 43  ASP B CG  1 
ATOM   995  O OD1 . ASP B 1 43 ? -27.976 -3.900  28.148  1.00 27.57 ? 43  ASP B OD1 1 
ATOM   996  O OD2 . ASP B 1 43 ? -27.422 -1.772  28.086  1.00 27.86 ? 43  ASP B OD2 1 
ATOM   997  N N   . ARG B 1 44 ? -23.759 -4.845  25.437  1.00 14.20 ? 44  ARG B N   1 
ATOM   998  C CA  . ARG B 1 44 ? -23.094 -5.252  24.210  1.00 15.40 ? 44  ARG B CA  1 
ATOM   999  C C   . ARG B 1 44 ? -22.955 -6.770  24.186  1.00 15.34 ? 44  ARG B C   1 
ATOM   1000 O O   . ARG B 1 44 ? -23.222 -7.417  23.171  1.00 16.48 ? 44  ARG B O   1 
ATOM   1001 C CB  . ARG B 1 44 ? -21.714 -4.595  24.123  1.00 13.33 ? 44  ARG B CB  1 
ATOM   1002 C CG  . ARG B 1 44 ? -21.759 -3.083  24.273  1.00 19.93 ? 44  ARG B CG  1 
ATOM   1003 C CD  . ARG B 1 44 ? -20.491 -2.428  23.759  1.00 18.87 ? 44  ARG B CD  1 
ATOM   1004 N NE  . ARG B 1 44 ? -19.303 -2.970  24.410  1.00 22.46 ? 44  ARG B NE  1 
ATOM   1005 C CZ  . ARG B 1 44 ? -18.747 -2.447  25.495  1.00 22.70 ? 44  ARG B CZ  1 
ATOM   1006 N NH1 . ARG B 1 44 ? -19.272 -1.365  26.055  1.00 22.80 ? 44  ARG B NH1 1 
ATOM   1007 N NH2 . ARG B 1 44 ? -17.664 -3.002  26.024  1.00 23.79 ? 44  ARG B NH2 1 
ATOM   1008 N N   . GLN B 1 45 ? -22.549 -7.330  25.320  1.00 13.88 ? 45  GLN B N   1 
ATOM   1009 C CA  . GLN B 1 45 ? -22.359 -8.765  25.459  1.00 13.40 ? 45  GLN B CA  1 
ATOM   1010 C C   . GLN B 1 45 ? -23.653 -9.556  25.288  1.00 10.71 ? 45  GLN B C   1 
ATOM   1011 O O   . GLN B 1 45 ? -23.661 -10.594 24.639  1.00 13.76 ? 45  GLN B O   1 
ATOM   1012 C CB  . GLN B 1 45 ? -21.749 -9.064  26.827  1.00 16.45 ? 45  GLN B CB  1 
ATOM   1013 C CG  . GLN B 1 45 ? -21.528 -10.531 27.115  1.00 25.30 ? 45  GLN B CG  1 
ATOM   1014 C CD  . GLN B 1 45 ? -20.424 -10.763 28.135  1.00 29.02 ? 45  GLN B CD  1 
ATOM   1015 O OE1 . GLN B 1 45 ? -20.367 -11.815 28.777  1.00 34.59 ? 45  GLN B OE1 1 
ATOM   1016 N NE2 . GLN B 1 45 ? -19.540 -9.777  28.287  1.00 27.10 ? 45  GLN B NE2 1 
ATOM   1017 N N   . SER B 1 46 ? -24.743 -9.071  25.870  1.00 8.88  ? 46  SER B N   1 
ATOM   1018 C CA  . SER B 1 46 ? -26.016 -9.768  25.760  1.00 13.95 ? 46  SER B CA  1 
ATOM   1019 C C   . SER B 1 46 ? -26.659 -9.539  24.392  1.00 12.92 ? 46  SER B C   1 
ATOM   1020 O O   . SER B 1 46 ? -27.410 -10.374 23.892  1.00 13.30 ? 46  SER B O   1 
ATOM   1021 C CB  . SER B 1 46 ? -26.965 -9.333  26.889  1.00 13.88 ? 46  SER B CB  1 
ATOM   1022 O OG  . SER B 1 46 ? -27.377 -7.992  26.749  1.00 18.09 ? 46  SER B OG  1 
ATOM   1023 N N   . ALA B 1 47 ? -26.358 -8.405  23.781  1.00 14.59 ? 47  ALA B N   1 
ATOM   1024 C CA  . ALA B 1 47 ? -26.906 -8.121  22.469  1.00 15.18 ? 47  ALA B CA  1 
ATOM   1025 C C   . ALA B 1 47 ? -26.230 -9.094  21.508  1.00 13.51 ? 47  ALA B C   1 
ATOM   1026 O O   . ALA B 1 47 ? -26.867 -9.653  20.615  1.00 16.09 ? 47  ALA B O   1 
ATOM   1027 C CB  . ALA B 1 47 ? -26.602 -6.678  22.075  1.00 14.24 ? 47  ALA B CB  1 
ATOM   1028 N N   . CYS B 1 48 ? -24.931 -9.294  21.725  1.00 9.56  ? 48  CYS B N   1 
ATOM   1029 C CA  . CYS B 1 48 ? -24.113 -10.189 20.914  1.00 9.33  ? 48  CYS B CA  1 
ATOM   1030 C C   . CYS B 1 48 ? -24.644 -11.618 21.016  1.00 10.55 ? 48  CYS B C   1 
ATOM   1031 O O   . CYS B 1 48 ? -24.829 -12.285 20.006  1.00 12.07 ? 48  CYS B O   1 
ATOM   1032 C CB  . CYS B 1 48 ? -22.652 -10.113 21.392  1.00 11.79 ? 48  CYS B CB  1 
ATOM   1033 S SG  . CYS B 1 48 ? -21.432 -11.144 20.510  1.00 15.16 ? 48  CYS B SG  1 
ATOM   1034 N N   . ASN B 1 49 ? -24.890 -12.079 22.241  1.00 10.55 ? 49  ASN B N   1 
ATOM   1035 C CA  . ASN B 1 49 ? -25.407 -13.425 22.479  1.00 8.39  ? 49  ASN B CA  1 
ATOM   1036 C C   . ASN B 1 49 ? -26.794 -13.589 21.865  1.00 7.30  ? 49  ASN B C   1 
ATOM   1037 O O   . ASN B 1 49 ? -27.177 -14.673 21.423  1.00 5.11  ? 49  ASN B O   1 
ATOM   1038 C CB  . ASN B 1 49 ? -25.492 -13.700 23.983  1.00 8.22  ? 49  ASN B CB  1 
ATOM   1039 C CG  . ASN B 1 49 ? -24.153 -14.069 24.591  1.00 13.91 ? 49  ASN B CG  1 
ATOM   1040 O OD1 . ASN B 1 49 ? -23.356 -14.789 23.989  1.00 17.25 ? 49  ASN B OD1 1 
ATOM   1041 N ND2 . ASN B 1 49 ? -23.902 -13.580 25.796  1.00 14.31 ? 49  ASN B ND2 1 
ATOM   1042 N N   . CYS B 1 50 ? -27.555 -12.502 21.863  1.00 9.58  ? 50  CYS B N   1 
ATOM   1043 C CA  . CYS B 1 50 ? -28.896 -12.502 21.304  1.00 11.62 ? 50  CYS B CA  1 
ATOM   1044 C C   . CYS B 1 50 ? -28.814 -12.690 19.795  1.00 12.67 ? 50  CYS B C   1 
ATOM   1045 O O   . CYS B 1 50 ? -29.408 -13.618 19.235  1.00 11.48 ? 50  CYS B O   1 
ATOM   1046 C CB  . CYS B 1 50 ? -29.582 -11.170 21.622  1.00 10.30 ? 50  CYS B CB  1 
ATOM   1047 S SG  A CYS B 1 50 ? -30.789 -11.273 22.978  0.50 22.18 ? 50  CYS B SG  1 
ATOM   1048 S SG  B CYS B 1 50 ? -31.326 -11.058 21.114  0.50 2.77  ? 50  CYS B SG  1 
ATOM   1049 N N   . LEU B 1 51 ? -28.071 -11.797 19.150  1.00 12.23 ? 51  LEU B N   1 
ATOM   1050 C CA  . LEU B 1 51 ? -27.884 -11.821 17.701  1.00 13.62 ? 51  LEU B CA  1 
ATOM   1051 C C   . LEU B 1 51 ? -27.333 -13.163 17.219  1.00 13.61 ? 51  LEU B C   1 
ATOM   1052 O O   . LEU B 1 51 ? -27.800 -13.716 16.226  1.00 13.91 ? 51  LEU B O   1 
ATOM   1053 C CB  . LEU B 1 51 ? -26.947 -10.683 17.281  1.00 12.45 ? 51  LEU B CB  1 
ATOM   1054 C CG  . LEU B 1 51 ? -27.549 -9.279  17.417  1.00 14.79 ? 51  LEU B CG  1 
ATOM   1055 C CD1 . LEU B 1 51 ? -26.517 -8.219  17.057  1.00 16.63 ? 51  LEU B CD1 1 
ATOM   1056 C CD2 . LEU B 1 51 ? -28.763 -9.170  16.500  1.00 17.28 ? 51  LEU B CD2 1 
ATOM   1057 N N   . LYS B 1 52 ? -26.335 -13.686 17.925  1.00 16.40 ? 52  LYS B N   1 
ATOM   1058 C CA  . LYS B 1 52 ? -25.745 -14.964 17.561  1.00 16.29 ? 52  LYS B CA  1 
ATOM   1059 C C   . LYS B 1 52 ? -26.823 -16.047 17.582  1.00 14.47 ? 52  LYS B C   1 
ATOM   1060 O O   . LYS B 1 52 ? -26.897 -16.867 16.668  1.00 14.65 ? 52  LYS B O   1 
ATOM   1061 C CB  . LYS B 1 52 ? -24.618 -15.322 18.529  1.00 18.39 ? 52  LYS B CB  1 
ATOM   1062 C CG  . LYS B 1 52 ? -23.583 -16.266 17.944  1.00 24.45 ? 52  LYS B CG  1 
ATOM   1063 C CD  . LYS B 1 52 ? -22.176 -15.847 18.328  1.00 24.87 ? 52  LYS B CD  1 
ATOM   1064 C CE  . LYS B 1 52 ? -21.688 -16.638 19.523  1.00 28.12 ? 52  LYS B CE  1 
ATOM   1065 N NZ  . LYS B 1 52 ? -20.308 -16.251 19.926  1.00 28.10 ? 52  LYS B NZ  1 
ATOM   1066 N N   . GLY B 1 53 ? -27.656 -16.036 18.623  1.00 11.62 ? 53  GLY B N   1 
ATOM   1067 C CA  . GLY B 1 53 ? -28.726 -17.014 18.746  1.00 6.32  ? 53  GLY B CA  1 
ATOM   1068 C C   . GLY B 1 53 ? -29.739 -16.906 17.626  1.00 7.68  ? 53  GLY B C   1 
ATOM   1069 O O   . GLY B 1 53 ? -30.147 -17.911 17.054  1.00 10.11 ? 53  GLY B O   1 
ATOM   1070 N N   . ILE B 1 54 ? -30.142 -15.683 17.301  1.00 9.83  ? 54  ILE B N   1 
ATOM   1071 C CA  . ILE B 1 54 ? -31.119 -15.444 16.245  1.00 9.99  ? 54  ILE B CA  1 
ATOM   1072 C C   . ILE B 1 54 ? -30.607 -15.832 14.855  1.00 11.36 ? 54  ILE B C   1 
ATOM   1073 O O   . ILE B 1 54 ? -31.350 -16.386 14.051  1.00 12.26 ? 54  ILE B O   1 
ATOM   1074 C CB  . ILE B 1 54 ? -31.543 -13.964 16.201  1.00 10.64 ? 54  ILE B CB  1 
ATOM   1075 C CG1 . ILE B 1 54 ? -32.353 -13.608 17.453  1.00 8.57  ? 54  ILE B CG1 1 
ATOM   1076 C CG2 . ILE B 1 54 ? -32.362 -13.701 14.944  1.00 10.68 ? 54  ILE B CG2 1 
ATOM   1077 C CD1 . ILE B 1 54 ? -32.448 -12.112 17.714  1.00 4.19  ? 54  ILE B CD1 1 
ATOM   1078 N N   . ALA B 1 55 ? -29.346 -15.529 14.575  1.00 9.77  ? 55  ALA B N   1 
ATOM   1079 C CA  . ALA B 1 55 ? -28.745 -15.847 13.280  1.00 11.21 ? 55  ALA B CA  1 
ATOM   1080 C C   . ALA B 1 55 ? -28.643 -17.353 13.064  1.00 14.67 ? 55  ALA B C   1 
ATOM   1081 O O   . ALA B 1 55 ? -28.910 -17.856 11.969  1.00 11.89 ? 55  ALA B O   1 
ATOM   1082 C CB  . ALA B 1 55 ? -27.362 -15.221 13.179  1.00 10.09 ? 55  ALA B CB  1 
ATOM   1083 N N   . ARG B 1 56 ? -28.251 -18.068 14.117  1.00 16.19 ? 56  ARG B N   1 
ATOM   1084 C CA  . ARG B 1 56 ? -28.102 -19.518 14.051  1.00 15.41 ? 56  ARG B CA  1 
ATOM   1085 C C   . ARG B 1 56 ? -29.425 -20.230 13.833  1.00 13.21 ? 56  ARG B C   1 
ATOM   1086 O O   . ARG B 1 56 ? -29.448 -21.427 13.580  1.00 13.70 ? 56  ARG B O   1 
ATOM   1087 C CB  . ARG B 1 56 ? -27.433 -20.042 15.320  1.00 17.94 ? 56  ARG B CB  1 
ATOM   1088 C CG  . ARG B 1 56 ? -26.015 -19.532 15.482  1.00 27.56 ? 56  ARG B CG  1 
ATOM   1089 C CD  . ARG B 1 56 ? -25.016 -20.650 15.697  1.00 31.97 ? 56  ARG B CD  1 
ATOM   1090 N NE  . ARG B 1 56 ? -24.826 -21.468 14.505  1.00 35.57 ? 56  ARG B NE  1 
ATOM   1091 C CZ  . ARG B 1 56 ? -23.639 -21.799 14.005  1.00 36.02 ? 56  ARG B CZ  1 
ATOM   1092 N NH1 . ARG B 1 56 ? -22.525 -21.381 14.587  1.00 35.43 ? 56  ARG B NH1 1 
ATOM   1093 N NH2 . ARG B 1 56 ? -23.570 -22.572 12.930  1.00 37.20 ? 56  ARG B NH2 1 
ATOM   1094 N N   . GLY B 1 57 ? -30.523 -19.487 13.920  1.00 13.76 ? 57  GLY B N   1 
ATOM   1095 C CA  . GLY B 1 57 ? -31.837 -20.070 13.713  1.00 15.09 ? 57  GLY B CA  1 
ATOM   1096 C C   . GLY B 1 57 ? -32.428 -19.721 12.357  1.00 18.51 ? 57  GLY B C   1 
ATOM   1097 O O   . GLY B 1 57 ? -33.464 -20.263 11.972  1.00 19.76 ? 57  GLY B O   1 
ATOM   1098 N N   . ILE B 1 58 ? -31.771 -18.815 11.633  1.00 22.14 ? 58  ILE B N   1 
ATOM   1099 C CA  . ILE B 1 58 ? -32.225 -18.377 10.310  1.00 23.27 ? 58  ILE B CA  1 
ATOM   1100 C C   . ILE B 1 58 ? -31.938 -19.423 9.232   1.00 26.66 ? 58  ILE B C   1 
ATOM   1101 O O   . ILE B 1 58 ? -30.803 -19.881 9.071   1.00 22.98 ? 58  ILE B O   1 
ATOM   1102 C CB  . ILE B 1 58 ? -31.531 -17.061 9.875   1.00 25.85 ? 58  ILE B CB  1 
ATOM   1103 C CG1 . ILE B 1 58 ? -31.979 -15.906 10.768  1.00 23.51 ? 58  ILE B CG1 1 
ATOM   1104 C CG2 . ILE B 1 58 ? -31.837 -16.759 8.407   1.00 25.04 ? 58  ILE B CG2 1 
ATOM   1105 C CD1 . ILE B 1 58 ? -30.989 -14.762 10.771  1.00 26.89 ? 58  ILE B CD1 1 
ATOM   1106 N N   . HIS B 1 59 ? -32.968 -19.783 8.481   1.00 29.63 ? 59  HIS B N   1 
ATOM   1107 C CA  . HIS B 1 59 ? -32.799 -20.760 7.423   1.00 31.61 ? 59  HIS B CA  1 
ATOM   1108 C C   . HIS B 1 59 ? -32.157 -20.114 6.204   1.00 28.47 ? 59  HIS B C   1 
ATOM   1109 O O   . HIS B 1 59 ? -32.559 -19.026 5.783   1.00 29.22 ? 59  HIS B O   1 
ATOM   1110 C CB  . HIS B 1 59 ? -34.147 -21.371 7.032   1.00 36.02 ? 59  HIS B CB  1 
ATOM   1111 C CG  . HIS B 1 59 ? -34.018 -22.619 6.219   1.00 42.16 ? 59  HIS B CG  1 
ATOM   1112 N ND1 . HIS B 1 59 ? -33.269 -23.700 6.632   1.00 43.08 ? 59  HIS B ND1 1 
ATOM   1113 C CD2 . HIS B 1 59 ? -34.497 -22.938 4.991   1.00 44.60 ? 59  HIS B CD2 1 
ATOM   1114 C CE1 . HIS B 1 59 ? -33.290 -24.631 5.693   1.00 45.02 ? 59  HIS B CE1 1 
ATOM   1115 N NE2 . HIS B 1 59 ? -34.026 -24.195 4.690   1.00 47.01 ? 59  HIS B NE2 1 
ATOM   1116 N N   . ASN B 1 60 ? -31.156 -20.792 5.648   1.00 26.19 ? 60  ASN B N   1 
ATOM   1117 C CA  . ASN B 1 60 ? -30.445 -20.307 4.468   1.00 25.76 ? 60  ASN B CA  1 
ATOM   1118 C C   . ASN B 1 60 ? -29.777 -18.975 4.725   1.00 20.81 ? 60  ASN B C   1 
ATOM   1119 O O   . ASN B 1 60 ? -29.770 -18.108 3.857   1.00 21.57 ? 60  ASN B O   1 
ATOM   1120 C CB  . ASN B 1 60 ? -31.407 -20.151 3.291   1.00 28.90 ? 60  ASN B CB  1 
ATOM   1121 C CG  . ASN B 1 60 ? -31.916 -21.477 2.781   1.00 35.56 ? 60  ASN B CG  1 
ATOM   1122 O OD1 . ASN B 1 60 ? -33.046 -21.570 2.291   1.00 39.42 ? 60  ASN B OD1 1 
ATOM   1123 N ND2 . ASN B 1 60 ? -31.089 -22.519 2.892   1.00 31.93 ? 60  ASN B ND2 1 
ATOM   1124 N N   . LEU B 1 61 ? -29.228 -18.807 5.922   1.00 20.22 ? 61  LEU B N   1 
ATOM   1125 C CA  . LEU B 1 61 ? -28.564 -17.562 6.266   1.00 17.45 ? 61  LEU B CA  1 
ATOM   1126 C C   . LEU B 1 61 ? -27.376 -17.340 5.347   1.00 16.63 ? 61  LEU B C   1 
ATOM   1127 O O   . LEU B 1 61 ? -26.557 -18.237 5.157   1.00 17.38 ? 61  LEU B O   1 
ATOM   1128 C CB  . LEU B 1 61 ? -28.070 -17.591 7.717   1.00 19.15 ? 61  LEU B CB  1 
ATOM   1129 C CG  . LEU B 1 61 ? -27.088 -16.476 8.099   1.00 17.88 ? 61  LEU B CG  1 
ATOM   1130 C CD1 . LEU B 1 61 ? -27.857 -15.215 8.459   1.00 19.09 ? 61  LEU B CD1 1 
ATOM   1131 C CD2 . LEU B 1 61 ? -26.227 -16.925 9.260   1.00 17.67 ? 61  LEU B CD2 1 
ATOM   1132 N N   . ASN B 1 62 ? -27.301 -16.148 4.770   1.00 13.60 ? 62  ASN B N   1 
ATOM   1133 C CA  . ASN B 1 62 ? -26.189 -15.787 3.907   1.00 15.47 ? 62  ASN B CA  1 
ATOM   1134 C C   . ASN B 1 62 ? -25.243 -14.985 4.796   1.00 13.84 ? 62  ASN B C   1 
ATOM   1135 O O   . ASN B 1 62 ? -25.526 -13.850 5.161   1.00 14.25 ? 62  ASN B O   1 
ATOM   1136 C CB  . ASN B 1 62 ? -26.673 -14.941 2.728   1.00 15.03 ? 62  ASN B CB  1 
ATOM   1137 C CG  . ASN B 1 62 ? -25.598 -14.738 1.685   1.00 18.86 ? 62  ASN B CG  1 
ATOM   1138 O OD1 . ASN B 1 62 ? -24.530 -14.213 1.977   1.00 19.91 ? 62  ASN B OD1 1 
ATOM   1139 N ND2 . ASN B 1 62 ? -25.876 -15.154 0.457   1.00 25.53 ? 62  ASN B ND2 1 
ATOM   1140 N N   . GLU B 1 63 ? -24.122 -15.600 5.148   1.00 15.20 ? 63  GLU B N   1 
ATOM   1141 C CA  . GLU B 1 63 ? -23.131 -14.983 6.019   1.00 16.92 ? 63  GLU B CA  1 
ATOM   1142 C C   . GLU B 1 63 ? -22.434 -13.747 5.456   1.00 16.06 ? 63  GLU B C   1 
ATOM   1143 O O   . GLU B 1 63 ? -22.176 -12.796 6.191   1.00 17.76 ? 63  GLU B O   1 
ATOM   1144 C CB  . GLU B 1 63 ? -22.073 -16.018 6.394   1.00 23.82 ? 63  GLU B CB  1 
ATOM   1145 C CG  . GLU B 1 63 ? -22.080 -16.442 7.843   1.00 33.08 ? 63  GLU B CG  1 
ATOM   1146 C CD  . GLU B 1 63 ? -21.199 -17.654 8.075   1.00 39.14 ? 63  GLU B CD  1 
ATOM   1147 O OE1 . GLU B 1 63 ? -21.532 -18.747 7.559   1.00 39.27 ? 63  GLU B OE1 1 
ATOM   1148 O OE2 . GLU B 1 63 ? -20.172 -17.512 8.768   1.00 42.83 ? 63  GLU B OE2 1 
ATOM   1149 N N   . ASP B 1 64 ? -22.100 -13.770 4.171   1.00 13.57 ? 64  ASP B N   1 
ATOM   1150 C CA  . ASP B 1 64 ? -21.427 -12.630 3.559   1.00 12.83 ? 64  ASP B CA  1 
ATOM   1151 C C   . ASP B 1 64 ? -22.300 -11.404 3.721   1.00 11.00 ? 64  ASP B C   1 
ATOM   1152 O O   . ASP B 1 64 ? -21.831 -10.352 4.134   1.00 12.53 ? 64  ASP B O   1 
ATOM   1153 C CB  . ASP B 1 64 ? -21.175 -12.880 2.072   1.00 17.56 ? 64  ASP B CB  1 
ATOM   1154 C CG  . ASP B 1 64 ? -20.212 -14.019 1.827   1.00 21.30 ? 64  ASP B CG  1 
ATOM   1155 O OD1 . ASP B 1 64 ? -19.223 -14.141 2.577   1.00 21.97 ? 64  ASP B OD1 1 
ATOM   1156 O OD2 . ASP B 1 64 ? -20.448 -14.794 0.879   1.00 26.42 ? 64  ASP B OD2 1 
ATOM   1157 N N   . ASN B 1 65 ? -23.575 -11.545 3.386   1.00 11.83 ? 65  ASN B N   1 
ATOM   1158 C CA  . ASN B 1 65 ? -24.513 -10.438 3.507   1.00 12.43 ? 65  ASN B CA  1 
ATOM   1159 C C   . ASN B 1 65 ? -24.598 -9.979  4.957   1.00 11.63 ? 65  ASN B C   1 
ATOM   1160 O O   . ASN B 1 65 ? -24.514 -8.787  5.243   1.00 13.47 ? 65  ASN B O   1 
ATOM   1161 C CB  . ASN B 1 65 ? -25.896 -10.865 3.019   1.00 15.64 ? 65  ASN B CB  1 
ATOM   1162 C CG  . ASN B 1 65 ? -25.981 -10.934 1.509   1.00 15.82 ? 65  ASN B CG  1 
ATOM   1163 O OD1 . ASN B 1 65 ? -24.963 -10.871 0.819   1.00 18.50 ? 65  ASN B OD1 1 
ATOM   1164 N ND2 . ASN B 1 65 ? -27.195 -11.062 0.988   1.00 14.60 ? 65  ASN B ND2 1 
ATOM   1165 N N   . ALA B 1 66 ? -24.757 -10.928 5.873   1.00 12.70 ? 66  ALA B N   1 
ATOM   1166 C CA  . ALA B 1 66 ? -24.843 -10.600 7.295   1.00 13.01 ? 66  ALA B CA  1 
ATOM   1167 C C   . ALA B 1 66 ? -23.630 -9.793  7.748   1.00 13.71 ? 66  ALA B C   1 
ATOM   1168 O O   . ALA B 1 66 ? -23.771 -8.758  8.401   1.00 13.41 ? 66  ALA B O   1 
ATOM   1169 C CB  . ALA B 1 66 ? -24.967 -11.880 8.126   1.00 13.10 ? 66  ALA B CB  1 
ATOM   1170 N N   . ARG B 1 67 ? -22.436 -10.261 7.400   1.00 12.08 ? 67  ARG B N   1 
ATOM   1171 C CA  . ARG B 1 67 ? -21.208 -9.568  7.778   1.00 13.63 ? 67  ARG B CA  1 
ATOM   1172 C C   . ARG B 1 67 ? -21.121 -8.187  7.132   1.00 14.83 ? 67  ARG B C   1 
ATOM   1173 O O   . ARG B 1 67 ? -20.396 -7.305  7.602   1.00 14.38 ? 67  ARG B O   1 
ATOM   1174 C CB  . ARG B 1 67 ? -19.994 -10.393 7.351   1.00 18.79 ? 67  ARG B CB  1 
ATOM   1175 C CG  . ARG B 1 67 ? -20.114 -11.863 7.665   1.00 25.91 ? 67  ARG B CG  1 
ATOM   1176 C CD  . ARG B 1 67 ? -18.887 -12.373 8.382   1.00 32.52 ? 67  ARG B CD  1 
ATOM   1177 N NE  . ARG B 1 67 ? -17.940 -12.980 7.456   1.00 38.92 ? 67  ARG B NE  1 
ATOM   1178 C CZ  . ARG B 1 67 ? -16.694 -13.303 7.774   1.00 42.06 ? 67  ARG B CZ  1 
ATOM   1179 N NH1 . ARG B 1 67 ? -16.235 -13.078 9.001   1.00 41.14 ? 67  ARG B NH1 1 
ATOM   1180 N NH2 . ARG B 1 67 ? -15.902 -13.844 6.859   1.00 44.69 ? 67  ARG B NH2 1 
ATOM   1181 N N   . SER B 1 68 ? -21.878 -8.004  6.059   1.00 14.57 ? 68  SER B N   1 
ATOM   1182 C CA  . SER B 1 68 ? -21.878 -6.752  5.316   1.00 15.51 ? 68  SER B CA  1 
ATOM   1183 C C   . SER B 1 68 ? -22.738 -5.653  5.918   1.00 16.06 ? 68  SER B C   1 
ATOM   1184 O O   . SER B 1 68 ? -22.499 -4.478  5.675   1.00 15.91 ? 68  SER B O   1 
ATOM   1185 C CB  . SER B 1 68 ? -22.364 -7.006  3.892   1.00 12.69 ? 68  SER B CB  1 
ATOM   1186 O OG  . SER B 1 68 ? -21.331 -6.760  2.958   1.00 27.19 ? 68  SER B OG  1 
ATOM   1187 N N   . ILE B 1 69 ? -23.736 -6.030  6.706   1.00 15.09 ? 69  ILE B N   1 
ATOM   1188 C CA  . ILE B 1 69 ? -24.651 -5.048  7.278   1.00 14.78 ? 69  ILE B CA  1 
ATOM   1189 C C   . ILE B 1 69 ? -24.017 -3.855  8.001   1.00 14.38 ? 69  ILE B C   1 
ATOM   1190 O O   . ILE B 1 69 ? -24.279 -2.708  7.645   1.00 15.52 ? 69  ILE B O   1 
ATOM   1191 C CB  . ILE B 1 69 ? -25.687 -5.733  8.225   1.00 13.98 ? 69  ILE B CB  1 
ATOM   1192 C CG1 . ILE B 1 69 ? -26.753 -6.463  7.395   1.00 9.85  ? 69  ILE B CG1 1 
ATOM   1193 C CG2 . ILE B 1 69 ? -26.368 -4.695  9.108   1.00 9.26  ? 69  ILE B CG2 1 
ATOM   1194 C CD1 . ILE B 1 69 ? -27.430 -7.612  8.127   1.00 9.84  ? 69  ILE B CD1 1 
ATOM   1195 N N   . PRO B 1 70 ? -23.166 -4.103  9.015   1.00 14.42 ? 70  PRO B N   1 
ATOM   1196 C CA  . PRO B 1 70 ? -22.584 -2.943  9.698   1.00 13.87 ? 70  PRO B CA  1 
ATOM   1197 C C   . PRO B 1 70 ? -21.951 -1.874  8.807   1.00 13.82 ? 70  PRO B C   1 
ATOM   1198 O O   . PRO B 1 70 ? -22.447 -0.751  8.752   1.00 15.18 ? 70  PRO B O   1 
ATOM   1199 C CB  . PRO B 1 70 ? -21.595 -3.563  10.694  1.00 11.08 ? 70  PRO B CB  1 
ATOM   1200 C CG  . PRO B 1 70 ? -22.115 -4.945  10.929  1.00 13.15 ? 70  PRO B CG  1 
ATOM   1201 C CD  . PRO B 1 70 ? -22.697 -5.374  9.595   1.00 12.97 ? 70  PRO B CD  1 
ATOM   1202 N N   . PRO B 1 71 ? -20.874 -2.206  8.073   1.00 14.99 ? 71  PRO B N   1 
ATOM   1203 C CA  . PRO B 1 71 ? -20.256 -1.181  7.224   1.00 15.78 ? 71  PRO B CA  1 
ATOM   1204 C C   . PRO B 1 71 ? -21.181 -0.539  6.179   1.00 18.47 ? 71  PRO B C   1 
ATOM   1205 O O   . PRO B 1 71 ? -21.137 0.674   5.975   1.00 20.71 ? 71  PRO B O   1 
ATOM   1206 C CB  . PRO B 1 71 ? -19.058 -1.903  6.592   1.00 12.44 ? 71  PRO B CB  1 
ATOM   1207 C CG  . PRO B 1 71 ? -19.398 -3.349  6.681   1.00 14.60 ? 71  PRO B CG  1 
ATOM   1208 C CD  . PRO B 1 71 ? -20.180 -3.501  7.956   1.00 15.49 ? 71  PRO B CD  1 
ATOM   1209 N N   . LYS B 1 72 ? -22.016 -1.334  5.520   1.00 16.40 ? 72  LYS B N   1 
ATOM   1210 C CA  . LYS B 1 72 ? -22.916 -0.779  4.519   1.00 15.72 ? 72  LYS B CA  1 
ATOM   1211 C C   . LYS B 1 72 ? -23.987 0.095   5.167   1.00 18.32 ? 72  LYS B C   1 
ATOM   1212 O O   . LYS B 1 72 ? -24.612 0.918   4.497   1.00 18.55 ? 72  LYS B O   1 
ATOM   1213 C CB  . LYS B 1 72 ? -23.572 -1.899  3.715   1.00 16.81 ? 72  LYS B CB  1 
ATOM   1214 C CG  . LYS B 1 72 ? -22.679 -2.474  2.644   1.00 16.53 ? 72  LYS B CG  1 
ATOM   1215 C CD  . LYS B 1 72 ? -23.371 -3.605  1.927   1.00 25.02 ? 72  LYS B CD  1 
ATOM   1216 C CE  . LYS B 1 72 ? -22.466 -4.235  0.880   1.00 31.67 ? 72  LYS B CE  1 
ATOM   1217 N NZ  . LYS B 1 72 ? -22.652 -5.715  0.811   1.00 36.38 ? 72  LYS B NZ  1 
ATOM   1218 N N   . CYS B 1 73 ? -24.189 -0.072  6.470   1.00 16.30 ? 73  CYS B N   1 
ATOM   1219 C CA  . CYS B 1 73 ? -25.188 0.712   7.181   1.00 15.61 ? 73  CYS B CA  1 
ATOM   1220 C C   . CYS B 1 73 ? -24.560 1.889   7.904   1.00 14.13 ? 73  CYS B C   1 
ATOM   1221 O O   . CYS B 1 73 ? -25.236 2.616   8.627   1.00 19.09 ? 73  CYS B O   1 
ATOM   1222 C CB  . CYS B 1 73 ? -25.927 -0.155  8.197   1.00 15.39 ? 73  CYS B CB  1 
ATOM   1223 S SG  . CYS B 1 73 ? -27.126 -1.305  7.465   1.00 13.63 ? 73  CYS B SG  1 
ATOM   1224 N N   . GLY B 1 74 ? -23.258 2.068   7.724   1.00 18.57 ? 74  GLY B N   1 
ATOM   1225 C CA  . GLY B 1 74 ? -22.581 3.174   8.371   1.00 17.55 ? 74  GLY B CA  1 
ATOM   1226 C C   . GLY B 1 74 ? -22.213 2.961   9.829   1.00 20.49 ? 74  GLY B C   1 
ATOM   1227 O O   . GLY B 1 74 ? -21.987 3.932   10.549  1.00 21.02 ? 74  GLY B O   1 
ATOM   1228 N N   . VAL B 1 75 ? -22.164 1.708   10.275  1.00 18.54 ? 75  VAL B N   1 
ATOM   1229 C CA  . VAL B 1 75 ? -21.781 1.403   11.652  1.00 18.87 ? 75  VAL B CA  1 
ATOM   1230 C C   . VAL B 1 75 ? -20.350 0.891   11.586  1.00 19.25 ? 75  VAL B C   1 
ATOM   1231 O O   . VAL B 1 75 ? -20.102 -0.223  11.128  1.00 20.04 ? 75  VAL B O   1 
ATOM   1232 C CB  . VAL B 1 75 ? -22.685 0.320   12.267  1.00 23.51 ? 75  VAL B CB  1 
ATOM   1233 C CG1 . VAL B 1 75 ? -22.399 0.191   13.747  1.00 22.44 ? 75  VAL B CG1 1 
ATOM   1234 C CG2 . VAL B 1 75 ? -24.148 0.679   12.044  1.00 24.14 ? 75  VAL B CG2 1 
ATOM   1235 N N   . ASN B 1 76 ? -19.409 1.709   12.044  1.00 17.82 ? 76  ASN B N   1 
ATOM   1236 C CA  . ASN B 1 76 ? -17.998 1.359   11.985  1.00 19.01 ? 76  ASN B CA  1 
ATOM   1237 C C   . ASN B 1 76 ? -17.455 0.621   13.194  1.00 19.03 ? 76  ASN B C   1 
ATOM   1238 O O   . ASN B 1 76 ? -16.991 1.240   14.144  1.00 20.58 ? 76  ASN B O   1 
ATOM   1239 C CB  . ASN B 1 76 ? -17.163 2.621   11.757  1.00 21.78 ? 76  ASN B CB  1 
ATOM   1240 C CG  . ASN B 1 76 ? -17.776 3.546   10.727  1.00 26.53 ? 76  ASN B CG  1 
ATOM   1241 O OD1 . ASN B 1 76 ? -17.794 3.237   9.530   1.00 27.54 ? 76  ASN B OD1 1 
ATOM   1242 N ND2 . ASN B 1 76 ? -18.289 4.686   11.184  1.00 25.00 ? 76  ASN B ND2 1 
ATOM   1243 N N   . LEU B 1 77 ? -17.502 -0.704  13.151  1.00 18.27 ? 77  LEU B N   1 
ATOM   1244 C CA  . LEU B 1 77 ? -16.992 -1.508  14.247  1.00 15.16 ? 77  LEU B CA  1 
ATOM   1245 C C   . LEU B 1 77 ? -15.516 -1.790  13.985  1.00 15.92 ? 77  LEU B C   1 
ATOM   1246 O O   . LEU B 1 77 ? -15.085 -1.834  12.839  1.00 17.55 ? 77  LEU B O   1 
ATOM   1247 C CB  . LEU B 1 77 ? -17.783 -2.816  14.338  1.00 14.98 ? 77  LEU B CB  1 
ATOM   1248 C CG  A LEU B 1 77 ? -19.311 -2.728  14.223  0.50 14.98 ? 77  LEU B CG  1 
ATOM   1249 C CG  B LEU B 1 77 ? -19.298 -2.639  14.488  0.50 13.14 ? 77  LEU B CG  1 
ATOM   1250 C CD1 A LEU B 1 77 ? -19.932 -4.057  14.624  0.50 16.14 ? 77  LEU B CD1 1 
ATOM   1251 C CD1 B LEU B 1 77 ? -20.022 -3.931  14.146  0.50 14.38 ? 77  LEU B CD1 1 
ATOM   1252 C CD2 A LEU B 1 77 ? -19.828 -1.613  15.109  0.50 15.18 ? 77  LEU B CD2 1 
ATOM   1253 C CD2 B LEU B 1 77 ? -19.604 -2.220  15.908  0.50 10.86 ? 77  LEU B CD2 1 
ATOM   1254 N N   . PRO B 1 78 ? -14.713 -1.954  15.045  1.00 17.95 ? 78  PRO B N   1 
ATOM   1255 C CA  . PRO B 1 78 ? -13.284 -2.230  14.846  1.00 18.66 ? 78  PRO B CA  1 
ATOM   1256 C C   . PRO B 1 78 ? -12.993 -3.690  14.497  1.00 18.60 ? 78  PRO B C   1 
ATOM   1257 O O   . PRO B 1 78 ? -11.841 -4.116  14.494  1.00 21.54 ? 78  PRO B O   1 
ATOM   1258 C CB  . PRO B 1 78 ? -12.653 -1.824  16.175  1.00 18.53 ? 78  PRO B CB  1 
ATOM   1259 C CG  . PRO B 1 78 ? -13.737 -2.025  17.179  1.00 16.33 ? 78  PRO B CG  1 
ATOM   1260 C CD  . PRO B 1 78 ? -15.066 -1.855  16.472  1.00 15.41 ? 78  PRO B CD  1 
ATOM   1261 N N   . TYR B 1 79 ? -14.039 -4.447  14.185  1.00 17.19 ? 79  TYR B N   1 
ATOM   1262 C CA  . TYR B 1 79 ? -13.895 -5.861  13.852  1.00 13.24 ? 79  TYR B CA  1 
ATOM   1263 C C   . TYR B 1 79 ? -14.978 -6.260  12.864  1.00 14.18 ? 79  TYR B C   1 
ATOM   1264 O O   . TYR B 1 79 ? -15.962 -5.547  12.696  1.00 18.32 ? 79  TYR B O   1 
ATOM   1265 C CB  . TYR B 1 79 ? -14.040 -6.709  15.119  1.00 12.64 ? 79  TYR B CB  1 
ATOM   1266 C CG  . TYR B 1 79 ? -15.298 -6.395  15.917  1.00 11.78 ? 79  TYR B CG  1 
ATOM   1267 C CD1 . TYR B 1 79 ? -16.550 -6.857  15.503  1.00 14.79 ? 79  TYR B CD1 1 
ATOM   1268 C CD2 . TYR B 1 79 ? -15.241 -5.605  17.059  1.00 10.67 ? 79  TYR B CD2 1 
ATOM   1269 C CE1 . TYR B 1 79 ? -17.708 -6.534  16.203  1.00 11.78 ? 79  TYR B CE1 1 
ATOM   1270 C CE2 . TYR B 1 79 ? -16.393 -5.276  17.769  1.00 11.26 ? 79  TYR B CE2 1 
ATOM   1271 C CZ  . TYR B 1 79 ? -17.624 -5.741  17.332  1.00 13.29 ? 79  TYR B CZ  1 
ATOM   1272 O OH  . TYR B 1 79 ? -18.772 -5.390  18.014  1.00 17.70 ? 79  TYR B OH  1 
ATOM   1273 N N   . THR B 1 80 ? -14.794 -7.397  12.207  1.00 18.28 ? 80  THR B N   1 
ATOM   1274 C CA  . THR B 1 80 ? -15.782 -7.899  11.258  1.00 18.62 ? 80  THR B CA  1 
ATOM   1275 C C   . THR B 1 80 ? -16.623 -8.913  12.034  1.00 18.72 ? 80  THR B C   1 
ATOM   1276 O O   . THR B 1 80 ? -16.084 -9.844  12.630  1.00 18.25 ? 80  THR B O   1 
ATOM   1277 C CB  . THR B 1 80 ? -15.095 -8.600  10.047  1.00 21.28 ? 80  THR B CB  1 
ATOM   1278 O OG1 . THR B 1 80 ? -14.290 -7.651  9.333   1.00 20.75 ? 80  THR B OG1 1 
ATOM   1279 C CG2 . THR B 1 80 ? -16.131 -9.177  9.094   1.00 17.03 ? 80  THR B CG2 1 
ATOM   1280 N N   . ILE B 1 81 ? -17.939 -8.733  12.051  1.00 17.02 ? 81  ILE B N   1 
ATOM   1281 C CA  . ILE B 1 81 ? -18.794 -9.666  12.780  1.00 16.61 ? 81  ILE B CA  1 
ATOM   1282 C C   . ILE B 1 81 ? -18.753 -11.057 12.147  1.00 18.57 ? 81  ILE B C   1 
ATOM   1283 O O   . ILE B 1 81 ? -18.350 -11.216 10.992  1.00 19.64 ? 81  ILE B O   1 
ATOM   1284 C CB  . ILE B 1 81 ? -20.275 -9.171  12.841  1.00 13.03 ? 81  ILE B CB  1 
ATOM   1285 C CG1 . ILE B 1 81 ? -20.894 -9.143  11.442  1.00 10.16 ? 81  ILE B CG1 1 
ATOM   1286 C CG2 . ILE B 1 81 ? -20.340 -7.781  13.463  1.00 13.58 ? 81  ILE B CG2 1 
ATOM   1287 C CD1 . ILE B 1 81 ? -22.383 -8.864  11.453  1.00 7.81  ? 81  ILE B CD1 1 
ATOM   1288 N N   . SER B 1 82 ? -19.154 -12.069 12.909  1.00 20.16 ? 82  SER B N   1 
ATOM   1289 C CA  . SER B 1 82 ? -19.171 -13.439 12.409  1.00 20.68 ? 82  SER B CA  1 
ATOM   1290 C C   . SER B 1 82 ? -19.944 -14.339 13.371  1.00 20.85 ? 82  SER B C   1 
ATOM   1291 O O   . SER B 1 82 ? -20.230 -13.948 14.503  1.00 17.04 ? 82  SER B O   1 
ATOM   1292 C CB  . SER B 1 82 ? -17.740 -13.958 12.226  1.00 19.12 ? 82  SER B CB  1 
ATOM   1293 O OG  . SER B 1 82 ? -17.121 -14.167 13.478  1.00 19.09 ? 82  SER B OG  1 
ATOM   1294 N N   . LEU B 1 83 ? -20.278 -15.543 12.915  1.00 21.76 ? 83  LEU B N   1 
ATOM   1295 C CA  . LEU B 1 83 ? -21.036 -16.491 13.726  1.00 20.93 ? 83  LEU B CA  1 
ATOM   1296 C C   . LEU B 1 83 ? -20.290 -16.987 14.950  1.00 20.14 ? 83  LEU B C   1 
ATOM   1297 O O   . LEU B 1 83 ? -20.911 -17.475 15.889  1.00 24.30 ? 83  LEU B O   1 
ATOM   1298 C CB  . LEU B 1 83 ? -21.463 -17.692 12.879  1.00 21.14 ? 83  LEU B CB  1 
ATOM   1299 C CG  . LEU B 1 83 ? -22.783 -17.521 12.126  1.00 22.26 ? 83  LEU B CG  1 
ATOM   1300 C CD1 . LEU B 1 83 ? -22.925 -18.627 11.103  1.00 25.75 ? 83  LEU B CD1 1 
ATOM   1301 C CD2 . LEU B 1 83 ? -23.944 -17.542 13.097  1.00 22.19 ? 83  LEU B CD2 1 
ATOM   1302 N N   . ASN B 1 84 ? -18.968 -16.865 14.940  1.00 21.09 ? 84  ASN B N   1 
ATOM   1303 C CA  . ASN B 1 84 ? -18.154 -17.314 16.069  1.00 23.19 ? 84  ASN B CA  1 
ATOM   1304 C C   . ASN B 1 84 ? -17.490 -16.159 16.798  1.00 21.64 ? 84  ASN B C   1 
ATOM   1305 O O   . ASN B 1 84 ? -16.493 -16.352 17.497  1.00 19.26 ? 84  ASN B O   1 
ATOM   1306 C CB  . ASN B 1 84 ? -17.062 -18.276 15.601  1.00 30.63 ? 84  ASN B CB  1 
ATOM   1307 C CG  . ASN B 1 84 ? -17.585 -19.350 14.688  1.00 35.51 ? 84  ASN B CG  1 
ATOM   1308 O OD1 . ASN B 1 84 ? -18.529 -20.069 15.027  1.00 43.23 ? 84  ASN B OD1 1 
ATOM   1309 N ND2 . ASN B 1 84 ? -16.975 -19.472 13.519  1.00 37.81 ? 84  ASN B ND2 1 
ATOM   1310 N N   . ILE B 1 85 ? -18.025 -14.958 16.621  1.00 20.78 ? 85  ILE B N   1 
ATOM   1311 C CA  . ILE B 1 85 ? -17.468 -13.786 17.282  1.00 18.47 ? 85  ILE B CA  1 
ATOM   1312 C C   . ILE B 1 85 ? -17.455 -14.027 18.792  1.00 17.27 ? 85  ILE B C   1 
ATOM   1313 O O   . ILE B 1 85 ? -18.403 -14.589 19.345  1.00 12.00 ? 85  ILE B O   1 
ATOM   1314 C CB  . ILE B 1 85 ? -18.311 -12.530 16.966  1.00 19.67 ? 85  ILE B CB  1 
ATOM   1315 C CG1 . ILE B 1 85 ? -17.683 -11.305 17.628  1.00 21.56 ? 85  ILE B CG1 1 
ATOM   1316 C CG2 . ILE B 1 85 ? -19.763 -12.730 17.435  1.00 16.56 ? 85  ILE B CG2 1 
ATOM   1317 C CD1 . ILE B 1 85 ? -17.175 -10.287 16.637  1.00 25.40 ? 85  ILE B CD1 1 
ATOM   1318 N N   . ASP B 1 86 ? -16.379 -13.615 19.454  1.00 17.12 ? 86  ASP B N   1 
ATOM   1319 C CA  . ASP B 1 86 ? -16.262 -13.780 20.901  1.00 17.93 ? 86  ASP B CA  1 
ATOM   1320 C C   . ASP B 1 86 ? -17.011 -12.639 21.593  1.00 18.87 ? 86  ASP B C   1 
ATOM   1321 O O   . ASP B 1 86 ? -16.481 -11.536 21.772  1.00 16.25 ? 86  ASP B O   1 
ATOM   1322 C CB  . ASP B 1 86 ? -14.787 -13.780 21.315  1.00 22.60 ? 86  ASP B CB  1 
ATOM   1323 C CG  . ASP B 1 86 ? -14.597 -14.016 22.801  1.00 22.03 ? 86  ASP B CG  1 
ATOM   1324 O OD1 . ASP B 1 86 ? -15.595 -13.979 23.549  1.00 24.00 ? 86  ASP B OD1 1 
ATOM   1325 O OD2 . ASP B 1 86 ? -13.445 -14.236 23.222  1.00 25.83 ? 86  ASP B OD2 1 
ATOM   1326 N N   . CYS B 1 87 ? -18.246 -12.925 21.994  1.00 17.60 ? 87  CYS B N   1 
ATOM   1327 C CA  . CYS B 1 87 ? -19.098 -11.929 22.626  1.00 17.81 ? 87  CYS B CA  1 
ATOM   1328 C C   . CYS B 1 87 ? -18.503 -11.262 23.839  1.00 19.41 ? 87  CYS B C   1 
ATOM   1329 O O   . CYS B 1 87 ? -18.891 -10.152 24.187  1.00 21.70 ? 87  CYS B O   1 
ATOM   1330 C CB  . CYS B 1 87 ? -20.443 -12.548 22.999  1.00 15.66 ? 87  CYS B CB  1 
ATOM   1331 S SG  . CYS B 1 87 ? -21.484 -12.884 21.551  1.00 17.13 ? 87  CYS B SG  1 
ATOM   1332 N N   . SER B 1 88 ? -17.560 -11.930 24.487  1.00 21.44 ? 88  SER B N   1 
ATOM   1333 C CA  . SER B 1 88 ? -16.939 -11.354 25.669  1.00 25.45 ? 88  SER B CA  1 
ATOM   1334 C C   . SER B 1 88 ? -15.953 -10.252 25.293  1.00 28.68 ? 88  SER B C   1 
ATOM   1335 O O   . SER B 1 88 ? -15.556 -9.452  26.139  1.00 32.15 ? 88  SER B O   1 
ATOM   1336 C CB  . SER B 1 88 ? -16.225 -12.443 26.479  1.00 22.53 ? 88  SER B CB  1 
ATOM   1337 O OG  . SER B 1 88 ? -14.920 -12.670 25.980  1.00 27.30 ? 88  SER B OG  1 
ATOM   1338 N N   . ARG B 1 89 ? -15.570 -10.205 24.018  1.00 30.92 ? 89  ARG B N   1 
ATOM   1339 C CA  . ARG B 1 89 ? -14.620 -9.202  23.538  1.00 32.08 ? 89  ARG B CA  1 
ATOM   1340 C C   . ARG B 1 89 ? -15.299 -8.030  22.820  1.00 31.16 ? 89  ARG B C   1 
ATOM   1341 O O   . ARG B 1 89 ? -14.630 -7.108  22.356  1.00 30.90 ? 89  ARG B O   1 
ATOM   1342 C CB  . ARG B 1 89 ? -13.605 -9.856  22.593  1.00 36.23 ? 89  ARG B CB  1 
ATOM   1343 C CG  . ARG B 1 89 ? -12.238 -10.126 23.223  1.00 46.65 ? 89  ARG B CG  1 
ATOM   1344 C CD  . ARG B 1 89 ? -12.203 -11.479 23.934  1.00 56.34 ? 89  ARG B CD  1 
ATOM   1345 N NE  . ARG B 1 89 ? -10.859 -11.868 24.372  1.00 62.89 ? 89  ARG B NE  1 
ATOM   1346 C CZ  . ARG B 1 89 ? -10.585 -12.434 25.547  1.00 66.60 ? 89  ARG B CZ  1 
ATOM   1347 N NH1 . ARG B 1 89 ? -11.560 -12.683 26.413  1.00 65.64 ? 89  ARG B NH1 1 
ATOM   1348 N NH2 . ARG B 1 89 ? -9.333  -12.752 25.860  1.00 66.90 ? 89  ARG B NH2 1 
ATOM   1349 N N   . VAL B 1 90 ? -16.626 -8.065  22.747  1.00 29.24 ? 90  VAL B N   1 
ATOM   1350 C CA  . VAL B 1 90 ? -17.402 -7.022  22.076  1.00 27.38 ? 90  VAL B CA  1 
ATOM   1351 C C   . VAL B 1 90 ? -17.519 -5.743  22.912  1.00 29.15 ? 90  VAL B C   1 
ATOM   1352 O O   . VAL B 1 90 ? -17.751 -4.667  22.317  1.00 29.69 ? 90  VAL B O   1 
ATOM   1353 C CB  . VAL B 1 90 ? -18.819 -7.558  21.711  1.00 24.17 ? 90  VAL B CB  1 
ATOM   1354 C CG1 . VAL B 1 90 ? -19.879 -6.488  21.922  1.00 50.01 ? 90  VAL B CG1 1 
ATOM   1355 C CG2 . VAL B 1 90 ? -18.822 -8.040  20.270  1.00 40.95 ? 90  VAL B CG2 1 
ATOM   1356 O OXT . VAL B 1 90 ? -17.372 -5.823  24.148  1.00 30.07 ? 90  VAL B OXT 1 
HETATM 1357 C C0A . LPC C 2 .  ? 40.365  18.249  -14.192 1.00 92.53 ? 91  LPC A C0A 1 
HETATM 1358 C C0B . LPC C 2 .  ? 41.603  19.256  -12.371 1.00 90.90 ? 91  LPC A C0B 1 
HETATM 1359 C C0C . LPC C 2 .  ? 42.515  17.321  -13.513 1.00 91.45 ? 91  LPC A C0C 1 
HETATM 1360 N N1  . LPC C 2 .  ? 41.240  17.951  -13.010 1.00 91.92 ? 91  LPC A N1  1 
HETATM 1361 C C2  . LPC C 2 .  ? 40.520  17.106  -12.023 1.00 88.75 ? 91  LPC A C2  1 
HETATM 1362 C C3  . LPC C 2 .  ? 40.590  15.582  -12.225 1.00 82.82 ? 91  LPC A C3  1 
HETATM 1363 O O4  . LPC C 2 .  ? 39.546  15.196  -13.129 1.00 79.02 ? 91  LPC A O4  1 
HETATM 1364 P P5  . LPC C 2 .  ? 39.938  14.335  -14.424 1.00 79.06 ? 91  LPC A P5  1 
HETATM 1365 O O5A . LPC C 2 .  ? 40.936  13.308  -14.043 1.00 78.45 ? 91  LPC A O5A 1 
HETATM 1366 O O5B . LPC C 2 .  ? 40.290  15.268  -15.517 1.00 80.02 ? 91  LPC A O5B 1 
HETATM 1367 O O6  . LPC C 2 .  ? 38.589  13.581  -14.839 1.00 72.74 ? 91  LPC A O6  1 
HETATM 1368 C C7  . LPC C 2 .  ? 37.705  13.044  -13.769 1.00 62.91 ? 91  LPC A C7  1 
HETATM 1369 C C8  . LPC C 2 .  ? 36.433  13.755  -13.617 1.00 56.91 ? 91  LPC A C8  1 
HETATM 1370 O O8  . LPC C 2 .  ? 36.036  14.088  -12.310 1.00 50.52 ? 91  LPC A O8  1 
HETATM 1371 C C9  . LPC C 2 .  ? 35.351  13.073  -14.279 1.00 53.89 ? 91  LPC A C9  1 
HETATM 1372 O OQ1 . LPC C 2 .  ? 33.098  12.700  -15.782 1.00 48.39 ? 91  LPC A OQ1 1 
HETATM 1373 O OQ2 . LPC C 2 .  ? 34.142  13.947  -14.365 1.00 50.15 ? 91  LPC A OQ2 1 
HETATM 1374 C CA  . LPC C 2 .  ? 33.120  13.484  -14.773 1.00 47.04 ? 91  LPC A CA  1 
HETATM 1375 C CB  . LPC C 2 .  ? 31.814  13.797  -14.182 1.00 42.36 ? 91  LPC A CB  1 
HETATM 1376 C CC  . LPC C 2 .  ? 31.697  13.597  -12.693 1.00 39.17 ? 91  LPC A CC  1 
HETATM 1377 C CD  . LPC C 2 .  ? 31.300  12.209  -12.274 1.00 36.18 ? 91  LPC A CD  1 
HETATM 1378 C CE  . LPC C 2 .  ? 30.265  12.170  -11.190 1.00 30.90 ? 91  LPC A CE  1 
HETATM 1379 C CF  . LPC C 2 .  ? 29.828  10.789  -10.805 1.00 27.40 ? 91  LPC A CF  1 
HETATM 1380 C CG  . LPC C 2 .  ? 28.701  10.745  -9.814  1.00 21.00 ? 91  LPC A CG  1 
HETATM 1381 C CH  . LPC C 2 .  ? 28.238  9.376   -9.440  1.00 19.03 ? 91  LPC A CH  1 
HETATM 1382 C CI  . LPC C 2 .  ? 27.114  9.333   -8.458  1.00 20.04 ? 91  LPC A CI  1 
HETATM 1383 C CJ  . LPC C 2 .  ? 26.041  8.348   -8.779  1.00 23.82 ? 91  LPC A CJ  1 
HETATM 1384 C CK  . LPC C 2 .  ? 25.539  7.546   -7.623  1.00 32.47 ? 91  LPC A CK  1 
HETATM 1385 C CL  . LPC C 2 .  ? 25.291  6.098   -7.912  1.00 34.37 ? 91  LPC A CL  1 
HETATM 1386 C CM  . LPC C 2 .  ? 25.943  5.140   -6.968  1.00 35.72 ? 91  LPC A CM  1 
HETATM 1387 C CN  . LPC C 2 .  ? 27.178  4.481   -7.508  1.00 36.93 ? 91  LPC A CN  1 
HETATM 1388 C C0A . LPC D 2 .  ? 6.454   4.925   -11.459 1.00 97.28 ? 92  LPC A C0A 1 
HETATM 1389 C C0B . LPC D 2 .  ? 7.355   2.692   -11.216 1.00 98.76 ? 92  LPC A C0B 1 
HETATM 1390 C C0C . LPC D 2 .  ? 7.816   4.355   -9.513  1.00 98.69 ? 92  LPC A C0C 1 
HETATM 1391 N N1  . LPC D 2 .  ? 7.648   4.141   -10.994 1.00 98.88 ? 92  LPC A N1  1 
HETATM 1392 C C2  . LPC D 2 .  ? 8.859   4.505   -11.743 1.00 97.61 ? 92  LPC A C2  1 
HETATM 1393 C C3  . LPC D 2 .  ? 9.336   5.953   -11.588 1.00 95.20 ? 92  LPC A C3  1 
HETATM 1394 O O4  . LPC D 2 .  ? 10.378  6.168   -12.551 1.00 92.71 ? 92  LPC A O4  1 
HETATM 1395 P P5  . LPC D 2 .  ? 11.901  6.075   -12.067 1.00 92.68 ? 92  LPC A P5  1 
HETATM 1396 O O5A . LPC D 2 .  ? 11.943  6.247   -10.595 1.00 91.76 ? 92  LPC A O5A 1 
HETATM 1397 O O5B . LPC D 2 .  ? 12.691  7.017   -12.898 1.00 93.78 ? 92  LPC A O5B 1 
HETATM 1398 O O6  . LPC D 2 .  ? 12.345  4.563   -12.416 1.00 84.45 ? 92  LPC A O6  1 
HETATM 1399 C C7  . LPC D 2 .  ? 13.619  4.318   -13.158 1.00 66.74 ? 92  LPC A C7  1 
HETATM 1400 C C8  . LPC D 2 .  ? 13.486  4.408   -14.611 1.00 56.19 ? 92  LPC A C8  1 
HETATM 1401 O O8  . LPC D 2 .  ? 12.722  3.419   -15.230 1.00 56.38 ? 92  LPC A O8  1 
HETATM 1402 C C9  . LPC D 2 .  ? 14.751  4.501   -15.295 1.00 50.06 ? 92  LPC A C9  1 
HETATM 1403 O OQ1 . LPC D 2 .  ? 16.600  6.340   -16.572 1.00 44.40 ? 92  LPC A OQ1 1 
HETATM 1404 O OQ2 . LPC D 2 .  ? 15.517  5.701   -14.842 1.00 45.00 ? 92  LPC A OQ2 1 
HETATM 1405 C CA  . LPC D 2 .  ? 16.556  5.951   -15.363 1.00 41.11 ? 92  LPC A CA  1 
HETATM 1406 C CB  . LPC D 2 .  ? 17.849  5.838   -14.675 1.00 36.48 ? 92  LPC A CB  1 
HETATM 1407 C CC  . LPC D 2 .  ? 18.847  4.887   -15.281 1.00 27.77 ? 92  LPC A CC  1 
HETATM 1408 C CD  . LPC D 2 .  ? 20.275  5.361   -15.249 1.00 23.52 ? 92  LPC A CD  1 
HETATM 1409 C CE  . LPC D 2 .  ? 21.038  4.985   -14.006 1.00 20.94 ? 92  LPC A CE  1 
HETATM 1410 C CF  . LPC D 2 .  ? 22.515  5.286   -14.054 1.00 24.75 ? 92  LPC A CF  1 
HETATM 1411 C CG  . LPC D 2 .  ? 23.216  5.287   -12.720 1.00 25.90 ? 92  LPC A CG  1 
HETATM 1412 C CH  . LPC D 2 .  ? 24.707  5.052   -12.741 1.00 28.90 ? 92  LPC A CH  1 
HETATM 1413 C CI  . LPC D 2 .  ? 25.594  6.190   -13.178 1.00 27.22 ? 92  LPC A CI  1 
HETATM 1414 C CJ  . LPC D 2 .  ? 27.054  5.850   -13.333 1.00 21.99 ? 92  LPC A CJ  1 
HETATM 1415 C CK  . LPC D 2 .  ? 28.021  6.971   -13.094 1.00 20.25 ? 92  LPC A CK  1 
HETATM 1416 C CL  . LPC D 2 .  ? 28.933  7.304   -14.233 1.00 17.29 ? 92  LPC A CL  1 
HETATM 1417 C CM  . LPC D 2 .  ? 30.070  8.225   -13.890 1.00 22.39 ? 92  LPC A CM  1 
HETATM 1418 C CN  . LPC D 2 .  ? 30.699  8.933   -15.058 1.00 22.38 ? 92  LPC A CN  1 
HETATM 1419 C C0A . LPC E 2 .  ? -19.920 3.569   14.894  1.00 81.11 ? 91  LPC B C0A 1 
HETATM 1420 C C0B . LPC E 2 .  ? -19.273 4.814   16.881  1.00 80.42 ? 91  LPC B C0B 1 
HETATM 1421 C C0C . LPC E 2 .  ? -17.674 4.365   15.108  1.00 81.18 ? 91  LPC B C0C 1 
HETATM 1422 N N1  . LPC E 2 .  ? -18.815 3.792   15.878  1.00 80.24 ? 91  LPC B N1  1 
HETATM 1423 C C2  . LPC E 2 .  ? -18.453 2.520   16.534  1.00 78.89 ? 91  LPC B C2  1 
HETATM 1424 C C3  . LPC E 2 .  ? -17.214 2.561   17.440  1.00 74.15 ? 91  LPC B C3  1 
HETATM 1425 O O4  . LPC E 2 .  ? -17.067 1.276   18.071  1.00 70.75 ? 91  LPC B O4  1 
HETATM 1426 P P5  . LPC E 2 .  ? -17.496 1.113   19.608  1.00 66.01 ? 91  LPC B P5  1 
HETATM 1427 O O5A . LPC E 2 .  ? -17.874 2.431   20.156  1.00 65.89 ? 91  LPC B O5A 1 
HETATM 1428 O O5B . LPC E 2 .  ? -16.436 0.351   20.307  1.00 67.02 ? 91  LPC B O5B 1 
HETATM 1429 O O6  . LPC E 2 .  ? -18.817 0.221   19.555  1.00 61.01 ? 91  LPC B O6  1 
HETATM 1430 C C7  . LPC E 2 .  ? -18.714 -1.205  19.124  1.00 51.09 ? 91  LPC B C7  1 
HETATM 1431 C C8  . LPC E 2 .  ? -19.101 -2.183  20.148  1.00 45.08 ? 91  LPC B C8  1 
HETATM 1432 O O8  . LPC E 2 .  ? -18.610 -3.493  20.020  1.00 38.59 ? 91  LPC B O8  1 
HETATM 1433 C C9  . LPC E 2 .  ? -20.534 -2.241  20.360  1.00 40.07 ? 91  LPC B C9  1 
HETATM 1434 O OQ1 . LPC E 2 .  ? -23.213 -2.425  18.676  1.00 36.13 ? 91  LPC B OQ1 1 
HETATM 1435 O OQ2 . LPC E 2 .  ? -21.216 -2.932  19.232  1.00 41.58 ? 91  LPC B OQ2 1 
HETATM 1436 C CA  . LPC E 2 .  ? -22.380 -3.149  19.306  1.00 37.48 ? 91  LPC B CA  1 
HETATM 1437 C CB  . LPC E 2 .  ? -22.945 -4.240  20.116  1.00 34.42 ? 91  LPC B CB  1 
HETATM 1438 C CC  . LPC E 2 .  ? -23.258 -5.511  19.372  1.00 32.20 ? 91  LPC B CC  1 
HETATM 1439 C CD  . LPC E 2 .  ? -22.066 -6.390  19.104  1.00 29.29 ? 91  LPC B CD  1 
HETATM 1440 C CE  . LPC E 2 .  ? -22.076 -7.036  17.750  1.00 25.96 ? 91  LPC B CE  1 
HETATM 1441 C CF  . LPC E 2 .  ? -22.241 -8.523  17.780  1.00 19.35 ? 91  LPC B CF  1 
HETATM 1442 C CG  . LPC E 2 .  ? -22.546 -9.127  16.454  1.00 19.52 ? 91  LPC B CG  1 
HETATM 1443 C CH  . LPC E 2 .  ? -22.917 -10.571 16.473  1.00 19.18 ? 91  LPC B CH  1 
HETATM 1444 C CI  . LPC E 2 .  ? -23.660 -11.024 15.259  1.00 20.10 ? 91  LPC B CI  1 
HETATM 1445 C CJ  . LPC E 2 .  ? -23.479 -12.457 14.878  1.00 17.21 ? 91  LPC B CJ  1 
HETATM 1446 C CK  . LPC E 2 .  ? -24.276 -12.893 13.693  1.00 20.66 ? 91  LPC B CK  1 
HETATM 1447 C CL  . LPC E 2 .  ? -23.809 -12.368 12.372  1.00 20.53 ? 91  LPC B CL  1 
HETATM 1448 C CM  . LPC E 2 .  ? -23.745 -13.380 11.277  1.00 23.46 ? 91  LPC B CM  1 
HETATM 1449 C CN  . LPC E 2 .  ? -22.405 -13.491 10.619  1.00 23.77 ? 91  LPC B CN  1 
HETATM 1450 C C0A . LPC F 2 .  ? -42.961 -14.980 7.225   1.00 97.40 ? 92  LPC B C0A 1 
HETATM 1451 C C0B . LPC F 2 .  ? -44.630 -16.653 7.775   1.00 97.38 ? 92  LPC B C0B 1 
HETATM 1452 C C0C . LPC F 2 .  ? -44.911 -14.379 8.572   1.00 98.11 ? 92  LPC B C0C 1 
HETATM 1453 N N1  . LPC F 2 .  ? -43.895 -15.458 8.304   1.00 98.47 ? 92  LPC B N1  1 
HETATM 1454 C C2  . LPC F 2 .  ? -43.168 -15.837 9.533   1.00 96.49 ? 92  LPC B C2  1 
HETATM 1455 C C3  . LPC F 2 .  ? -42.236 -14.770 10.135  1.00 93.45 ? 92  LPC B C3  1 
HETATM 1456 O O4  . LPC F 2 .  ? -41.516 -15.382 11.215  1.00 91.09 ? 92  LPC B O4  1 
HETATM 1457 P P5  . LPC F 2 .  ? -39.991 -14.970 11.435  1.00 88.68 ? 92  LPC B P5  1 
HETATM 1458 O O5A . LPC F 2 .  ? -39.954 -13.589 11.971  1.00 87.48 ? 92  LPC B O5A 1 
HETATM 1459 O O5B . LPC F 2 .  ? -39.250 -15.263 10.190  1.00 88.39 ? 92  LPC B O5B 1 
HETATM 1460 O O6  . LPC F 2 .  ? -39.472 -15.982 12.576  1.00 84.21 ? 92  LPC B O6  1 
HETATM 1461 C C7  . LPC F 2 .  ? -38.270 -15.624 13.399  1.00 73.78 ? 92  LPC B C7  1 
HETATM 1462 C C8  . LPC F 2 .  ? -37.111 -15.141 12.630  1.00 66.02 ? 92  LPC B C8  1 
HETATM 1463 O O8  . LPC F 2 .  ? -36.067 -16.043 12.381  1.00 66.83 ? 92  LPC B O8  1 
HETATM 1464 C C9  . LPC F 2 .  ? -36.564 -13.929 13.177  1.00 58.28 ? 92  LPC B C9  1 
HETATM 1465 O OQ1 . LPC F 2 .  ? -35.932 -11.228 12.740  1.00 43.23 ? 92  LPC B OQ1 1 
HETATM 1466 O OQ2 . LPC F 2 .  ? -35.662 -13.276 12.185  1.00 48.49 ? 92  LPC B OQ2 1 
HETATM 1467 C CA  . LPC F 2 .  ? -35.196 -12.223 12.450  1.00 41.59 ? 92  LPC B CA  1 
HETATM 1468 C CB  . LPC F 2 .  ? -33.767 -11.982 12.464  1.00 35.45 ? 92  LPC B CB  1 
HETATM 1469 C CC  . LPC F 2 .  ? -33.169 -11.543 11.172  1.00 28.38 ? 92  LPC B CC  1 
HETATM 1470 C CD  . LPC F 2 .  ? -32.039 -10.572 11.329  1.00 24.79 ? 92  LPC B CD  1 
HETATM 1471 C CE  . LPC F 2 .  ? -30.690 -11.195 11.557  1.00 22.78 ? 92  LPC B CE  1 
HETATM 1472 C CF  . LPC F 2 .  ? -29.549 -10.238 11.393  1.00 23.94 ? 92  LPC B CF  1 
HETATM 1473 C CG  . LPC F 2 .  ? -28.189 -10.784 11.724  1.00 23.33 ? 92  LPC B CG  1 
HETATM 1474 C CH  . LPC F 2 .  ? -27.053 -9.816  11.552  1.00 25.15 ? 92  LPC B CH  1 
HETATM 1475 C CI  . LPC F 2 .  ? -27.026 -8.653  12.501  1.00 24.36 ? 92  LPC B CI  1 
HETATM 1476 C CJ  . LPC F 2 .  ? -25.709 -7.955  12.610  1.00 25.57 ? 92  LPC B CJ  1 
HETATM 1477 C CK  . LPC F 2 .  ? -25.782 -6.524  13.025  1.00 21.99 ? 92  LPC B CK  1 
HETATM 1478 C CL  . LPC F 2 .  ? -24.746 -6.083  14.006  1.00 19.85 ? 92  LPC B CL  1 
HETATM 1479 C CM  . LPC F 2 .  ? -25.163 -4.943  14.878  1.00 22.57 ? 92  LPC B CM  1 
HETATM 1480 C CN  . LPC F 2 .  ? -24.051 -4.023  15.287  1.00 21.78 ? 92  LPC B CN  1 
HETATM 1481 O O   . HOH G 3 .  ? 32.265  21.502  -19.606 1.00 11.15 ? 93  HOH A O   1 
HETATM 1482 O O   . HOH G 3 .  ? 14.997  10.830  -8.792  1.00 13.04 ? 94  HOH A O   1 
HETATM 1483 O O   . HOH G 3 .  ? 18.162  3.551   -5.042  1.00 39.08 ? 95  HOH A O   1 
HETATM 1484 O O   . HOH G 3 .  ? 35.184  15.027  -17.568 1.00 32.20 ? 96  HOH A O   1 
HETATM 1485 O O   . HOH G 3 .  ? 30.019  13.419  1.334   0.50 16.09 ? 97  HOH A O   1 
HETATM 1486 O O   . HOH G 3 .  ? 27.413  16.248  -2.767  1.00 14.60 ? 98  HOH A O   1 
HETATM 1487 O O   . HOH G 3 .  ? 33.825  3.541   -8.964  1.00 18.05 ? 99  HOH A O   1 
HETATM 1488 O O   . HOH G 3 .  ? 22.565  10.150  -2.009  1.00 14.58 ? 100 HOH A O   1 
HETATM 1489 O O   . HOH G 3 .  ? 20.863  -5.847  -18.234 1.00 26.90 ? 101 HOH A O   1 
HETATM 1490 O O   . HOH G 3 .  ? 20.413  1.025   -25.843 1.00 29.24 ? 102 HOH A O   1 
HETATM 1491 O O   . HOH G 3 .  ? 18.980  -0.621  -19.696 0.70 22.10 ? 103 HOH A O   1 
HETATM 1492 O O   . HOH G 3 .  ? 21.220  -1.430  -22.980 1.00 38.37 ? 104 HOH A O   1 
HETATM 1493 O O   . HOH G 3 .  ? 36.003  4.938   -10.598 1.00 20.27 ? 105 HOH A O   1 
HETATM 1494 O O   . HOH G 3 .  ? 35.559  27.825  -8.552  0.70 30.38 ? 106 HOH A O   1 
HETATM 1495 O O   . HOH G 3 .  ? 17.405  1.657   -20.006 1.00 26.39 ? 107 HOH A O   1 
HETATM 1496 O O   . HOH G 3 .  ? 17.524  -5.753  -14.525 0.70 23.46 ? 108 HOH A O   1 
HETATM 1497 O O   . HOH G 3 .  ? 38.923  15.373  -8.470  0.50 22.78 ? 109 HOH A O   1 
HETATM 1498 O O   . HOH G 3 .  ? 15.440  7.774   -11.437 1.00 15.25 ? 110 HOH A O   1 
HETATM 1499 O O   . HOH G 3 .  ? 32.826  20.820  0.154   1.00 26.10 ? 111 HOH A O   1 
HETATM 1500 O O   . HOH G 3 .  ? 18.432  7.396   -23.815 1.00 28.47 ? 112 HOH A O   1 
HETATM 1501 O O   . HOH G 3 .  ? 33.550  0.310   -23.159 0.70 43.42 ? 113 HOH A O   1 
HETATM 1502 O O   . HOH G 3 .  ? 23.849  -2.202  -18.961 1.00 24.91 ? 114 HOH A O   1 
HETATM 1503 O O   . HOH G 3 .  ? 18.265  -7.853  -17.720 0.50 43.45 ? 115 HOH A O   1 
HETATM 1504 O O   . HOH G 3 .  ? 32.227  8.280   -3.729  1.00 40.56 ? 116 HOH A O   1 
HETATM 1505 O O   . HOH G 3 .  ? 29.769  19.771  0.096   0.70 22.09 ? 117 HOH A O   1 
HETATM 1506 O O   . HOH G 3 .  ? 32.220  2.995   -24.685 0.70 30.28 ? 118 HOH A O   1 
HETATM 1507 O O   . HOH G 3 .  ? 33.548  25.555  -13.933 0.70 27.86 ? 119 HOH A O   1 
HETATM 1508 O O   . HOH G 3 .  ? 39.139  7.381   -18.980 1.00 28.93 ? 120 HOH A O   1 
HETATM 1509 O O   . HOH G 3 .  ? 43.675  -3.990  -17.619 0.50 36.82 ? 121 HOH A O   1 
HETATM 1510 O O   . HOH G 3 .  ? 24.582  21.516  -9.560  1.00 19.31 ? 122 HOH A O   1 
HETATM 1511 O O   . HOH G 3 .  ? 35.623  8.721   -22.066 0.70 29.75 ? 123 HOH A O   1 
HETATM 1512 O O   . HOH G 3 .  ? 34.379  -0.409  -8.651  0.70 16.28 ? 124 HOH A O   1 
HETATM 1513 O O   . HOH G 3 .  ? 39.788  -0.896  -16.131 0.50 18.69 ? 125 HOH A O   1 
HETATM 1514 O O   . HOH G 3 .  ? 29.203  25.928  -7.354  0.50 29.41 ? 126 HOH A O   1 
HETATM 1515 O O   . HOH G 3 .  ? 12.469  11.021  -19.237 0.70 26.70 ? 127 HOH A O   1 
HETATM 1516 O O   . HOH G 3 .  ? 19.500  14.928  -24.468 1.00 29.80 ? 128 HOH A O   1 
HETATM 1517 O O   . HOH G 3 .  ? 28.998  27.936  -15.424 0.70 19.49 ? 129 HOH A O   1 
HETATM 1518 O O   . HOH G 3 .  ? 14.650  0.395   -3.905  1.00 42.99 ? 130 HOH A O   1 
HETATM 1519 O O   . HOH G 3 .  ? 17.531  1.054   -4.002  0.70 35.27 ? 131 HOH A O   1 
HETATM 1520 O O   . HOH G 3 .  ? 18.649  4.479   -2.703  0.70 21.80 ? 132 HOH A O   1 
HETATM 1521 O O   . HOH G 3 .  ? 37.935  15.091  -17.199 0.70 35.55 ? 133 HOH A O   1 
HETATM 1522 O O   . HOH G 3 .  ? 19.439  -11.591 -15.454 0.70 19.75 ? 134 HOH A O   1 
HETATM 1523 O O   . HOH G 3 .  ? 37.800  4.232   -12.578 1.00 31.42 ? 135 HOH A O   1 
HETATM 1524 O O   . HOH G 3 .  ? 38.711  18.376  -8.500  1.00 41.73 ? 136 HOH A O   1 
HETATM 1525 O O   . HOH G 3 .  ? 20.711  -12.614 -19.142 0.30 15.14 ? 137 HOH A O   1 
HETATM 1526 O O   . HOH G 3 .  ? 43.296  -0.460  -15.155 0.70 28.83 ? 138 HOH A O   1 
HETATM 1527 O O   . HOH G 3 .  ? 26.398  22.364  -19.618 1.00 40.68 ? 139 HOH A O   1 
HETATM 1528 O O   . HOH G 3 .  ? 41.066  -3.878  -16.623 0.70 27.24 ? 140 HOH A O   1 
HETATM 1529 O O   . HOH G 3 .  ? 40.937  1.857   -18.479 0.70 29.25 ? 141 HOH A O   1 
HETATM 1530 O O   . HOH G 3 .  ? 17.663  2.490   -0.319  0.70 36.04 ? 142 HOH A O   1 
HETATM 1531 O O   . HOH G 3 .  ? 36.146  -3.858  -11.432 0.70 41.38 ? 143 HOH A O   1 
HETATM 1532 O O   . HOH G 3 .  ? 38.945  -1.810  -10.319 0.70 31.71 ? 144 HOH A O   1 
HETATM 1533 O O   . HOH G 3 .  ? 27.232  -9.364  -16.411 0.70 20.81 ? 145 HOH A O   1 
HETATM 1534 O O   . HOH G 3 .  ? 21.350  -4.767  -21.137 0.70 30.16 ? 146 HOH A O   1 
HETATM 1535 O O   . HOH G 3 .  ? 27.042  23.505  -10.876 0.70 26.48 ? 147 HOH A O   1 
HETATM 1536 O O   . HOH G 3 .  ? 23.009  6.667   -24.408 1.00 29.53 ? 148 HOH A O   1 
HETATM 1537 O O   . HOH G 3 .  ? 34.791  24.167  1.041   0.70 30.80 ? 149 HOH A O   1 
HETATM 1538 O O   . HOH G 3 .  ? 26.461  18.703  -3.776  1.00 33.61 ? 150 HOH A O   1 
HETATM 1539 O O   . HOH G 3 .  ? 24.898  12.477  -0.735  1.00 35.87 ? 151 HOH A O   1 
HETATM 1540 O O   . HOH G 3 .  ? 27.664  -8.483  -14.113 0.50 49.35 ? 152 HOH A O   1 
HETATM 1541 O O   . HOH G 3 .  ? 30.259  13.239  -26.335 0.70 26.08 ? 153 HOH A O   1 
HETATM 1542 O O   . HOH G 3 .  ? 29.751  -7.238  -15.072 1.00 35.42 ? 154 HOH A O   1 
HETATM 1543 O O   . HOH G 3 .  ? 19.907  -10.931 -21.053 0.50 42.32 ? 155 HOH A O   1 
HETATM 1544 O O   . HOH G 3 .  ? 38.267  5.572   -21.844 0.70 31.24 ? 156 HOH A O   1 
HETATM 1545 O O   . HOH G 3 .  ? 40.613  8.707   -22.413 0.70 32.22 ? 157 HOH A O   1 
HETATM 1546 O O   . HOH G 3 .  ? 28.084  17.140  0.076   1.00 39.12 ? 158 HOH A O   1 
HETATM 1547 O O   . HOH G 3 .  ? 22.690  4.590   3.169   0.50 37.27 ? 159 HOH A O   1 
HETATM 1548 O O   . HOH G 3 .  ? 34.465  27.442  0.290   0.30 29.31 ? 160 HOH A O   1 
HETATM 1549 O O   . HOH G 3 .  ? 40.314  -1.946  -13.821 0.50 35.44 ? 161 HOH A O   1 
HETATM 1550 O O   . HOH G 3 .  ? 13.711  8.884   -17.992 0.50 20.42 ? 162 HOH A O   1 
HETATM 1551 O O   . HOH G 3 .  ? 39.796  5.727   -24.652 0.50 37.83 ? 163 HOH A O   1 
HETATM 1552 O O   . HOH G 3 .  ? 18.302  22.829  -20.751 0.50 22.35 ? 164 HOH A O   1 
HETATM 1553 O O   . HOH G 3 .  ? 13.295  3.406   -18.241 1.00 68.55 ? 165 HOH A O   1 
HETATM 1554 O O   . HOH H 3 .  ? -18.676 -6.867  9.901   1.00 14.05 ? 93  HOH B O   1 
HETATM 1555 O O   . HOH H 3 .  ? -33.861 -16.794 14.139  1.00 17.57 ? 94  HOH B O   1 
HETATM 1556 O O   . HOH H 3 .  ? -18.783 -15.631 22.616  1.00 14.03 ? 95  HOH B O   1 
HETATM 1557 O O   . HOH H 3 .  ? -34.326 -8.371  0.020   1.00 10.36 ? 96  HOH B O   1 
HETATM 1558 O O   . HOH H 3 .  ? -32.305 -19.158 17.137  1.00 17.10 ? 97  HOH B O   1 
HETATM 1559 O O   . HOH H 3 .  ? -17.169 -14.117 0.440   1.00 33.24 ? 98  HOH B O   1 
HETATM 1560 O O   . HOH H 3 .  ? -33.307 6.771   14.739  1.00 32.68 ? 99  HOH B O   1 
HETATM 1561 O O   . HOH H 3 .  ? -36.632 -4.035  4.853   1.00 25.27 ? 100 HOH B O   1 
HETATM 1562 O O   . HOH H 3 .  ? -22.041 -16.494 2.149   1.00 33.31 ? 101 HOH B O   1 
HETATM 1563 O O   . HOH H 3 .  ? -23.560 -17.956 3.417   0.70 24.18 ? 102 HOH B O   1 
HETATM 1564 O O   . HOH H 3 .  ? -18.930 -18.850 19.332  1.00 29.70 ? 103 HOH B O   1 
HETATM 1565 O O   . HOH H 3 .  ? -29.992 -9.443  25.357  1.00 26.00 ? 104 HOH B O   1 
HETATM 1566 O O   . HOH H 3 .  ? -37.713 -12.968 18.912  0.70 28.07 ? 105 HOH B O   1 
HETATM 1567 O O   . HOH H 3 .  ? -20.669 -15.675 24.537  1.00 30.66 ? 106 HOH B O   1 
HETATM 1568 O O   . HOH H 3 .  ? -15.763 -9.988  29.475  0.70 31.49 ? 107 HOH B O   1 
HETATM 1569 O O   . HOH H 3 .  ? -25.981 0.478   27.776  1.00 32.88 ? 108 HOH B O   1 
HETATM 1570 O O   . HOH H 3 .  ? -25.596 -12.605 27.754  1.00 14.20 ? 109 HOH B O   1 
HETATM 1571 O O   . HOH H 3 .  ? -22.652 -15.000 -0.679  0.70 34.88 ? 110 HOH B O   1 
HETATM 1572 O O   . HOH H 3 .  ? -35.459 1.443   14.569  1.00 35.94 ? 111 HOH B O   1 
HETATM 1573 O O   . HOH H 3 .  ? -17.675 -4.753  10.828  1.00 19.40 ? 112 HOH B O   1 
HETATM 1574 O O   . HOH H 3 .  ? -28.189 -19.973 10.642  1.00 34.81 ? 113 HOH B O   1 
HETATM 1575 O O   . HOH H 3 .  ? -32.691 -5.219  2.260   1.00 28.73 ? 114 HOH B O   1 
HETATM 1576 O O   . HOH H 3 .  ? -16.038 -1.329  27.853  0.70 29.44 ? 115 HOH B O   1 
HETATM 1577 O O   . HOH H 3 .  ? -36.221 -1.637  12.891  1.00 31.99 ? 116 HOH B O   1 
HETATM 1578 O O   . HOH H 3 .  ? -12.236 -8.907  13.088  1.00 19.53 ? 117 HOH B O   1 
HETATM 1579 O O   . HOH H 3 .  ? -36.411 -21.104 1.827   0.70 26.37 ? 118 HOH B O   1 
HETATM 1580 O O   . HOH H 3 .  ? -33.047 -6.274  4.535   1.00 33.66 ? 119 HOH B O   1 
HETATM 1581 O O   . HOH H 3 .  ? -41.216 -1.889  21.491  0.50 36.39 ? 120 HOH B O   1 
HETATM 1582 O O   . HOH H 3 .  ? -22.018 -8.721  0.809   1.00 31.11 ? 121 HOH B O   1 
HETATM 1583 O O   . HOH H 3 .  ? -21.346 -7.248  -1.137  0.70 21.39 ? 122 HOH B O   1 
HETATM 1584 O O   . HOH H 3 .  ? -17.991 -2.154  10.403  1.00 18.73 ? 123 HOH B O   1 
HETATM 1585 O O   . HOH H 3 .  ? -27.445 -11.846 -2.074  1.00 32.74 ? 124 HOH B O   1 
HETATM 1586 O O   . HOH H 3 .  ? -39.630 -4.907  13.506  1.00 33.03 ? 125 HOH B O   1 
HETATM 1587 O O   . HOH H 3 .  ? -34.654 -23.053 9.889   0.70 32.76 ? 126 HOH B O   1 
HETATM 1588 O O   . HOH H 3 .  ? -21.146 -25.192 14.263  0.70 46.79 ? 127 HOH B O   1 
HETATM 1589 O O   . HOH H 3 .  ? -19.780 -15.575 10.040  1.00 23.79 ? 128 HOH B O   1 
HETATM 1590 O O   . HOH H 3 .  ? -27.931 -5.273  -3.150  1.00 33.48 ? 129 HOH B O   1 
HETATM 1591 O O   . HOH H 3 .  ? -21.722 -20.011 16.562  1.00 35.69 ? 130 HOH B O   1 
HETATM 1592 O O   . HOH H 3 .  ? -4.613  -7.700  14.985  0.50 40.43 ? 131 HOH B O   1 
HETATM 1593 O O   . HOH H 3 .  ? -36.781 -8.409  5.362   1.00 29.44 ? 132 HOH B O   1 
HETATM 1594 O O   . HOH H 3 .  ? -39.804 -10.081 19.386  0.70 41.23 ? 133 HOH B O   1 
HETATM 1595 O O   . HOH H 3 .  ? -11.603 -14.937 21.305  1.00 43.09 ? 134 HOH B O   1 
HETATM 1596 O O   . HOH H 3 .  ? -29.597 1.232   3.288   1.00 20.85 ? 135 HOH B O   1 
HETATM 1597 O O   . HOH H 3 .  ? -28.692 -17.862 1.545   1.00 31.20 ? 136 HOH B O   1 
HETATM 1598 O O   . HOH H 3 .  ? -29.806 3.566   5.210   1.00 35.31 ? 137 HOH B O   1 
HETATM 1599 O O   . HOH H 3 .  ? -29.809 5.867   16.340  0.70 19.46 ? 138 HOH B O   1 
HETATM 1600 O O   . HOH H 3 .  ? -27.458 -0.433  0.617   0.70 30.54 ? 139 HOH B O   1 
HETATM 1601 O O   . HOH H 3 .  ? -36.672 0.235   4.095   0.70 26.71 ? 140 HOH B O   1 
HETATM 1602 O O   . HOH H 3 .  ? -36.394 -14.186 2.652   1.00 39.26 ? 141 HOH B O   1 
HETATM 1603 O O   . HOH H 3 .  ? -24.025 -9.829  29.949  1.00 41.60 ? 142 HOH B O   1 
HETATM 1604 O O   . HOH H 3 .  ? -18.477 -14.521 5.235   0.70 24.70 ? 143 HOH B O   1 
HETATM 1605 O O   . HOH H 3 .  ? -40.590 5.174   7.463   0.70 29.14 ? 144 HOH B O   1 
HETATM 1606 O O   . HOH H 3 .  ? -34.939 -13.299 0.466   0.70 24.61 ? 145 HOH B O   1 
HETATM 1607 O O   . HOH H 3 .  ? -25.386 6.179   22.463  0.70 33.77 ? 146 HOH B O   1 
HETATM 1608 O O   . HOH H 3 .  ? -10.346 -4.887  11.692  0.70 31.72 ? 147 HOH B O   1 
HETATM 1609 O O   . HOH H 3 .  ? -37.133 -2.082  26.065  0.70 39.04 ? 148 HOH B O   1 
HETATM 1610 O O   . HOH H 3 .  ? -29.318 1.865   26.703  1.00 30.15 ? 149 HOH B O   1 
HETATM 1611 O O   . HOH H 3 .  ? -22.289 -6.855  35.016  0.50 35.53 ? 150 HOH B O   1 
HETATM 1612 O O   . HOH H 3 .  ? -15.739 -5.862  8.055   1.00 29.01 ? 151 HOH B O   1 
HETATM 1613 O O   . HOH H 3 .  ? -13.892 -15.480 11.981  0.70 33.35 ? 152 HOH B O   1 
HETATM 1614 O O   . HOH H 3 .  ? -31.183 -22.972 10.881  0.70 24.27 ? 153 HOH B O   1 
HETATM 1615 O O   . HOH H 3 .  ? -21.471 6.913   23.022  0.70 39.98 ? 154 HOH B O   1 
HETATM 1616 O O   . HOH H 3 .  ? -17.474 -1.179  31.891  0.70 34.46 ? 155 HOH B O   1 
HETATM 1617 O O   . HOH H 3 .  ? -28.372 -22.963 1.940   0.50 18.34 ? 156 HOH B O   1 
HETATM 1618 O O   . HOH H 3 .  ? -27.853 -14.455 -2.949  0.50 25.57 ? 157 HOH B O   1 
HETATM 1619 O O   . HOH H 3 .  ? -22.484 0.105   21.201  1.00 27.14 ? 158 HOH B O   1 
HETATM 1620 O O   . HOH H 3 .  ? -7.367  -5.653  18.750  0.30 22.18 ? 159 HOH B O   1 
HETATM 1621 O O   . HOH H 3 .  ? -9.659  -7.692  20.655  0.50 37.86 ? 160 HOH B O   1 
HETATM 1622 O O   . HOH H 3 .  ? -31.422 7.538   6.836   0.50 20.76 ? 161 HOH B O   1 
HETATM 1623 O O   . HOH H 3 .  ? -18.206 -19.103 8.491   0.30 17.17 ? 162 HOH B O   1 
HETATM 1624 O O   . HOH H 3 .  ? -24.997 9.604   21.925  1.00 64.68 ? 163 HOH B O   1 
HETATM 1625 O O   . HOH H 3 .  ? -4.280  -5.145  13.569  0.50 27.04 ? 164 HOH B O   1 
# 
